data_5NUR
#
_entry.id   5NUR
#
_cell.length_a   190.550
_cell.length_b   179.660
_cell.length_c   133.390
_cell.angle_alpha   90.00
_cell.angle_beta   116.55
_cell.angle_gamma   90.00
#
_symmetry.space_group_name_H-M   'C 1 2 1'
#
loop_
_entity.id
_entity.type
_entity.pdbx_description
1 polymer 'Outer membrane protein F'
2 polymer 'ABC transporter permease'
3 branched '3-deoxy-alpha-D-manno-oct-2-ulopyranosonic acid-(2-4)-3-deoxy-alpha-D-manno-oct-2-ulopyranosonic acid-(2-6)-2-amino-2-deoxy-4-O-phosphono-beta-D-glucopyranose-(1-6)-2-amino-2-deoxy-1-O-phosphono-alpha-D-glucopyranose'
4 branched '3-deoxy-alpha-D-manno-oct-2-ulopyranosonic acid-(3-4)-3-deoxy-alpha-D-manno-oct-2-ulopyranosonic acid-(2-6)-2-amino-2-deoxy-4-O-phosphono-beta-D-glucopyranose-(1-6)-2-amino-2-deoxy-1-O-phosphono-alpha-D-glucopyranose'
5 branched '3-deoxy-alpha-D-manno-oct-2-ulopyranosonic acid-(3-6)-2-amino-2-deoxy-4-O-phosphono-beta-D-glucopyranose-(1-6)-2-amino-2-deoxy-1-O-phosphono-alpha-D-glucopyranose'
6 non-polymer 'CALCIUM ION'
7 non-polymer 'SULFATE ION'
8 non-polymer (HYDROXYETHYLOXY)TRI(ETHYLOXY)OCTANE
#
loop_
_entity_poly.entity_id
_entity_poly.type
_entity_poly.pdbx_seq_one_letter_code
_entity_poly.pdbx_strand_id
1 'polypeptide(L)'
;AEIYNKDGNKVDLYGKAVGLHYFSKGNGENSYGGNGDMTYARLGFKGETQINSDLTGYGQWEYNFQGNNSEGADAQTGNK
TRLAFAGLKYADVGSFDYGRNYGVVYDALGYTDMLPEFGGDTAYSDDFFVGRVGGVATYRNSNFFGLVDGLNFAVQYLGK
NERDTARRSNGDGVGGSISYEYEGFGIVGAYGAADRTNLQEAQPLGNGKKAEQWATGLKYDANNIYLAANYGETRNATPI
TNKFTNTSGFANKTQDVLLVAQYQFDFGLRPSIAYTKSKAKDVEGIGDVDLVNYFEVGATYYFNKNMSTYVDYIINQIDS
DNKLGVGSDDTVAVGIVYQF
;
C,A,E
2 'polypeptide(L)'
;CASSSSGDRPQGRSDPLEGFNRTMFNFNFNVVDPYVLRPVAVAWRDYVPQPARNGLSNFTSNLEEPAVMVNYFLQGDPYK
GMVHFTRFFLNTILGMGGLIDVAGMANPQLQRVEPHRFGSTLGHYGVGYGPYVQLPFYGSFTLRDEGGDMADGLYPVLSW
LTWPMSIGKWAVEGIETRAQLLDSDGLLRQSSDPYILMREAYFQRHDFIANGGKLTPADNPNAQAIQDELKDIDSQ
;
D,B,F
#
# COMPACT_ATOMS: atom_id res chain seq x y z
N ALA A 1 3.24 -1.80 -14.64
CA ALA A 1 4.58 -1.30 -14.90
C ALA A 1 5.63 -2.24 -14.31
N GLU A 2 6.35 -2.97 -15.18
CA GLU A 2 7.41 -3.86 -14.74
C GLU A 2 8.54 -3.07 -14.11
N ILE A 3 8.59 -3.05 -12.77
CA ILE A 3 9.56 -2.25 -12.03
C ILE A 3 10.71 -3.10 -11.50
N TYR A 4 10.78 -4.36 -11.92
CA TYR A 4 11.90 -5.20 -11.53
C TYR A 4 11.93 -6.39 -12.48
N ASN A 5 13.12 -6.69 -13.00
CA ASN A 5 13.30 -7.91 -13.80
C ASN A 5 14.78 -8.28 -13.70
N LYS A 6 15.09 -9.13 -12.74
CA LYS A 6 16.44 -9.52 -12.40
C LYS A 6 16.39 -10.94 -11.86
N ASP A 7 17.26 -11.80 -12.38
CA ASP A 7 17.37 -13.20 -11.94
C ASP A 7 16.06 -13.95 -12.17
N GLY A 8 15.52 -13.82 -13.38
CA GLY A 8 14.33 -14.57 -13.72
C GLY A 8 13.13 -14.31 -12.82
N ASN A 9 13.01 -13.10 -12.27
CA ASN A 9 11.87 -12.69 -11.49
C ASN A 9 11.49 -11.27 -11.89
N LYS A 10 10.30 -11.10 -12.48
CA LYS A 10 9.75 -9.80 -12.82
C LYS A 10 8.58 -9.46 -11.89
N VAL A 11 8.57 -8.23 -11.38
CA VAL A 11 7.59 -7.77 -10.42
C VAL A 11 6.92 -6.54 -11.00
N ASP A 12 5.71 -6.73 -11.49
CA ASP A 12 4.85 -5.66 -11.96
C ASP A 12 4.13 -5.02 -10.78
N LEU A 13 4.36 -3.73 -10.56
CA LEU A 13 3.63 -2.92 -9.59
C LEU A 13 2.72 -2.01 -10.39
N TYR A 14 1.41 -2.13 -10.17
CA TYR A 14 0.41 -1.44 -10.97
C TYR A 14 -0.56 -0.67 -10.07
N GLY A 15 -1.33 0.22 -10.67
CA GLY A 15 -2.29 1.00 -9.92
C GLY A 15 -3.11 1.89 -10.84
N LYS A 16 -4.04 2.63 -10.23
CA LYS A 16 -4.81 3.62 -10.97
C LYS A 16 -5.40 4.62 -9.99
N ALA A 17 -5.76 5.80 -10.51
CA ALA A 17 -6.42 6.83 -9.75
C ALA A 17 -7.58 7.28 -10.61
N VAL A 18 -8.79 6.95 -10.18
CA VAL A 18 -10.01 7.16 -10.93
C VAL A 18 -10.79 8.23 -10.22
N GLY A 19 -10.91 9.40 -10.84
CA GLY A 19 -11.76 10.46 -10.37
C GLY A 19 -13.15 10.17 -10.85
N LEU A 20 -14.05 9.69 -9.98
CA LEU A 20 -15.41 9.31 -10.38
C LEU A 20 -16.46 10.21 -9.76
N HIS A 21 -17.60 10.33 -10.45
CA HIS A 21 -18.73 11.05 -9.91
C HIS A 21 -20.01 10.55 -10.55
N TYR A 22 -21.01 10.23 -9.73
CA TYR A 22 -22.28 9.70 -10.19
C TYR A 22 -23.33 10.81 -10.15
N PHE A 23 -24.31 10.71 -11.05
CA PHE A 23 -25.41 11.66 -11.04
C PHE A 23 -26.68 10.82 -11.09
N SER A 24 -27.53 10.97 -10.06
CA SER A 24 -28.83 10.31 -9.97
C SER A 24 -29.81 11.24 -9.29
N LYS A 25 -31.09 11.00 -9.54
CA LYS A 25 -32.13 11.90 -9.05
C LYS A 25 -32.07 12.04 -7.54
N GLY A 26 -32.34 13.25 -7.05
CA GLY A 26 -32.39 13.45 -5.61
C GLY A 26 -31.09 13.09 -4.89
N ASN A 27 -31.23 12.59 -3.66
CA ASN A 27 -30.08 12.13 -2.88
C ASN A 27 -29.61 10.78 -3.34
N GLY A 28 -30.24 10.24 -4.37
CA GLY A 28 -29.77 9.01 -4.96
C GLY A 28 -29.98 7.74 -4.18
N GLU A 29 -30.90 7.74 -3.18
CA GLU A 29 -31.22 6.52 -2.42
C GLU A 29 -31.97 5.50 -3.28
N ASN A 30 -32.80 6.00 -4.21
CA ASN A 30 -33.56 5.23 -5.18
C ASN A 30 -32.85 5.02 -6.50
N SER A 31 -31.54 5.12 -6.51
CA SER A 31 -30.83 5.12 -7.76
C SER A 31 -30.43 3.72 -8.15
N TYR A 32 -29.90 3.59 -9.36
CA TYR A 32 -29.19 2.36 -9.70
C TYR A 32 -27.85 2.34 -9.01
N GLY A 33 -27.11 3.43 -9.10
CA GLY A 33 -25.75 3.45 -8.61
C GLY A 33 -25.41 4.48 -7.55
N GLY A 34 -26.31 5.42 -7.26
CA GLY A 34 -26.09 6.32 -6.15
C GLY A 34 -25.86 7.71 -6.67
N ASN A 35 -25.51 8.63 -5.78
CA ASN A 35 -25.35 10.02 -6.21
C ASN A 35 -24.24 10.71 -5.44
N GLY A 36 -23.30 11.35 -6.14
CA GLY A 36 -22.19 12.07 -5.51
C GLY A 36 -20.79 11.56 -5.85
N ASP A 37 -19.79 11.93 -5.04
CA ASP A 37 -18.40 11.57 -5.32
C ASP A 37 -18.15 10.05 -5.21
N MET A 38 -17.41 9.50 -6.19
CA MET A 38 -17.12 8.06 -6.22
C MET A 38 -15.65 7.76 -6.44
N THR A 39 -14.79 8.77 -6.23
CA THR A 39 -13.33 8.67 -6.43
C THR A 39 -12.72 7.49 -5.68
N TYR A 40 -11.92 6.70 -6.38
CA TYR A 40 -11.20 5.62 -5.72
C TYR A 40 -9.88 5.37 -6.46
N ALA A 41 -9.04 4.52 -5.86
CA ALA A 41 -7.73 4.21 -6.43
C ALA A 41 -7.39 2.75 -6.13
N ARG A 42 -6.58 2.16 -6.99
CA ARG A 42 -6.15 0.79 -6.81
C ARG A 42 -4.63 0.70 -6.84
N LEU A 43 -4.11 -0.35 -6.22
CA LEU A 43 -2.67 -0.58 -6.12
C LEU A 43 -2.44 -2.08 -5.97
N GLY A 44 -1.56 -2.62 -6.79
CA GLY A 44 -1.31 -4.05 -6.67
C GLY A 44 0.06 -4.42 -7.20
N PHE A 45 0.45 -5.66 -6.96
CA PHE A 45 1.57 -6.22 -7.68
C PHE A 45 1.15 -7.53 -8.29
N LYS A 46 1.72 -7.83 -9.45
CA LYS A 46 1.70 -9.17 -10.03
C LYS A 46 3.15 -9.67 -10.05
N GLY A 47 3.37 -10.87 -9.53
CA GLY A 47 4.71 -11.42 -9.49
C GLY A 47 4.89 -12.57 -10.45
N GLU A 48 6.14 -12.91 -10.74
CA GLU A 48 6.41 -13.97 -11.71
C GLU A 48 7.87 -14.41 -11.64
N THR A 49 8.11 -15.68 -11.33
CA THR A 49 9.47 -16.18 -11.20
C THR A 49 9.65 -17.40 -12.10
N GLN A 50 10.70 -17.36 -12.93
CA GLN A 50 11.07 -18.46 -13.80
C GLN A 50 11.91 -19.45 -13.01
N ILE A 51 11.29 -20.56 -12.60
CA ILE A 51 12.04 -21.57 -11.86
C ILE A 51 12.90 -22.39 -12.81
N ASN A 52 12.30 -22.89 -13.88
CA ASN A 52 13.03 -23.52 -14.97
C ASN A 52 12.12 -23.56 -16.19
N SER A 53 12.44 -24.42 -17.15
CA SER A 53 11.70 -24.41 -18.41
C SER A 53 10.22 -24.66 -18.21
N ASP A 54 9.87 -25.55 -17.26
CA ASP A 54 8.49 -26.00 -17.00
C ASP A 54 7.80 -25.26 -15.87
N LEU A 55 8.42 -25.19 -14.71
CA LEU A 55 7.81 -24.55 -13.56
C LEU A 55 8.05 -23.05 -13.62
N THR A 56 6.97 -22.30 -13.50
CA THR A 56 7.02 -20.89 -13.17
C THR A 56 6.10 -20.62 -11.98
N GLY A 57 6.54 -19.75 -11.08
CA GLY A 57 5.76 -19.39 -9.91
C GLY A 57 5.27 -17.97 -10.03
N TYR A 58 4.06 -17.72 -9.54
CA TYR A 58 3.46 -16.39 -9.61
C TYR A 58 2.77 -16.04 -8.31
N GLY A 59 2.60 -14.74 -8.10
CA GLY A 59 1.81 -14.24 -6.99
C GLY A 59 1.22 -12.86 -7.23
N GLN A 60 -0.05 -12.65 -6.86
CA GLN A 60 -0.74 -11.39 -7.10
C GLN A 60 -1.50 -10.92 -5.86
N TRP A 61 -1.47 -9.61 -5.62
CA TRP A 61 -2.21 -8.94 -4.54
C TRP A 61 -2.70 -7.60 -5.02
N GLU A 62 -3.99 -7.32 -4.81
CA GLU A 62 -4.61 -6.09 -5.32
C GLU A 62 -5.55 -5.51 -4.28
N TYR A 63 -5.44 -4.22 -4.01
CA TYR A 63 -6.23 -3.56 -2.98
C TYR A 63 -6.95 -2.40 -3.62
N ASN A 64 -8.01 -1.96 -2.94
CA ASN A 64 -8.85 -0.86 -3.41
C ASN A 64 -8.93 0.20 -2.32
N PHE A 65 -8.27 1.34 -2.53
CA PHE A 65 -8.40 2.47 -1.62
C PHE A 65 -9.48 3.41 -2.14
N GLN A 66 -10.37 3.82 -1.25
CA GLN A 66 -11.44 4.74 -1.64
C GLN A 66 -10.99 6.15 -1.36
N GLY A 67 -11.40 7.07 -2.21
CA GLY A 67 -10.99 8.44 -1.96
C GLY A 67 -12.14 9.39 -1.74
N ASN A 68 -13.35 8.82 -1.73
CA ASN A 68 -14.60 9.55 -1.46
C ASN A 68 -14.97 9.55 -0.01
N ASN A 69 -14.10 9.00 0.85
CA ASN A 69 -14.25 8.94 2.28
C ASN A 69 -13.61 10.17 2.89
N SER A 70 -13.95 10.43 4.15
CA SER A 70 -13.32 11.50 4.90
C SER A 70 -11.98 11.03 5.47
N GLU A 71 -11.24 11.97 6.05
CA GLU A 71 -10.03 11.61 6.75
C GLU A 71 -10.29 11.37 8.22
N GLY A 72 -11.54 11.41 8.62
CA GLY A 72 -11.90 11.23 9.99
C GLY A 72 -12.44 9.83 10.18
N ALA A 73 -13.57 9.77 10.91
CA ALA A 73 -14.09 8.52 11.47
C ALA A 73 -14.35 7.44 10.42
N ASP A 74 -14.77 7.81 9.20
CA ASP A 74 -15.18 6.79 8.26
C ASP A 74 -14.10 6.39 7.28
N ALA A 75 -12.83 6.58 7.64
CA ALA A 75 -11.78 6.61 6.65
C ALA A 75 -11.66 5.31 5.85
N GLN A 76 -11.96 4.16 6.43
CA GLN A 76 -11.69 2.89 5.73
C GLN A 76 -12.89 2.32 4.97
N THR A 77 -14.01 3.01 4.94
CA THR A 77 -15.21 2.48 4.31
C THR A 77 -14.89 1.95 2.93
N GLY A 78 -15.19 0.71 2.71
CA GLY A 78 -15.09 0.24 1.35
C GLY A 78 -13.72 -0.07 0.86
N ASN A 79 -12.69 0.18 1.67
CA ASN A 79 -11.31 -0.29 1.42
C ASN A 79 -11.24 -1.80 1.56
N LYS A 80 -10.63 -2.48 0.59
CA LYS A 80 -10.65 -3.91 0.69
C LYS A 80 -9.48 -4.49 -0.11
N THR A 81 -9.12 -5.73 0.20
CA THR A 81 -8.16 -6.47 -0.60
C THR A 81 -8.98 -7.24 -1.62
N ARG A 82 -8.78 -6.93 -2.88
CA ARG A 82 -9.55 -7.60 -3.90
C ARG A 82 -8.96 -8.97 -4.24
N LEU A 83 -7.64 -9.10 -4.32
CA LEU A 83 -7.03 -10.39 -4.66
C LEU A 83 -5.84 -10.67 -3.76
N ALA A 84 -5.57 -11.97 -3.54
CA ALA A 84 -4.31 -12.40 -2.91
C ALA A 84 -4.14 -13.89 -3.17
N PHE A 85 -3.28 -14.25 -4.12
CA PHE A 85 -3.05 -15.67 -4.40
C PHE A 85 -1.63 -15.91 -4.87
N ALA A 86 -1.25 -17.19 -4.82
CA ALA A 86 0.02 -17.69 -5.30
C ALA A 86 -0.24 -18.97 -6.08
N GLY A 87 0.74 -19.40 -6.86
CA GLY A 87 0.50 -20.57 -7.70
C GLY A 87 1.73 -21.06 -8.45
N LEU A 88 1.48 -22.02 -9.33
CA LEU A 88 2.51 -22.72 -10.08
C LEU A 88 1.93 -22.98 -11.47
N LYS A 89 2.68 -22.70 -12.53
CA LYS A 89 2.19 -22.95 -13.88
C LYS A 89 3.11 -24.00 -14.48
N TYR A 90 2.57 -25.16 -14.84
CA TYR A 90 3.40 -26.24 -15.35
C TYR A 90 3.33 -26.29 -16.87
N ALA A 91 4.50 -26.23 -17.53
CA ALA A 91 4.68 -26.41 -18.97
C ALA A 91 3.39 -26.56 -19.77
N ASP A 92 2.86 -27.78 -19.85
CA ASP A 92 1.62 -28.07 -20.56
C ASP A 92 0.54 -28.69 -19.71
N VAL A 93 0.84 -29.02 -18.45
CA VAL A 93 -0.10 -29.77 -17.65
C VAL A 93 -0.78 -28.77 -16.72
N GLY A 94 -0.95 -27.55 -17.20
CA GLY A 94 -1.91 -26.64 -16.59
C GLY A 94 -1.30 -25.73 -15.55
N SER A 95 -2.18 -25.16 -14.73
CA SER A 95 -1.80 -24.18 -13.73
C SER A 95 -2.69 -24.29 -12.50
N PHE A 96 -2.09 -24.18 -11.31
CA PHE A 96 -2.79 -24.37 -10.04
C PHE A 96 -2.38 -23.28 -9.05
N ASP A 97 -3.37 -22.56 -8.53
CA ASP A 97 -3.18 -21.41 -7.64
C ASP A 97 -4.25 -21.35 -6.55
N TYR A 98 -3.81 -21.12 -5.31
CA TYR A 98 -4.70 -21.02 -4.15
C TYR A 98 -4.64 -19.65 -3.46
N GLY A 99 -5.81 -19.10 -3.13
CA GLY A 99 -5.93 -17.87 -2.35
C GLY A 99 -7.31 -17.25 -2.53
N ARG A 100 -7.35 -15.92 -2.42
CA ARG A 100 -8.51 -15.11 -2.80
C ARG A 100 -8.43 -14.74 -4.28
N ASN A 101 -9.38 -15.22 -5.06
CA ASN A 101 -9.27 -15.18 -6.52
C ASN A 101 -10.69 -15.13 -7.09
N TYR A 102 -10.80 -15.09 -8.40
CA TYR A 102 -12.12 -15.02 -9.01
C TYR A 102 -12.74 -16.41 -8.98
N GLY A 103 -14.06 -16.46 -8.77
CA GLY A 103 -14.77 -17.72 -8.85
C GLY A 103 -14.78 -18.26 -10.27
N VAL A 104 -15.07 -19.55 -10.41
CA VAL A 104 -14.96 -20.12 -11.75
C VAL A 104 -16.11 -19.67 -12.64
N VAL A 105 -17.29 -19.40 -12.08
CA VAL A 105 -18.39 -18.99 -12.96
C VAL A 105 -18.17 -17.60 -13.54
N TYR A 106 -17.18 -16.85 -13.06
CA TYR A 106 -16.78 -15.62 -13.76
C TYR A 106 -16.18 -15.90 -15.12
N ASP A 107 -15.63 -17.11 -15.34
CA ASP A 107 -15.13 -17.47 -16.67
C ASP A 107 -16.17 -17.25 -17.76
N ALA A 108 -17.45 -17.40 -17.42
CA ALA A 108 -18.52 -17.05 -18.34
C ALA A 108 -19.00 -15.61 -18.14
N LEU A 109 -19.13 -15.16 -16.90
CA LEU A 109 -19.79 -13.87 -16.70
C LEU A 109 -18.95 -12.70 -17.19
N GLY A 110 -17.63 -12.86 -17.20
CA GLY A 110 -16.78 -11.80 -17.72
C GLY A 110 -17.12 -11.37 -19.13
N TYR A 111 -17.59 -12.31 -19.96
CA TYR A 111 -17.94 -12.00 -21.34
C TYR A 111 -18.71 -10.69 -21.49
N THR A 112 -19.74 -10.48 -20.68
CA THR A 112 -20.57 -9.30 -20.81
C THR A 112 -20.24 -8.25 -19.75
N ASP A 113 -19.03 -8.31 -19.17
CA ASP A 113 -18.69 -7.40 -18.10
C ASP A 113 -17.75 -6.34 -18.63
N MET A 114 -18.19 -5.66 -19.68
CA MET A 114 -17.32 -4.79 -20.48
C MET A 114 -17.68 -3.33 -20.39
N LEU A 115 -18.64 -2.96 -19.58
CA LEU A 115 -19.13 -1.60 -19.63
C LEU A 115 -18.13 -0.68 -18.97
N PRO A 116 -18.20 0.63 -19.22
CA PRO A 116 -17.21 1.54 -18.61
C PRO A 116 -17.29 1.60 -17.09
N GLU A 117 -18.50 1.55 -16.54
CA GLU A 117 -18.61 1.70 -15.11
C GLU A 117 -19.54 0.67 -14.50
N PHE A 118 -20.59 0.31 -15.22
CA PHE A 118 -21.60 -0.60 -14.70
C PHE A 118 -21.52 -1.95 -15.43
N GLY A 119 -22.65 -2.65 -15.50
CA GLY A 119 -22.67 -4.01 -16.04
C GLY A 119 -22.10 -5.05 -15.08
N GLY A 120 -22.06 -6.28 -15.56
CA GLY A 120 -21.63 -7.41 -14.76
C GLY A 120 -22.40 -7.58 -13.48
N ASP A 121 -23.71 -7.31 -13.50
CA ASP A 121 -24.43 -7.20 -12.24
C ASP A 121 -24.50 -8.54 -11.51
N THR A 122 -24.43 -9.67 -12.24
CA THR A 122 -24.51 -10.99 -11.63
C THR A 122 -23.18 -11.49 -11.05
N ALA A 123 -22.09 -10.74 -11.21
CA ALA A 123 -20.80 -11.15 -10.66
C ALA A 123 -20.55 -10.52 -9.29
N TYR A 124 -21.40 -10.89 -8.33
CA TYR A 124 -21.29 -10.39 -6.97
C TYR A 124 -19.98 -10.81 -6.30
N SER A 125 -19.32 -9.88 -5.61
CA SER A 125 -18.16 -10.28 -4.81
C SER A 125 -18.62 -11.02 -3.56
N ASP A 126 -17.87 -12.05 -3.18
CA ASP A 126 -18.15 -12.86 -2.00
C ASP A 126 -19.51 -13.58 -2.11
N ASP A 127 -19.73 -14.24 -3.24
CA ASP A 127 -21.02 -14.89 -3.52
C ASP A 127 -20.75 -16.23 -4.20
N PHE A 128 -20.04 -17.11 -3.51
CA PHE A 128 -19.71 -18.43 -4.05
C PHE A 128 -18.82 -18.31 -5.30
N PHE A 129 -19.35 -18.63 -6.48
CA PHE A 129 -18.51 -18.86 -7.64
C PHE A 129 -18.50 -17.75 -8.69
N VAL A 130 -19.24 -16.66 -8.51
CA VAL A 130 -19.38 -15.63 -9.55
C VAL A 130 -18.69 -14.29 -9.22
N GLY A 131 -17.39 -14.30 -9.04
CA GLY A 131 -16.71 -13.10 -8.60
C GLY A 131 -15.66 -13.43 -7.57
N ARG A 132 -15.04 -12.42 -6.98
CA ARG A 132 -13.92 -12.70 -6.11
C ARG A 132 -14.39 -13.34 -4.81
N VAL A 133 -13.50 -14.10 -4.18
CA VAL A 133 -13.95 -14.94 -3.07
C VAL A 133 -12.74 -15.56 -2.37
N GLY A 134 -12.82 -15.73 -1.05
CA GLY A 134 -11.67 -16.22 -0.32
C GLY A 134 -11.53 -17.74 -0.37
N GLY A 135 -10.31 -18.21 -0.14
CA GLY A 135 -10.02 -19.63 -0.10
C GLY A 135 -10.50 -20.45 -1.28
N VAL A 136 -10.02 -20.19 -2.48
CA VAL A 136 -10.37 -21.01 -3.64
C VAL A 136 -9.11 -21.61 -4.22
N ALA A 137 -9.10 -22.94 -4.34
CA ALA A 137 -8.10 -23.61 -5.14
C ALA A 137 -8.61 -23.74 -6.57
N THR A 138 -7.81 -23.26 -7.52
CA THR A 138 -8.20 -23.20 -8.93
C THR A 138 -7.16 -23.91 -9.78
N TYR A 139 -7.59 -24.88 -10.57
CA TYR A 139 -6.73 -25.50 -11.56
C TYR A 139 -7.26 -25.14 -12.92
N ARG A 140 -6.40 -24.58 -13.77
CA ARG A 140 -6.80 -24.21 -15.12
C ARG A 140 -5.81 -24.81 -16.10
N ASN A 141 -6.29 -25.09 -17.31
CA ASN A 141 -5.47 -25.76 -18.31
C ASN A 141 -5.92 -25.31 -19.69
N SER A 142 -5.02 -24.61 -20.39
CA SER A 142 -5.33 -23.98 -21.66
C SER A 142 -4.78 -24.79 -22.82
N ASN A 143 -5.54 -24.84 -23.90
CA ASN A 143 -5.16 -25.57 -25.10
C ASN A 143 -5.00 -27.07 -24.83
N PHE A 144 -5.78 -27.56 -23.85
CA PHE A 144 -5.99 -28.96 -23.47
C PHE A 144 -4.67 -29.74 -23.44
N PHE A 145 -3.77 -29.39 -22.51
CA PHE A 145 -2.47 -30.04 -22.37
C PHE A 145 -1.64 -29.93 -23.64
N GLY A 146 -1.79 -28.81 -24.35
CA GLY A 146 -1.15 -28.55 -25.63
C GLY A 146 -1.81 -29.18 -26.84
N LEU A 147 -2.86 -29.99 -26.65
CA LEU A 147 -3.39 -30.82 -27.73
C LEU A 147 -4.47 -30.14 -28.57
N VAL A 148 -5.31 -29.28 -27.98
CA VAL A 148 -6.46 -28.70 -28.68
C VAL A 148 -6.42 -27.19 -28.49
N ASP A 149 -5.99 -26.47 -29.51
CA ASP A 149 -5.84 -25.03 -29.39
C ASP A 149 -7.19 -24.35 -29.28
N GLY A 150 -7.26 -23.36 -28.38
CA GLY A 150 -8.45 -22.58 -28.17
C GLY A 150 -9.35 -23.10 -27.08
N LEU A 151 -9.13 -24.33 -26.64
CA LEU A 151 -10.01 -25.03 -25.71
C LEU A 151 -9.40 -24.97 -24.32
N ASN A 152 -10.09 -24.30 -23.40
CA ASN A 152 -9.63 -24.18 -22.02
C ASN A 152 -10.67 -24.70 -21.03
N PHE A 153 -10.20 -25.39 -20.00
CA PHE A 153 -11.04 -25.80 -18.90
C PHE A 153 -10.39 -25.38 -17.59
N ALA A 154 -11.23 -25.19 -16.58
CA ALA A 154 -10.75 -24.89 -15.25
C ALA A 154 -11.70 -25.53 -14.25
N VAL A 155 -11.15 -25.98 -13.13
CA VAL A 155 -11.92 -26.67 -12.11
C VAL A 155 -11.44 -26.21 -10.74
N GLN A 156 -12.38 -25.95 -9.83
CA GLN A 156 -12.08 -25.18 -8.63
C GLN A 156 -12.85 -25.69 -7.41
N TYR A 157 -12.13 -25.78 -6.28
CA TYR A 157 -12.67 -26.16 -4.98
C TYR A 157 -12.76 -24.92 -4.09
N LEU A 158 -13.90 -24.76 -3.41
CA LEU A 158 -14.22 -23.60 -2.59
C LEU A 158 -14.18 -24.02 -1.12
N GLY A 159 -13.21 -23.51 -0.37
CA GLY A 159 -13.19 -23.79 1.06
C GLY A 159 -14.24 -22.93 1.77
N LYS A 160 -14.94 -23.55 2.73
CA LYS A 160 -16.02 -22.84 3.40
C LYS A 160 -15.44 -21.66 4.18
N ASN A 161 -16.06 -20.51 3.99
CA ASN A 161 -15.75 -19.31 4.76
C ASN A 161 -16.98 -19.03 5.60
N GLU A 162 -16.90 -19.29 6.89
CA GLU A 162 -18.05 -19.06 7.77
C GLU A 162 -17.87 -17.72 8.48
N ARG A 163 -18.35 -16.65 7.83
CA ARG A 163 -18.17 -15.28 8.32
C ARG A 163 -19.36 -14.81 9.16
N ASP A 164 -19.24 -13.57 9.66
CA ASP A 164 -20.22 -13.06 10.60
C ASP A 164 -21.52 -12.73 9.92
N THR A 165 -21.49 -12.42 8.64
CA THR A 165 -22.69 -12.11 7.89
C THR A 165 -23.02 -13.26 6.95
N ALA A 166 -24.30 -13.61 6.89
CA ALA A 166 -24.73 -14.62 5.93
C ALA A 166 -24.44 -14.17 4.50
N ARG A 167 -24.38 -12.85 4.27
CA ARG A 167 -24.13 -12.32 2.92
C ARG A 167 -22.80 -12.82 2.36
N ARG A 168 -21.82 -13.01 3.23
CA ARG A 168 -20.44 -13.22 2.81
C ARG A 168 -19.93 -14.62 3.11
N SER A 169 -20.81 -15.59 3.32
CA SER A 169 -20.38 -16.89 3.79
C SER A 169 -20.70 -17.97 2.78
N ASN A 170 -19.99 -19.09 2.89
CA ASN A 170 -20.26 -20.21 2.00
C ASN A 170 -19.75 -21.48 2.64
N GLY A 171 -20.37 -22.58 2.30
CA GLY A 171 -19.86 -23.89 2.63
C GLY A 171 -18.88 -24.33 1.57
N ASP A 172 -18.49 -25.60 1.68
CA ASP A 172 -17.51 -26.14 0.77
C ASP A 172 -18.18 -26.41 -0.57
N GLY A 173 -17.48 -26.10 -1.65
CA GLY A 173 -18.03 -26.30 -2.97
C GLY A 173 -16.97 -26.69 -3.97
N VAL A 174 -17.42 -27.18 -5.11
CA VAL A 174 -16.57 -27.53 -6.22
C VAL A 174 -17.22 -26.97 -7.48
N GLY A 175 -16.43 -26.72 -8.51
CA GLY A 175 -16.99 -26.16 -9.74
C GLY A 175 -15.97 -26.06 -10.87
N GLY A 176 -16.50 -25.92 -12.09
CA GLY A 176 -15.65 -25.85 -13.27
C GLY A 176 -16.20 -25.01 -14.41
N SER A 177 -15.35 -24.79 -15.42
CA SER A 177 -15.77 -24.07 -16.61
C SER A 177 -15.04 -24.62 -17.83
N ILE A 178 -15.61 -24.40 -19.01
CA ILE A 178 -14.99 -24.75 -20.28
C ILE A 178 -15.23 -23.59 -21.25
N SER A 179 -14.22 -23.26 -22.06
CA SER A 179 -14.36 -22.22 -23.09
C SER A 179 -13.68 -22.64 -24.37
N TYR A 180 -14.33 -22.37 -25.51
CA TYR A 180 -13.72 -22.48 -26.82
C TYR A 180 -13.72 -21.14 -27.52
N GLU A 181 -12.56 -20.73 -28.03
CA GLU A 181 -12.40 -19.53 -28.83
C GLU A 181 -11.76 -19.89 -30.15
N TYR A 182 -12.39 -19.52 -31.25
CA TYR A 182 -11.91 -19.89 -32.59
C TYR A 182 -12.18 -18.73 -33.56
N GLU A 183 -11.13 -17.96 -33.84
CA GLU A 183 -11.18 -16.86 -34.79
C GLU A 183 -12.28 -15.86 -34.42
N GLY A 184 -12.11 -15.23 -33.24
CA GLY A 184 -12.92 -14.13 -32.83
C GLY A 184 -14.21 -14.49 -32.12
N PHE A 185 -14.69 -15.69 -32.28
CA PHE A 185 -15.86 -16.13 -31.53
C PHE A 185 -15.40 -16.76 -30.23
N GLY A 186 -16.30 -16.79 -29.26
CA GLY A 186 -15.98 -17.38 -27.98
C GLY A 186 -17.24 -17.91 -27.33
N ILE A 187 -17.29 -19.22 -27.09
CA ILE A 187 -18.37 -19.85 -26.36
C ILE A 187 -17.80 -20.33 -25.01
N VAL A 188 -18.65 -20.36 -23.98
CA VAL A 188 -18.16 -20.68 -22.65
C VAL A 188 -19.30 -21.23 -21.80
N GLY A 189 -18.95 -22.10 -20.85
CA GLY A 189 -19.91 -22.63 -19.90
C GLY A 189 -19.26 -22.91 -18.56
N ALA A 190 -19.90 -22.44 -17.49
CA ALA A 190 -19.34 -22.55 -16.14
C ALA A 190 -20.47 -22.90 -15.18
N TYR A 191 -20.16 -23.71 -14.17
CA TYR A 191 -21.12 -24.18 -13.18
C TYR A 191 -20.43 -24.51 -11.86
N GLY A 192 -21.01 -24.05 -10.76
CA GLY A 192 -20.49 -24.36 -9.45
C GLY A 192 -21.65 -24.70 -8.52
N ALA A 193 -21.32 -25.46 -7.49
CA ALA A 193 -22.29 -25.88 -6.49
C ALA A 193 -21.58 -25.98 -5.16
N ALA A 194 -22.30 -25.69 -4.08
CA ALA A 194 -21.63 -25.60 -2.79
C ALA A 194 -22.63 -25.76 -1.66
N ASP A 195 -22.16 -26.37 -0.57
CA ASP A 195 -22.92 -26.36 0.68
C ASP A 195 -23.13 -24.92 1.14
N ARG A 196 -24.28 -24.65 1.73
CA ARG A 196 -24.57 -23.38 2.40
C ARG A 196 -24.24 -23.48 3.88
N THR A 197 -23.80 -22.36 4.47
CA THR A 197 -23.53 -22.38 5.90
C THR A 197 -24.84 -22.31 6.69
N ASN A 198 -24.76 -22.72 7.95
CA ASN A 198 -25.96 -22.68 8.80
C ASN A 198 -26.58 -21.29 8.86
N LEU A 199 -25.77 -20.24 8.87
CA LEU A 199 -26.36 -18.92 9.05
C LEU A 199 -27.11 -18.50 7.82
N GLN A 200 -26.66 -18.94 6.64
CA GLN A 200 -27.43 -18.66 5.45
C GLN A 200 -28.80 -19.34 5.50
N GLU A 201 -28.91 -20.41 6.28
CA GLU A 201 -30.21 -21.05 6.45
C GLU A 201 -31.15 -20.21 7.29
N ALA A 202 -30.66 -19.56 8.35
CA ALA A 202 -31.51 -18.81 9.27
C ALA A 202 -31.91 -17.43 8.75
N GLN A 203 -31.73 -17.17 7.44
CA GLN A 203 -32.08 -15.88 6.86
C GLN A 203 -33.52 -15.88 6.37
N PRO A 204 -34.24 -14.76 6.54
CA PRO A 204 -35.65 -14.71 6.10
C PRO A 204 -35.90 -15.03 4.64
N LEU A 205 -34.99 -14.65 3.76
CA LEU A 205 -35.17 -14.86 2.33
C LEU A 205 -34.20 -15.93 1.86
N GLY A 206 -34.72 -16.95 1.19
CA GLY A 206 -33.88 -18.04 0.74
C GLY A 206 -33.84 -19.21 1.69
N ASN A 207 -33.98 -20.42 1.15
CA ASN A 207 -34.11 -21.61 1.98
C ASN A 207 -33.61 -22.82 1.21
N GLY A 208 -32.61 -23.54 1.71
CA GLY A 208 -32.16 -24.74 1.04
C GLY A 208 -30.72 -25.08 1.35
N LYS A 209 -30.38 -26.36 1.18
CA LYS A 209 -29.06 -26.85 1.61
C LYS A 209 -27.93 -26.46 0.66
N LYS A 210 -28.13 -26.56 -0.64
CA LYS A 210 -27.03 -26.37 -1.56
C LYS A 210 -27.36 -25.15 -2.41
N ALA A 211 -26.36 -24.30 -2.64
CA ALA A 211 -26.46 -23.16 -3.52
C ALA A 211 -25.74 -23.51 -4.81
N GLU A 212 -26.27 -23.06 -5.95
CA GLU A 212 -25.56 -23.30 -7.20
C GLU A 212 -25.75 -22.17 -8.19
N GLN A 213 -24.72 -21.93 -8.98
CA GLN A 213 -24.75 -20.94 -10.03
C GLN A 213 -24.20 -21.55 -11.31
N TRP A 214 -24.85 -21.27 -12.44
CA TRP A 214 -24.26 -21.60 -13.72
C TRP A 214 -24.57 -20.48 -14.71
N ALA A 215 -23.72 -20.32 -15.70
CA ALA A 215 -23.85 -19.28 -16.71
C ALA A 215 -23.12 -19.71 -17.98
N THR A 216 -23.62 -19.25 -19.12
CA THR A 216 -23.02 -19.50 -20.41
C THR A 216 -22.88 -18.19 -21.17
N GLY A 217 -22.06 -18.21 -22.22
CA GLY A 217 -21.85 -17.00 -22.99
C GLY A 217 -21.36 -17.18 -24.42
N LEU A 218 -21.96 -16.44 -25.34
CA LEU A 218 -21.45 -16.30 -26.70
C LEU A 218 -20.83 -14.93 -26.82
N LYS A 219 -19.74 -14.84 -27.58
CA LYS A 219 -19.10 -13.54 -27.79
C LYS A 219 -18.41 -13.52 -29.14
N TYR A 220 -18.24 -12.30 -29.63
CA TYR A 220 -17.54 -12.08 -30.90
C TYR A 220 -16.64 -10.86 -30.71
N ASP A 221 -15.35 -11.10 -30.60
CA ASP A 221 -14.35 -10.07 -30.31
C ASP A 221 -13.32 -10.07 -31.45
N ALA A 222 -13.50 -9.18 -32.42
CA ALA A 222 -12.70 -9.18 -33.63
C ALA A 222 -13.12 -8.00 -34.49
N ASN A 223 -12.13 -7.33 -35.12
CA ASN A 223 -12.36 -6.27 -36.11
C ASN A 223 -12.92 -5.01 -35.46
N ASN A 224 -12.40 -4.66 -34.28
CA ASN A 224 -12.85 -3.52 -33.49
C ASN A 224 -14.30 -3.63 -33.00
N ILE A 225 -14.89 -4.82 -33.03
CA ILE A 225 -16.27 -5.00 -32.59
C ILE A 225 -16.26 -5.95 -31.41
N TYR A 226 -17.22 -5.74 -30.49
CA TYR A 226 -17.42 -6.63 -29.34
C TYR A 226 -18.90 -6.89 -29.20
N LEU A 227 -19.28 -8.14 -29.34
CA LEU A 227 -20.61 -8.59 -28.98
C LEU A 227 -20.49 -9.60 -27.85
N ALA A 228 -21.43 -9.55 -26.93
CA ALA A 228 -21.40 -10.51 -25.85
C ALA A 228 -22.81 -10.70 -25.30
N ALA A 229 -23.19 -11.95 -25.14
CA ALA A 229 -24.42 -12.33 -24.47
C ALA A 229 -24.02 -13.31 -23.39
N ASN A 230 -24.66 -13.21 -22.23
CA ASN A 230 -24.56 -14.18 -21.16
C ASN A 230 -25.96 -14.56 -20.73
N TYR A 231 -26.17 -15.85 -20.52
CA TYR A 231 -27.37 -16.32 -19.86
C TYR A 231 -26.95 -17.16 -18.66
N GLY A 232 -27.66 -17.02 -17.56
CA GLY A 232 -27.27 -17.70 -16.35
C GLY A 232 -28.43 -17.82 -15.40
N GLU A 233 -28.42 -18.91 -14.63
CA GLU A 233 -29.39 -19.22 -13.59
C GLU A 233 -28.65 -19.45 -12.28
N THR A 234 -29.21 -18.99 -11.17
CA THR A 234 -28.67 -19.28 -9.85
C THR A 234 -29.75 -19.85 -8.95
N ARG A 235 -29.37 -20.78 -8.06
CA ARG A 235 -30.22 -21.31 -6.99
C ARG A 235 -29.57 -20.98 -5.66
N ASN A 236 -30.24 -20.18 -4.84
CA ASN A 236 -29.83 -19.91 -3.46
C ASN A 236 -28.56 -19.09 -3.35
N ALA A 237 -28.26 -18.27 -4.35
CA ALA A 237 -26.95 -17.65 -4.30
C ALA A 237 -27.01 -16.14 -4.42
N THR A 238 -27.84 -15.61 -5.31
CA THR A 238 -27.91 -14.18 -5.54
C THR A 238 -28.40 -13.48 -4.28
N PRO A 239 -27.59 -12.68 -3.61
CA PRO A 239 -28.07 -12.04 -2.39
C PRO A 239 -29.14 -11.03 -2.73
N ILE A 240 -30.20 -10.98 -1.92
CA ILE A 240 -31.27 -10.02 -2.13
C ILE A 240 -31.55 -9.30 -0.81
N THR A 241 -32.44 -8.31 -0.87
CA THR A 241 -32.81 -7.58 0.35
C THR A 241 -34.13 -6.85 0.12
N ASN A 242 -35.11 -7.10 0.98
CA ASN A 242 -36.39 -6.40 0.94
C ASN A 242 -36.27 -5.11 1.74
N LYS A 243 -36.19 -3.97 1.04
CA LYS A 243 -36.02 -2.68 1.71
C LYS A 243 -37.24 -2.23 2.51
N PHE A 244 -38.37 -2.94 2.41
CA PHE A 244 -39.62 -2.58 3.06
C PHE A 244 -39.75 -3.16 4.45
N THR A 245 -39.47 -4.46 4.55
CA THR A 245 -39.41 -5.22 5.79
C THR A 245 -38.04 -5.18 6.42
N ASN A 246 -37.05 -4.64 5.74
CA ASN A 246 -35.70 -4.64 6.24
C ASN A 246 -35.19 -6.06 6.51
N THR A 247 -35.77 -7.06 5.84
CA THR A 247 -35.20 -8.41 5.82
C THR A 247 -34.24 -8.53 4.64
N SER A 248 -33.37 -9.54 4.69
CA SER A 248 -32.44 -9.79 3.57
C SER A 248 -32.14 -11.29 3.49
N GLY A 249 -31.20 -11.66 2.62
CA GLY A 249 -30.92 -13.07 2.41
C GLY A 249 -30.46 -13.47 1.02
N PHE A 250 -31.11 -14.47 0.43
CA PHE A 250 -30.74 -15.00 -0.88
C PHE A 250 -31.97 -15.28 -1.72
N ALA A 251 -31.89 -14.99 -3.01
CA ALA A 251 -33.01 -15.30 -3.90
C ALA A 251 -33.12 -16.81 -4.09
N ASN A 252 -34.35 -17.30 -4.18
CA ASN A 252 -34.53 -18.73 -4.27
C ASN A 252 -34.15 -19.25 -5.66
N LYS A 253 -34.29 -18.43 -6.70
CA LYS A 253 -33.93 -18.75 -8.07
C LYS A 253 -33.73 -17.43 -8.81
N THR A 254 -32.82 -17.42 -9.77
CA THR A 254 -32.69 -16.26 -10.64
C THR A 254 -32.43 -16.69 -12.07
N GLN A 255 -32.86 -15.85 -13.01
CA GLN A 255 -32.60 -16.03 -14.43
C GLN A 255 -31.98 -14.74 -14.94
N ASP A 256 -30.76 -14.82 -15.46
CA ASP A 256 -29.93 -13.65 -15.71
C ASP A 256 -29.59 -13.53 -17.20
N VAL A 257 -29.75 -12.33 -17.76
CA VAL A 257 -29.38 -12.06 -19.15
C VAL A 257 -28.51 -10.83 -19.17
N LEU A 258 -27.45 -10.86 -19.97
CA LEU A 258 -26.61 -9.69 -20.15
C LEU A 258 -26.21 -9.58 -21.60
N LEU A 259 -26.40 -8.41 -22.18
CA LEU A 259 -26.03 -8.18 -23.56
C LEU A 259 -25.12 -6.97 -23.63
N VAL A 260 -24.03 -7.09 -24.40
CA VAL A 260 -23.14 -5.98 -24.66
C VAL A 260 -22.83 -5.98 -26.14
N ALA A 261 -22.82 -4.77 -26.72
CA ALA A 261 -22.32 -4.49 -28.07
C ALA A 261 -21.53 -3.19 -27.96
N GLN A 262 -20.25 -3.23 -28.33
CA GLN A 262 -19.41 -2.05 -28.29
C GLN A 262 -18.49 -2.04 -29.50
N TYR A 263 -18.11 -0.83 -29.94
CA TYR A 263 -17.25 -0.63 -31.11
C TYR A 263 -16.11 0.33 -30.80
N GLN A 264 -14.91 0.03 -31.31
CA GLN A 264 -13.74 0.87 -31.08
C GLN A 264 -13.38 1.64 -32.36
N PHE A 265 -13.56 2.96 -32.33
CA PHE A 265 -13.19 3.80 -33.45
C PHE A 265 -11.68 4.05 -33.47
N ASP A 266 -11.14 4.29 -34.67
CA ASP A 266 -9.70 4.50 -34.77
C ASP A 266 -9.26 5.80 -34.10
N PHE A 267 -10.15 6.77 -33.93
CA PHE A 267 -9.75 8.06 -33.36
C PHE A 267 -9.84 8.07 -31.84
N GLY A 268 -10.25 6.98 -31.22
CA GLY A 268 -10.11 6.87 -29.78
C GLY A 268 -11.33 6.52 -28.96
N LEU A 269 -12.54 6.77 -29.48
CA LEU A 269 -13.79 6.61 -28.73
C LEU A 269 -14.38 5.19 -28.84
N ARG A 270 -14.71 4.59 -27.70
CA ARG A 270 -15.30 3.25 -27.67
C ARG A 270 -16.70 3.29 -27.07
N PRO A 271 -17.72 3.58 -27.88
CA PRO A 271 -19.10 3.50 -27.41
C PRO A 271 -19.48 2.08 -27.01
N SER A 272 -20.49 1.97 -26.14
CA SER A 272 -21.07 0.69 -25.76
C SER A 272 -22.59 0.83 -25.57
N ILE A 273 -23.29 -0.26 -25.81
CA ILE A 273 -24.68 -0.39 -25.45
C ILE A 273 -24.89 -1.74 -24.80
N ALA A 274 -25.75 -1.80 -23.79
CA ALA A 274 -25.91 -3.04 -23.08
C ALA A 274 -27.35 -3.21 -22.62
N TYR A 275 -27.69 -4.46 -22.34
CA TYR A 275 -28.95 -4.79 -21.74
C TYR A 275 -28.70 -5.84 -20.70
N THR A 276 -29.31 -5.65 -19.54
CA THR A 276 -29.18 -6.57 -18.42
C THR A 276 -30.55 -6.71 -17.76
N LYS A 277 -30.93 -7.96 -17.48
CA LYS A 277 -32.14 -8.23 -16.72
C LYS A 277 -31.88 -9.45 -15.86
N SER A 278 -31.76 -9.25 -14.55
CA SER A 278 -31.67 -10.32 -13.57
C SER A 278 -32.99 -10.36 -12.83
N LYS A 279 -33.84 -11.35 -13.15
CA LYS A 279 -35.15 -11.56 -12.53
C LYS A 279 -35.04 -12.64 -11.47
N ALA A 280 -35.54 -12.34 -10.27
CA ALA A 280 -35.60 -13.27 -9.15
C ALA A 280 -36.93 -14.03 -9.15
N LYS A 281 -36.89 -15.31 -8.77
CA LYS A 281 -38.07 -16.15 -8.75
C LYS A 281 -38.22 -16.81 -7.38
N ASP A 282 -39.48 -17.02 -6.96
CA ASP A 282 -39.83 -17.74 -5.71
C ASP A 282 -39.38 -17.02 -4.45
N VAL A 283 -39.41 -15.69 -4.45
CA VAL A 283 -39.08 -14.91 -3.26
C VAL A 283 -40.18 -15.04 -2.21
N GLU A 284 -39.78 -15.23 -0.96
CA GLU A 284 -40.72 -15.29 0.16
C GLU A 284 -41.62 -14.07 0.21
N GLY A 285 -42.93 -14.32 0.25
CA GLY A 285 -43.89 -13.24 0.38
C GLY A 285 -43.98 -12.30 -0.80
N ILE A 286 -43.18 -12.51 -1.85
CA ILE A 286 -43.13 -11.64 -3.02
C ILE A 286 -43.41 -12.40 -4.31
N GLY A 287 -42.65 -13.47 -4.57
CA GLY A 287 -42.90 -14.21 -5.78
C GLY A 287 -41.82 -14.00 -6.80
N ASP A 288 -42.20 -13.70 -8.04
CA ASP A 288 -41.27 -13.18 -9.05
C ASP A 288 -41.00 -11.70 -8.80
N VAL A 289 -39.74 -11.27 -9.03
CA VAL A 289 -39.37 -9.88 -8.82
C VAL A 289 -38.06 -9.60 -9.55
N ASP A 290 -37.97 -8.41 -10.17
CA ASP A 290 -36.79 -8.02 -10.93
C ASP A 290 -35.71 -7.50 -10.00
N LEU A 291 -34.49 -8.04 -10.14
CA LEU A 291 -33.34 -7.53 -9.41
C LEU A 291 -32.56 -6.52 -10.21
N VAL A 292 -32.50 -6.70 -11.53
CA VAL A 292 -31.79 -5.83 -12.46
C VAL A 292 -32.57 -5.76 -13.77
N ASN A 293 -32.56 -4.57 -14.40
CA ASN A 293 -33.28 -4.33 -15.65
C ASN A 293 -32.85 -2.99 -16.23
N TYR A 294 -32.05 -3.01 -17.29
CA TYR A 294 -31.68 -1.73 -17.86
C TYR A 294 -31.21 -1.88 -19.30
N PHE A 295 -31.31 -0.77 -20.00
CA PHE A 295 -30.49 -0.51 -21.17
C PHE A 295 -29.44 0.47 -20.72
N GLU A 296 -28.21 0.19 -21.12
CA GLU A 296 -27.07 1.06 -20.86
C GLU A 296 -26.50 1.47 -22.19
N VAL A 297 -26.30 2.75 -22.36
CA VAL A 297 -25.49 3.28 -23.44
C VAL A 297 -24.39 4.09 -22.78
N GLY A 298 -23.14 3.84 -23.18
CA GLY A 298 -22.01 4.52 -22.56
C GLY A 298 -20.85 4.53 -23.53
N ALA A 299 -19.78 5.24 -23.15
CA ALA A 299 -18.62 5.41 -24.02
C ALA A 299 -17.40 5.80 -23.21
N THR A 300 -16.27 5.15 -23.47
CA THR A 300 -14.95 5.56 -23.00
C THR A 300 -14.13 6.21 -24.11
N TYR A 301 -13.45 7.32 -23.79
CA TYR A 301 -12.46 7.92 -24.70
C TYR A 301 -11.06 7.62 -24.19
N TYR A 302 -10.21 7.10 -25.07
CA TYR A 302 -8.88 6.68 -24.68
C TYR A 302 -7.84 7.69 -25.16
N PHE A 303 -7.11 8.33 -24.23
CA PHE A 303 -6.04 9.23 -24.66
C PHE A 303 -4.80 8.45 -25.08
N ASN A 304 -4.43 7.41 -24.32
CA ASN A 304 -3.45 6.38 -24.67
C ASN A 304 -3.57 5.21 -23.68
N LYS A 305 -2.57 4.34 -23.62
CA LYS A 305 -2.63 3.22 -22.68
C LYS A 305 -2.54 3.64 -21.22
N ASN A 306 -2.38 4.92 -20.91
CA ASN A 306 -2.22 5.37 -19.53
C ASN A 306 -3.31 6.33 -19.05
N MET A 307 -4.06 6.96 -19.95
CA MET A 307 -5.04 7.96 -19.56
C MET A 307 -6.30 7.72 -20.37
N SER A 308 -7.44 7.87 -19.71
CA SER A 308 -8.74 7.60 -20.33
C SER A 308 -9.82 8.34 -19.56
N THR A 309 -11.00 8.39 -20.18
CA THR A 309 -12.10 9.16 -19.64
C THR A 309 -13.38 8.56 -20.21
N TYR A 310 -14.40 8.38 -19.35
CA TYR A 310 -15.62 7.70 -19.78
C TYR A 310 -16.87 8.35 -19.20
N VAL A 311 -18.00 8.05 -19.86
CA VAL A 311 -19.33 8.36 -19.37
C VAL A 311 -20.23 7.14 -19.61
N ASP A 312 -20.93 6.71 -18.55
CA ASP A 312 -21.77 5.52 -18.60
C ASP A 312 -23.17 5.88 -18.13
N TYR A 313 -24.15 5.74 -19.02
CA TYR A 313 -25.55 6.08 -18.71
C TYR A 313 -26.43 4.83 -18.65
N ILE A 314 -27.02 4.61 -17.48
CA ILE A 314 -27.89 3.48 -17.22
C ILE A 314 -29.34 3.96 -17.38
N ILE A 315 -30.06 3.34 -18.30
CA ILE A 315 -31.48 3.58 -18.44
C ILE A 315 -32.16 2.48 -17.65
N ASN A 316 -32.59 2.84 -16.44
CA ASN A 316 -33.13 1.92 -15.47
C ASN A 316 -34.56 1.57 -15.82
N GLN A 317 -34.87 0.28 -15.83
CA GLN A 317 -36.24 -0.18 -16.06
C GLN A 317 -36.93 -0.69 -14.81
N ILE A 318 -36.21 -0.92 -13.71
CA ILE A 318 -36.85 -1.27 -12.44
C ILE A 318 -37.99 -0.31 -12.15
N ASP A 319 -39.13 -0.87 -11.69
CA ASP A 319 -40.38 -0.15 -11.55
C ASP A 319 -40.43 0.70 -10.29
N SER A 320 -41.30 1.71 -10.31
CA SER A 320 -41.44 2.56 -9.14
C SER A 320 -41.91 1.79 -7.94
N ASP A 321 -42.49 0.60 -8.15
CA ASP A 321 -43.06 -0.22 -7.09
C ASP A 321 -42.45 -1.63 -7.10
N ASN A 322 -41.16 -1.71 -7.35
CA ASN A 322 -40.48 -2.99 -7.29
C ASN A 322 -40.72 -3.59 -5.91
N LYS A 323 -41.33 -4.77 -5.86
CA LYS A 323 -41.87 -5.24 -4.58
C LYS A 323 -40.78 -5.39 -3.53
N LEU A 324 -39.55 -5.74 -3.94
CA LEU A 324 -38.40 -5.84 -3.05
C LEU A 324 -37.82 -4.48 -2.67
N GLY A 325 -38.33 -3.39 -3.26
CA GLY A 325 -37.80 -2.06 -3.05
C GLY A 325 -36.59 -1.67 -3.87
N VAL A 326 -36.17 -2.46 -4.87
CA VAL A 326 -35.03 -2.06 -5.69
C VAL A 326 -35.24 -0.64 -6.16
N GLY A 327 -34.24 0.22 -5.96
CA GLY A 327 -34.38 1.59 -6.41
C GLY A 327 -34.56 1.65 -7.92
N SER A 328 -35.29 2.66 -8.37
CA SER A 328 -35.78 2.66 -9.74
C SER A 328 -35.21 3.79 -10.60
N ASP A 329 -34.49 4.73 -9.99
CA ASP A 329 -34.15 5.90 -10.75
C ASP A 329 -32.93 5.62 -11.61
N ASP A 330 -32.70 6.50 -12.58
CA ASP A 330 -31.56 6.44 -13.45
C ASP A 330 -30.33 6.99 -12.77
N THR A 331 -29.18 6.51 -13.26
CA THR A 331 -27.85 6.94 -12.87
C THR A 331 -26.94 7.10 -14.08
N VAL A 332 -26.07 8.12 -14.03
CA VAL A 332 -25.00 8.29 -15.02
C VAL A 332 -23.71 8.64 -14.31
N ALA A 333 -22.62 8.04 -14.77
CA ALA A 333 -21.31 8.24 -14.18
C ALA A 333 -20.35 8.84 -15.21
N VAL A 334 -19.40 9.63 -14.70
CA VAL A 334 -18.34 10.26 -15.50
C VAL A 334 -17.01 10.05 -14.79
N GLY A 335 -16.02 9.52 -15.51
CA GLY A 335 -14.71 9.27 -14.95
C GLY A 335 -13.53 9.76 -15.77
N ILE A 336 -12.46 10.14 -15.08
CA ILE A 336 -11.14 10.32 -15.65
C ILE A 336 -10.17 9.39 -14.92
N VAL A 337 -9.35 8.67 -15.66
CA VAL A 337 -8.59 7.54 -15.16
C VAL A 337 -7.14 7.61 -15.65
N TYR A 338 -6.22 7.85 -14.73
CA TYR A 338 -4.80 7.61 -14.97
C TYR A 338 -4.42 6.27 -14.37
N GLN A 339 -3.78 5.43 -15.17
CA GLN A 339 -3.30 4.14 -14.68
C GLN A 339 -1.87 3.90 -15.15
N PHE A 340 -1.15 3.12 -14.34
CA PHE A 340 0.23 2.74 -14.60
C PHE A 340 0.39 1.24 -14.38
N ARG B 13 -28.43 30.79 -59.79
CA ARG B 13 -29.64 30.31 -60.44
C ARG B 13 -30.51 31.53 -60.73
N SER B 14 -31.61 31.70 -59.98
CA SER B 14 -32.49 32.86 -60.13
C SER B 14 -32.82 33.46 -58.76
N ASP B 15 -32.60 34.77 -58.65
CA ASP B 15 -32.64 35.58 -57.42
C ASP B 15 -33.86 36.49 -57.49
N PRO B 16 -35.02 36.04 -57.02
CA PRO B 16 -36.25 36.81 -57.24
C PRO B 16 -36.35 38.10 -56.43
N LEU B 17 -35.89 38.15 -55.19
CA LEU B 17 -36.01 39.41 -54.46
C LEU B 17 -34.81 40.32 -54.68
N GLU B 18 -34.13 40.18 -55.82
CA GLU B 18 -32.82 40.82 -56.02
C GLU B 18 -32.88 42.31 -55.77
N GLY B 19 -33.98 42.96 -56.14
CA GLY B 19 -34.08 44.39 -55.90
C GLY B 19 -34.11 44.71 -54.42
N PHE B 20 -34.83 43.89 -53.65
CA PHE B 20 -34.84 44.04 -52.20
C PHE B 20 -33.49 43.69 -51.59
N ASN B 21 -32.89 42.57 -52.03
CA ASN B 21 -31.65 42.11 -51.43
C ASN B 21 -30.52 43.09 -51.67
N ARG B 22 -30.50 43.69 -52.86
CA ARG B 22 -29.52 44.71 -53.16
C ARG B 22 -29.76 45.96 -52.34
N THR B 23 -31.02 46.40 -52.22
CA THR B 23 -31.32 47.58 -51.41
C THR B 23 -30.86 47.35 -49.97
N MET B 24 -31.04 46.13 -49.45
CA MET B 24 -30.59 45.83 -48.08
C MET B 24 -29.10 45.53 -48.03
N PHE B 25 -28.51 45.00 -49.10
CA PHE B 25 -27.07 44.84 -49.11
C PHE B 25 -26.38 46.21 -49.10
N ASN B 26 -26.83 47.16 -49.94
CA ASN B 26 -26.35 48.53 -49.77
C ASN B 26 -26.55 49.01 -48.35
N PHE B 27 -27.65 48.61 -47.71
CA PHE B 27 -27.81 48.96 -46.32
C PHE B 27 -26.68 48.37 -45.47
N ASN B 28 -26.45 47.06 -45.60
CA ASN B 28 -25.51 46.41 -44.70
C ASN B 28 -24.10 46.84 -45.02
N PHE B 29 -23.74 46.77 -46.30
CA PHE B 29 -22.38 47.01 -46.78
C PHE B 29 -21.94 48.46 -46.58
N ASN B 30 -22.86 49.42 -46.63
CA ASN B 30 -22.47 50.82 -46.71
C ASN B 30 -22.90 51.68 -45.54
N VAL B 31 -23.66 51.17 -44.59
CA VAL B 31 -23.92 51.96 -43.39
C VAL B 31 -23.81 51.10 -42.14
N VAL B 32 -24.30 49.86 -42.17
CA VAL B 32 -24.20 49.09 -40.93
C VAL B 32 -22.85 48.39 -40.82
N ASP B 33 -22.15 48.21 -41.94
CA ASP B 33 -20.81 47.65 -41.82
C ASP B 33 -19.84 48.76 -41.45
N PRO B 34 -19.76 49.87 -42.21
CA PRO B 34 -18.72 50.86 -41.91
C PRO B 34 -18.96 51.64 -40.63
N TYR B 35 -20.21 51.81 -40.20
CA TYR B 35 -20.51 52.63 -39.05
C TYR B 35 -20.77 51.85 -37.76
N VAL B 36 -20.96 50.52 -37.81
CA VAL B 36 -21.23 49.73 -36.60
C VAL B 36 -20.36 48.47 -36.52
N LEU B 37 -20.58 47.50 -37.42
CA LEU B 37 -19.83 46.25 -37.35
C LEU B 37 -18.33 46.49 -37.34
N ARG B 38 -17.84 47.17 -38.38
CA ARG B 38 -16.40 47.35 -38.59
C ARG B 38 -15.66 48.05 -37.46
N PRO B 39 -16.17 49.11 -36.84
CA PRO B 39 -15.49 49.61 -35.62
C PRO B 39 -15.46 48.57 -34.50
N VAL B 40 -16.58 47.94 -34.18
CA VAL B 40 -16.61 46.94 -33.10
C VAL B 40 -15.68 45.78 -33.42
N ALA B 41 -15.67 45.33 -34.67
CA ALA B 41 -14.79 44.21 -35.00
C ALA B 41 -13.33 44.62 -34.90
N VAL B 42 -13.06 45.93 -34.92
CA VAL B 42 -11.72 46.44 -34.62
C VAL B 42 -11.45 46.36 -33.12
N ALA B 43 -12.30 46.98 -32.31
CA ALA B 43 -12.10 46.94 -30.87
C ALA B 43 -12.05 45.53 -30.33
N TRP B 44 -12.65 44.57 -31.05
CA TRP B 44 -12.55 43.17 -30.67
C TRP B 44 -11.11 42.67 -30.80
N ARG B 45 -10.60 42.69 -32.02
CA ARG B 45 -9.23 42.29 -32.24
C ARG B 45 -8.26 43.20 -31.52
N ASP B 46 -8.64 44.44 -31.23
CA ASP B 46 -7.77 45.30 -30.45
C ASP B 46 -7.69 44.82 -29.00
N TYR B 47 -8.79 44.90 -28.25
CA TYR B 47 -8.70 44.80 -26.80
C TYR B 47 -8.94 43.39 -26.24
N VAL B 48 -9.41 42.43 -27.01
CA VAL B 48 -9.68 41.08 -26.51
C VAL B 48 -8.45 40.22 -26.77
N PRO B 49 -7.96 39.48 -25.77
CA PRO B 49 -6.77 38.65 -25.97
C PRO B 49 -7.06 37.38 -26.76
N GLN B 50 -5.99 36.80 -27.31
CA GLN B 50 -6.19 35.65 -28.18
C GLN B 50 -6.74 34.46 -27.43
N PRO B 51 -6.22 34.06 -26.26
CA PRO B 51 -6.89 32.97 -25.54
C PRO B 51 -8.37 33.26 -25.30
N ALA B 52 -8.72 34.51 -25.01
CA ALA B 52 -10.12 34.86 -24.86
C ALA B 52 -10.87 34.64 -26.18
N ARG B 53 -10.28 35.07 -27.30
CA ARG B 53 -11.00 35.02 -28.56
C ARG B 53 -11.22 33.59 -29.01
N ASN B 54 -10.14 32.81 -29.15
CA ASN B 54 -10.34 31.42 -29.56
C ASN B 54 -10.91 30.59 -28.42
N GLY B 55 -10.90 31.09 -27.19
CA GLY B 55 -11.64 30.43 -26.13
C GLY B 55 -13.14 30.60 -26.25
N LEU B 56 -13.59 31.79 -26.65
CA LEU B 56 -15.02 32.00 -26.88
C LEU B 56 -15.46 31.30 -28.15
N SER B 57 -14.66 31.36 -29.20
CA SER B 57 -15.02 30.63 -30.41
C SER B 57 -14.98 29.13 -30.17
N ASN B 58 -14.12 28.67 -29.25
CA ASN B 58 -14.22 27.31 -28.75
C ASN B 58 -15.56 27.06 -28.11
N PHE B 59 -16.02 28.01 -27.30
CA PHE B 59 -17.18 27.75 -26.46
C PHE B 59 -18.50 27.82 -27.20
N THR B 60 -18.63 28.74 -28.17
CA THR B 60 -19.86 28.82 -28.94
C THR B 60 -19.96 27.70 -29.96
N SER B 61 -18.83 27.27 -30.53
CA SER B 61 -18.88 26.15 -31.47
C SER B 61 -19.23 24.88 -30.76
N ASN B 62 -18.91 24.82 -29.46
CA ASN B 62 -19.26 23.68 -28.61
C ASN B 62 -20.75 23.36 -28.58
N LEU B 63 -21.60 24.38 -28.52
CA LEU B 63 -23.01 24.12 -28.33
C LEU B 63 -23.66 23.58 -29.59
N GLU B 64 -23.06 23.78 -30.75
CA GLU B 64 -23.62 23.19 -31.95
C GLU B 64 -23.26 21.73 -32.10
N GLU B 65 -22.24 21.26 -31.36
CA GLU B 65 -21.76 19.89 -31.53
C GLU B 65 -22.81 18.80 -31.33
N PRO B 66 -23.69 18.85 -30.32
CA PRO B 66 -24.68 17.78 -30.23
C PRO B 66 -25.63 17.76 -31.39
N ALA B 67 -26.06 18.94 -31.87
CA ALA B 67 -26.95 18.97 -33.02
C ALA B 67 -26.24 18.55 -34.30
N VAL B 68 -24.93 18.80 -34.40
CA VAL B 68 -24.15 18.26 -35.52
C VAL B 68 -24.15 16.74 -35.45
N MET B 69 -23.96 16.19 -34.25
CA MET B 69 -24.02 14.74 -34.04
C MET B 69 -25.39 14.17 -34.37
N VAL B 70 -26.47 14.85 -33.93
CA VAL B 70 -27.82 14.42 -34.26
C VAL B 70 -27.94 14.27 -35.77
N ASN B 71 -27.43 15.27 -36.48
CA ASN B 71 -27.70 15.42 -37.90
C ASN B 71 -26.77 14.59 -38.76
N TYR B 72 -25.54 14.35 -38.32
CA TYR B 72 -24.71 13.42 -39.07
C TYR B 72 -25.30 12.02 -39.03
N PHE B 73 -25.89 11.65 -37.88
CA PHE B 73 -26.65 10.40 -37.78
C PHE B 73 -27.84 10.41 -38.73
N LEU B 74 -28.62 11.48 -38.72
CA LEU B 74 -29.77 11.61 -39.63
C LEU B 74 -29.36 11.47 -41.09
N GLN B 75 -28.12 11.86 -41.44
CA GLN B 75 -27.66 11.74 -42.82
C GLN B 75 -27.05 10.38 -43.14
N GLY B 76 -26.55 9.66 -42.15
CA GLY B 76 -26.13 8.29 -42.37
C GLY B 76 -24.65 8.04 -42.28
N ASP B 77 -23.88 8.98 -41.74
CA ASP B 77 -22.45 8.76 -41.52
C ASP B 77 -22.29 8.74 -40.01
N PRO B 78 -22.50 7.59 -39.36
CA PRO B 78 -22.32 7.55 -37.90
C PRO B 78 -20.89 7.82 -37.49
N TYR B 79 -19.92 7.58 -38.39
CA TYR B 79 -18.54 7.85 -38.05
C TYR B 79 -18.35 9.34 -37.77
N LYS B 80 -18.79 10.20 -38.69
CA LYS B 80 -18.68 11.62 -38.43
C LYS B 80 -19.46 11.98 -37.18
N GLY B 81 -20.65 11.42 -37.02
CA GLY B 81 -21.51 11.80 -35.91
C GLY B 81 -20.85 11.51 -34.58
N MET B 82 -20.28 10.32 -34.44
CA MET B 82 -19.56 9.98 -33.22
C MET B 82 -18.30 10.82 -33.04
N VAL B 83 -17.72 11.33 -34.13
CA VAL B 83 -16.58 12.24 -34.00
C VAL B 83 -17.02 13.52 -33.33
N HIS B 84 -18.22 14.00 -33.68
CA HIS B 84 -18.71 15.23 -33.10
C HIS B 84 -19.27 15.01 -31.71
N PHE B 85 -19.75 13.80 -31.42
CA PHE B 85 -20.12 13.50 -30.04
C PHE B 85 -18.91 13.63 -29.13
N THR B 86 -17.78 13.05 -29.53
CA THR B 86 -16.58 13.10 -28.72
C THR B 86 -16.12 14.52 -28.51
N ARG B 87 -16.17 15.32 -29.57
CA ARG B 87 -15.84 16.74 -29.49
C ARG B 87 -16.57 17.35 -28.31
N PHE B 88 -17.88 17.13 -28.25
CA PHE B 88 -18.68 17.66 -27.16
C PHE B 88 -18.29 17.02 -25.83
N PHE B 89 -18.08 15.70 -25.82
CA PHE B 89 -17.76 15.00 -24.58
C PHE B 89 -16.45 15.50 -23.98
N LEU B 90 -15.35 15.36 -24.73
CA LEU B 90 -14.05 15.75 -24.22
C LEU B 90 -14.01 17.22 -23.84
N ASN B 91 -14.57 18.09 -24.68
CA ASN B 91 -14.47 19.53 -24.42
C ASN B 91 -15.28 19.93 -23.20
N THR B 92 -16.53 19.47 -23.11
CA THR B 92 -17.41 19.91 -22.04
C THR B 92 -16.95 19.43 -20.68
N ILE B 93 -16.62 18.14 -20.56
CA ILE B 93 -16.23 17.54 -19.28
C ILE B 93 -14.81 17.94 -18.86
N LEU B 94 -13.82 17.45 -19.61
CA LEU B 94 -12.41 17.72 -19.37
C LEU B 94 -12.08 19.18 -19.65
N GLY B 95 -12.04 19.54 -20.91
CA GLY B 95 -11.67 20.87 -21.30
C GLY B 95 -12.59 22.01 -20.90
N MET B 96 -13.12 22.01 -19.68
CA MET B 96 -13.64 23.23 -19.09
C MET B 96 -14.87 23.79 -19.81
N GLY B 97 -15.91 22.99 -19.96
CA GLY B 97 -17.19 23.44 -20.46
C GLY B 97 -17.19 23.89 -21.89
N GLY B 98 -16.24 23.42 -22.69
CA GLY B 98 -16.11 23.83 -24.07
C GLY B 98 -15.04 24.87 -24.34
N LEU B 99 -14.60 25.60 -23.31
CA LEU B 99 -13.59 26.65 -23.47
C LEU B 99 -12.30 26.13 -24.09
N ILE B 100 -11.94 24.88 -23.81
CA ILE B 100 -10.68 24.32 -24.29
C ILE B 100 -10.94 23.16 -25.23
N ASP B 101 -10.23 23.14 -26.36
CA ASP B 101 -10.46 22.14 -27.42
C ASP B 101 -9.53 20.95 -27.19
N VAL B 102 -9.91 20.10 -26.25
CA VAL B 102 -9.09 18.93 -25.95
C VAL B 102 -9.35 17.83 -26.97
N ALA B 103 -10.55 17.79 -27.54
CA ALA B 103 -10.89 16.83 -28.58
C ALA B 103 -10.38 17.34 -29.91
N GLY B 104 -9.08 17.54 -29.96
CA GLY B 104 -8.51 18.26 -31.05
C GLY B 104 -7.05 18.36 -30.72
N MET B 105 -6.78 18.76 -29.48
CA MET B 105 -5.46 18.48 -28.94
C MET B 105 -5.21 16.98 -28.83
N ALA B 106 -6.28 16.17 -28.74
CA ALA B 106 -6.14 14.72 -28.68
C ALA B 106 -5.91 14.12 -30.07
N ASN B 107 -6.97 13.96 -30.87
CA ASN B 107 -6.72 13.35 -32.17
C ASN B 107 -6.94 14.36 -33.31
N PRO B 108 -6.14 14.28 -34.38
CA PRO B 108 -6.44 15.09 -35.56
C PRO B 108 -7.82 14.81 -36.13
N GLN B 109 -8.31 13.56 -36.06
CA GLN B 109 -9.59 13.29 -36.72
C GLN B 109 -10.74 13.93 -36.00
N LEU B 110 -10.45 14.64 -34.92
CA LEU B 110 -11.44 15.25 -34.05
C LEU B 110 -11.46 16.77 -34.14
N GLN B 111 -10.72 17.39 -35.05
CA GLN B 111 -10.63 18.84 -35.01
C GLN B 111 -11.90 19.48 -35.53
N ARG B 112 -12.14 20.70 -35.05
CA ARG B 112 -13.36 21.43 -35.38
C ARG B 112 -13.52 21.60 -36.89
N VAL B 113 -14.75 21.57 -37.34
CA VAL B 113 -15.09 21.77 -38.74
C VAL B 113 -16.35 22.64 -38.80
N GLU B 114 -16.78 22.97 -40.03
CA GLU B 114 -18.02 23.69 -40.21
C GLU B 114 -19.19 22.93 -39.58
N PRO B 115 -20.18 23.63 -39.03
CA PRO B 115 -21.32 22.93 -38.44
C PRO B 115 -22.28 22.41 -39.50
N HIS B 116 -22.74 21.18 -39.28
CA HIS B 116 -23.85 20.61 -40.02
C HIS B 116 -25.06 20.55 -39.08
N ARG B 117 -26.03 21.44 -39.26
CA ARG B 117 -27.23 21.42 -38.44
C ARG B 117 -28.41 20.97 -39.31
N PHE B 118 -29.64 21.23 -38.85
CA PHE B 118 -30.81 20.71 -39.56
C PHE B 118 -31.02 21.35 -40.93
N GLY B 119 -30.46 22.52 -41.20
CA GLY B 119 -30.45 22.98 -42.57
C GLY B 119 -29.71 22.02 -43.48
N SER B 120 -28.56 21.51 -43.02
CA SER B 120 -27.77 20.60 -43.84
C SER B 120 -28.50 19.28 -44.11
N THR B 121 -29.10 18.69 -43.09
CA THR B 121 -29.80 17.43 -43.28
C THR B 121 -30.91 17.56 -44.32
N LEU B 122 -31.68 18.65 -44.25
CA LEU B 122 -32.71 18.89 -45.24
C LEU B 122 -32.12 18.89 -46.65
N GLY B 123 -31.02 19.63 -46.84
CA GLY B 123 -30.43 19.69 -48.16
C GLY B 123 -29.81 18.38 -48.58
N HIS B 124 -29.24 17.64 -47.62
CA HIS B 124 -28.64 16.34 -47.92
C HIS B 124 -29.65 15.32 -48.46
N TYR B 125 -30.95 15.52 -48.23
CA TYR B 125 -31.99 14.73 -48.88
C TYR B 125 -32.68 15.52 -49.98
N GLY B 126 -32.10 16.65 -50.35
CA GLY B 126 -32.43 17.44 -51.53
C GLY B 126 -33.68 18.28 -51.54
N VAL B 127 -33.68 19.36 -50.77
CA VAL B 127 -34.71 20.38 -50.81
C VAL B 127 -34.05 21.72 -51.07
N GLY B 128 -34.58 22.46 -52.04
CA GLY B 128 -34.13 23.80 -52.39
C GLY B 128 -34.09 24.78 -51.24
N TYR B 129 -33.34 25.86 -51.39
CA TYR B 129 -33.31 26.93 -50.41
C TYR B 129 -34.54 27.82 -50.52
N GLY B 130 -35.40 27.56 -51.50
CA GLY B 130 -36.44 28.47 -51.92
C GLY B 130 -35.82 29.67 -52.59
N PRO B 131 -36.18 30.89 -52.18
CA PRO B 131 -35.46 32.06 -52.68
C PRO B 131 -34.34 32.52 -51.75
N TYR B 132 -33.27 33.12 -52.28
CA TYR B 132 -32.28 33.79 -51.45
C TYR B 132 -32.83 35.14 -51.04
N VAL B 133 -32.59 35.53 -49.80
CA VAL B 133 -32.94 36.86 -49.32
C VAL B 133 -31.75 37.42 -48.56
N GLN B 134 -31.83 38.69 -48.25
CA GLN B 134 -30.72 39.41 -47.64
C GLN B 134 -31.40 40.34 -46.65
N LEU B 135 -31.33 39.98 -45.45
CA LEU B 135 -32.06 40.79 -44.53
C LEU B 135 -31.14 41.85 -43.98
N PRO B 136 -31.63 43.03 -43.64
CA PRO B 136 -30.75 43.98 -42.96
C PRO B 136 -30.30 43.38 -41.64
N PHE B 137 -29.01 43.56 -41.33
CA PHE B 137 -28.41 43.14 -40.07
C PHE B 137 -28.23 41.63 -39.97
N TYR B 138 -29.14 40.83 -40.51
CA TYR B 138 -28.83 39.41 -40.60
C TYR B 138 -27.83 39.14 -41.72
N GLY B 139 -28.08 39.72 -42.88
CA GLY B 139 -27.31 39.38 -44.04
C GLY B 139 -27.97 38.24 -44.77
N SER B 140 -27.19 37.27 -45.23
CA SER B 140 -27.74 36.21 -46.04
C SER B 140 -28.69 35.35 -45.20
N PHE B 141 -29.82 34.97 -45.80
CA PHE B 141 -30.88 34.20 -45.16
C PHE B 141 -31.57 33.38 -46.24
N THR B 142 -31.82 32.12 -45.98
CA THR B 142 -32.77 31.35 -46.77
C THR B 142 -33.67 30.62 -45.79
N LEU B 143 -34.90 30.34 -46.21
CA LEU B 143 -35.80 29.58 -45.36
C LEU B 143 -35.16 28.26 -44.92
N ARG B 144 -34.43 27.61 -45.81
CA ARG B 144 -34.00 26.25 -45.52
C ARG B 144 -32.96 26.20 -44.41
N ASP B 145 -31.94 27.07 -44.45
CA ASP B 145 -30.83 27.01 -43.51
C ASP B 145 -30.96 28.01 -42.37
N GLU B 146 -30.84 29.31 -42.65
CA GLU B 146 -31.14 30.29 -41.62
C GLU B 146 -32.59 30.10 -41.25
N GLY B 147 -32.92 29.56 -40.10
CA GLY B 147 -34.33 29.22 -39.94
C GLY B 147 -34.59 27.74 -39.97
N GLY B 148 -34.42 27.05 -41.09
CA GLY B 148 -34.37 25.60 -41.04
C GLY B 148 -33.37 25.07 -40.03
N ASP B 149 -32.27 25.82 -39.81
CA ASP B 149 -31.35 25.50 -38.73
C ASP B 149 -32.01 25.62 -37.37
N MET B 150 -33.08 26.42 -37.26
CA MET B 150 -33.66 26.62 -35.94
C MET B 150 -34.33 25.37 -35.38
N ALA B 151 -34.50 24.32 -36.17
CA ALA B 151 -35.10 23.09 -35.67
C ALA B 151 -34.22 22.42 -34.63
N ASP B 152 -32.91 22.65 -34.66
CA ASP B 152 -32.00 22.15 -33.65
C ASP B 152 -32.09 22.93 -32.35
N GLY B 153 -33.01 23.89 -32.24
CA GLY B 153 -33.31 24.50 -30.97
C GLY B 153 -34.52 23.84 -30.37
N LEU B 154 -34.91 22.68 -30.90
CA LEU B 154 -36.03 21.91 -30.42
C LEU B 154 -35.58 20.74 -29.58
N TYR B 155 -34.27 20.56 -29.40
CA TYR B 155 -33.78 19.41 -28.66
C TYR B 155 -32.45 19.79 -28.04
N PRO B 156 -31.92 18.96 -27.09
CA PRO B 156 -30.74 19.30 -26.28
C PRO B 156 -29.65 20.23 -26.82
N VAL B 157 -29.01 20.86 -25.82
CA VAL B 157 -28.07 21.99 -25.78
C VAL B 157 -28.68 23.28 -26.34
N LEU B 158 -28.91 23.36 -27.66
CA LEU B 158 -29.34 24.63 -28.23
C LEU B 158 -30.74 25.01 -27.76
N SER B 159 -31.54 24.01 -27.38
CA SER B 159 -32.86 24.24 -26.79
C SER B 159 -32.76 24.88 -25.41
N TRP B 160 -31.57 24.88 -24.80
CA TRP B 160 -31.38 25.41 -23.47
C TRP B 160 -31.08 26.91 -23.42
N LEU B 161 -30.84 27.59 -24.53
CA LEU B 161 -30.48 28.99 -24.50
C LEU B 161 -31.71 29.89 -24.57
N THR B 162 -31.67 31.02 -23.85
CA THR B 162 -32.72 32.02 -23.91
C THR B 162 -32.52 32.98 -25.09
N TRP B 163 -33.59 33.73 -25.40
CA TRP B 163 -33.53 34.75 -26.44
C TRP B 163 -32.35 35.72 -26.26
N PRO B 164 -32.07 36.25 -25.07
CA PRO B 164 -30.80 36.98 -24.92
C PRO B 164 -29.56 36.12 -25.12
N MET B 165 -29.58 34.88 -24.67
CA MET B 165 -28.40 34.03 -24.82
C MET B 165 -28.08 33.76 -26.29
N SER B 166 -29.07 33.35 -27.07
CA SER B 166 -28.77 32.90 -28.43
C SER B 166 -28.35 34.03 -29.33
N ILE B 167 -28.99 35.21 -29.23
CA ILE B 167 -28.60 36.31 -30.13
C ILE B 167 -27.21 36.79 -29.77
N GLY B 168 -26.79 36.61 -28.52
CA GLY B 168 -25.41 36.86 -28.17
C GLY B 168 -24.46 35.86 -28.80
N LYS B 169 -24.85 34.58 -28.85
CA LYS B 169 -24.03 33.59 -29.55
C LYS B 169 -23.86 33.97 -31.01
N TRP B 170 -24.97 34.32 -31.67
CA TRP B 170 -24.94 34.79 -33.05
C TRP B 170 -24.04 36.03 -33.18
N ALA B 171 -24.06 36.91 -32.18
CA ALA B 171 -23.28 38.14 -32.21
C ALA B 171 -21.78 37.90 -31.97
N VAL B 172 -21.40 37.06 -31.01
CA VAL B 172 -19.97 36.84 -30.79
C VAL B 172 -19.39 36.01 -31.92
N GLU B 173 -20.12 34.99 -32.38
CA GLU B 173 -19.67 34.27 -33.56
C GLU B 173 -19.52 35.21 -34.75
N GLY B 174 -20.45 36.16 -34.88
CA GLY B 174 -20.37 37.09 -36.00
C GLY B 174 -19.22 38.07 -35.89
N ILE B 175 -19.08 38.74 -34.74
CA ILE B 175 -18.01 39.73 -34.59
C ILE B 175 -16.65 39.10 -34.84
N GLU B 176 -16.47 37.84 -34.43
CA GLU B 176 -15.19 37.18 -34.65
C GLU B 176 -14.90 36.99 -36.13
N THR B 177 -15.86 36.45 -36.89
CA THR B 177 -15.58 36.24 -38.30
C THR B 177 -15.31 37.57 -38.98
N ARG B 178 -15.99 38.63 -38.54
CA ARG B 178 -15.77 39.95 -39.13
C ARG B 178 -14.40 40.49 -38.73
N ALA B 179 -13.98 40.28 -37.48
CA ALA B 179 -12.67 40.73 -37.04
C ALA B 179 -11.55 39.86 -37.61
N GLN B 180 -11.82 38.58 -37.87
CA GLN B 180 -10.83 37.77 -38.58
C GLN B 180 -10.67 38.25 -40.00
N LEU B 181 -11.70 38.87 -40.57
CA LEU B 181 -11.65 39.30 -41.95
C LEU B 181 -11.34 40.79 -42.10
N LEU B 182 -10.76 41.44 -41.08
CA LEU B 182 -10.55 42.89 -41.09
C LEU B 182 -9.60 43.39 -42.18
N ASP B 183 -8.93 42.51 -42.92
CA ASP B 183 -7.98 42.92 -43.95
C ASP B 183 -8.31 42.38 -45.31
N SER B 184 -9.24 41.43 -45.40
CA SER B 184 -9.80 40.99 -46.67
C SER B 184 -10.79 41.99 -47.23
N ASP B 185 -10.87 43.19 -46.63
CA ASP B 185 -11.85 44.17 -47.06
C ASP B 185 -11.68 44.54 -48.54
N GLY B 186 -10.44 44.65 -48.99
CA GLY B 186 -10.21 45.02 -50.38
C GLY B 186 -10.78 44.02 -51.36
N LEU B 187 -10.74 42.73 -51.02
CA LEU B 187 -11.22 41.70 -51.95
C LEU B 187 -12.71 41.81 -52.21
N LEU B 188 -13.47 42.54 -51.38
CA LEU B 188 -14.90 42.74 -51.65
C LEU B 188 -15.24 44.13 -52.16
N ARG B 189 -14.50 45.18 -51.79
CA ARG B 189 -14.75 46.49 -52.41
C ARG B 189 -14.24 46.52 -53.85
N GLN B 190 -13.17 45.79 -54.18
CA GLN B 190 -12.60 45.87 -55.53
C GLN B 190 -13.13 44.78 -56.45
N SER B 191 -14.44 44.57 -56.47
CA SER B 191 -15.06 43.73 -57.47
C SER B 191 -16.23 44.50 -58.06
N SER B 192 -16.41 44.36 -59.37
CA SER B 192 -17.49 45.06 -60.07
C SER B 192 -18.85 44.86 -59.41
N ASP B 193 -19.09 43.68 -58.82
CA ASP B 193 -20.35 43.38 -58.14
C ASP B 193 -20.06 42.67 -56.82
N PRO B 194 -20.01 43.42 -55.72
CA PRO B 194 -19.79 42.76 -54.43
C PRO B 194 -20.97 41.90 -54.05
N TYR B 195 -22.18 42.28 -54.43
CA TYR B 195 -23.37 41.52 -54.04
C TYR B 195 -23.32 40.12 -54.60
N ILE B 196 -23.11 39.99 -55.91
CA ILE B 196 -23.13 38.65 -56.48
C ILE B 196 -21.97 37.82 -55.95
N LEU B 197 -20.89 38.45 -55.46
CA LEU B 197 -19.83 37.65 -54.83
C LEU B 197 -20.19 37.19 -53.42
N MET B 198 -20.80 38.07 -52.62
CA MET B 198 -21.27 37.67 -51.30
C MET B 198 -22.40 36.66 -51.40
N ARG B 199 -23.39 36.92 -52.27
CA ARG B 199 -24.44 35.96 -52.48
C ARG B 199 -23.90 34.62 -52.99
N GLU B 200 -22.94 34.62 -53.92
CA GLU B 200 -22.47 33.33 -54.39
C GLU B 200 -21.59 32.63 -53.36
N ALA B 201 -21.08 33.38 -52.38
CA ALA B 201 -20.32 32.75 -51.30
C ALA B 201 -21.24 32.16 -50.25
N TYR B 202 -22.47 32.69 -50.14
CA TYR B 202 -23.47 32.04 -49.32
C TYR B 202 -23.85 30.68 -49.90
N PHE B 203 -24.13 30.62 -51.20
CA PHE B 203 -24.41 29.34 -51.82
C PHE B 203 -23.16 28.47 -51.95
N GLN B 204 -21.98 29.07 -51.84
CA GLN B 204 -20.74 28.29 -51.82
C GLN B 204 -20.64 27.47 -50.53
N ARG B 205 -20.68 28.14 -49.37
CA ARG B 205 -20.45 27.45 -48.11
C ARG B 205 -21.58 26.46 -47.84
N HIS B 206 -22.82 26.91 -48.04
CA HIS B 206 -24.02 26.14 -47.71
C HIS B 206 -24.24 24.97 -48.67
N ASP B 207 -23.54 24.95 -49.80
CA ASP B 207 -23.53 23.81 -50.70
C ASP B 207 -22.41 22.84 -50.37
N PHE B 208 -21.29 23.34 -49.88
CA PHE B 208 -20.26 22.44 -49.37
C PHE B 208 -20.73 21.72 -48.11
N ILE B 209 -21.46 22.43 -47.25
CA ILE B 209 -21.97 21.79 -46.03
C ILE B 209 -22.90 20.63 -46.39
N ALA B 210 -23.67 20.75 -47.48
CA ALA B 210 -24.55 19.67 -47.91
C ALA B 210 -23.85 18.61 -48.76
N ASN B 211 -22.55 18.41 -48.53
CA ASN B 211 -21.79 17.33 -49.15
C ASN B 211 -21.09 16.49 -48.07
N ALA C 1 10.62 8.97 -5.64
CA ALA C 1 11.53 8.09 -6.37
C ALA C 1 10.92 7.63 -7.70
N GLU C 2 11.42 8.17 -8.82
CA GLU C 2 10.96 7.76 -10.14
C GLU C 2 11.38 6.33 -10.43
N ILE C 3 10.47 5.37 -10.30
CA ILE C 3 10.82 3.95 -10.46
C ILE C 3 10.35 3.40 -11.81
N TYR C 4 9.87 4.26 -12.70
CA TYR C 4 9.45 3.82 -14.02
C TYR C 4 9.46 5.03 -14.93
N ASN C 5 10.02 4.89 -16.14
CA ASN C 5 9.96 5.96 -17.15
C ASN C 5 10.20 5.33 -18.53
N LYS C 6 9.13 4.88 -19.16
CA LYS C 6 9.20 4.14 -20.41
C LYS C 6 7.91 4.37 -21.19
N ASP C 7 8.03 4.66 -22.49
CA ASP C 7 6.89 4.89 -23.37
C ASP C 7 6.04 6.05 -22.85
N GLY C 8 6.72 7.16 -22.56
CA GLY C 8 6.03 8.38 -22.20
C GLY C 8 5.15 8.28 -20.97
N ASN C 9 5.52 7.44 -20.01
CA ASN C 9 4.83 7.40 -18.74
C ASN C 9 5.89 7.23 -17.68
N LYS C 10 6.02 8.22 -16.78
CA LYS C 10 6.92 8.09 -15.65
C LYS C 10 6.08 7.92 -14.39
N VAL C 11 6.51 7.00 -13.52
CA VAL C 11 5.81 6.67 -12.29
C VAL C 11 6.74 6.92 -11.13
N ASP C 12 6.53 8.01 -10.43
CA ASP C 12 7.19 8.28 -9.17
C ASP C 12 6.44 7.55 -8.06
N LEU C 13 7.09 6.60 -7.38
CA LEU C 13 6.57 5.96 -6.18
C LEU C 13 7.41 6.44 -4.99
N TYR C 14 6.77 7.14 -4.08
CA TYR C 14 7.50 7.77 -2.99
C TYR C 14 6.89 7.38 -1.67
N GLY C 15 7.57 7.73 -0.59
CA GLY C 15 7.05 7.45 0.74
C GLY C 15 7.98 7.99 1.79
N LYS C 16 7.60 7.77 3.05
CA LYS C 16 8.51 8.09 4.13
C LYS C 16 8.17 7.25 5.35
N ALA C 17 9.08 7.27 6.31
CA ALA C 17 8.93 6.67 7.61
C ALA C 17 9.42 7.71 8.61
N VAL C 18 8.52 8.22 9.43
CA VAL C 18 8.84 9.31 10.34
C VAL C 18 8.77 8.81 11.79
N GLY C 19 9.92 8.66 12.46
CA GLY C 19 9.87 8.35 13.87
C GLY C 19 9.57 9.60 14.66
N LEU C 20 8.34 9.75 15.14
CA LEU C 20 7.88 10.93 15.85
C LEU C 20 7.57 10.62 17.30
N HIS C 21 7.73 11.61 18.17
CA HIS C 21 7.38 11.50 19.59
C HIS C 21 7.15 12.88 20.20
N TYR C 22 6.03 13.06 20.89
CA TYR C 22 5.63 14.33 21.50
C TYR C 22 5.87 14.32 22.99
N PHE C 23 6.04 15.50 23.57
CA PHE C 23 6.26 15.65 25.01
C PHE C 23 5.38 16.77 25.55
N SER C 24 4.47 16.45 26.48
CA SER C 24 3.63 17.49 27.10
C SER C 24 3.30 17.13 28.55
N LYS C 25 3.02 18.17 29.37
CA LYS C 25 2.77 17.96 30.80
C LYS C 25 1.69 16.92 31.02
N GLY C 26 1.86 16.13 32.07
CA GLY C 26 0.90 15.09 32.37
C GLY C 26 0.77 14.08 31.22
N ASN C 27 -0.42 13.54 31.09
CA ASN C 27 -0.77 12.63 30.01
C ASN C 27 -1.10 13.36 28.73
N GLY C 28 -0.87 14.67 28.71
CA GLY C 28 -1.00 15.46 27.52
C GLY C 28 -2.42 15.65 27.10
N GLU C 29 -3.36 15.53 28.03
CA GLU C 29 -4.77 15.72 27.70
C GLU C 29 -5.12 17.20 27.52
N ASN C 30 -4.53 18.06 28.34
CA ASN C 30 -4.75 19.50 28.30
C ASN C 30 -3.70 20.25 27.49
N SER C 31 -2.95 19.55 26.65
CA SER C 31 -1.80 20.12 25.97
C SER C 31 -2.18 20.61 24.58
N TYR C 32 -1.23 21.26 23.90
CA TYR C 32 -1.45 21.69 22.52
C TYR C 32 -1.52 20.52 21.55
N GLY C 33 -0.57 19.61 21.62
CA GLY C 33 -0.48 18.58 20.60
C GLY C 33 -0.46 17.13 21.06
N GLY C 34 -0.36 16.87 22.35
CA GLY C 34 -0.44 15.49 22.79
C GLY C 34 0.84 15.03 23.43
N ASN C 35 0.92 13.72 23.67
CA ASN C 35 2.08 13.11 24.33
C ASN C 35 2.21 11.66 23.86
N GLY C 36 3.44 11.23 23.61
CA GLY C 36 3.71 9.84 23.28
C GLY C 36 4.20 9.63 21.86
N ASP C 37 4.18 8.36 21.45
CA ASP C 37 4.66 7.97 20.13
C ASP C 37 3.74 8.53 19.06
N MET C 38 4.32 9.04 17.97
CA MET C 38 3.51 9.56 16.88
C MET C 38 3.96 9.03 15.53
N THR C 39 4.80 8.01 15.53
CA THR C 39 5.39 7.44 14.32
C THR C 39 4.36 7.18 13.23
N TYR C 40 4.70 7.57 12.00
CA TYR C 40 3.87 7.31 10.85
C TYR C 40 4.70 7.06 9.61
N ALA C 41 4.02 6.64 8.56
CA ALA C 41 4.68 6.35 7.30
C ALA C 41 3.71 6.73 6.20
N ARG C 42 4.22 7.17 5.06
CA ARG C 42 3.32 7.47 3.96
C ARG C 42 3.77 6.74 2.71
N LEU C 43 2.86 6.59 1.78
CA LEU C 43 3.20 5.84 0.58
C LEU C 43 2.30 6.37 -0.50
N GLY C 44 2.89 6.78 -1.62
CA GLY C 44 2.07 7.32 -2.69
C GLY C 44 2.72 7.17 -4.04
N PHE C 45 1.93 7.45 -5.08
CA PHE C 45 2.50 7.59 -6.40
C PHE C 45 2.05 8.90 -7.03
N LYS C 46 2.92 9.48 -7.86
CA LYS C 46 2.53 10.45 -8.87
C LYS C 46 2.81 9.83 -10.22
N GLY C 47 1.80 9.84 -11.06
CA GLY C 47 1.94 9.32 -12.40
C GLY C 47 1.83 10.50 -13.32
N GLU C 48 2.34 10.32 -14.53
CA GLU C 48 2.48 11.43 -15.47
C GLU C 48 2.71 10.79 -16.83
N THR C 49 1.80 11.03 -17.77
CA THR C 49 1.86 10.40 -19.08
C THR C 49 1.91 11.49 -20.14
N GLN C 50 2.87 11.36 -21.05
CA GLN C 50 2.97 12.28 -22.16
C GLN C 50 2.02 11.77 -23.23
N ILE C 51 0.90 12.45 -23.40
CA ILE C 51 -0.05 12.03 -24.42
C ILE C 51 0.42 12.48 -25.79
N ASN C 52 0.81 13.76 -25.90
CA ASN C 52 1.49 14.30 -27.07
C ASN C 52 2.02 15.69 -26.73
N SER C 53 2.26 16.48 -27.77
CA SER C 53 2.88 17.78 -27.60
C SER C 53 2.09 18.68 -26.66
N ASP C 54 0.76 18.61 -26.72
CA ASP C 54 -0.09 19.50 -25.94
C ASP C 54 -0.55 18.83 -24.64
N LEU C 55 -1.12 17.65 -24.76
CA LEU C 55 -1.78 16.99 -23.64
C LEU C 55 -0.79 16.25 -22.74
N THR C 56 -0.86 16.52 -21.45
CA THR C 56 -0.24 15.66 -20.46
C THR C 56 -1.33 15.19 -19.51
N GLY C 57 -1.31 13.91 -19.17
CA GLY C 57 -2.26 13.33 -18.24
C GLY C 57 -1.54 12.92 -16.97
N TYR C 58 -2.16 13.15 -15.82
CA TYR C 58 -1.53 12.82 -14.55
C TYR C 58 -2.54 12.15 -13.62
N GLY C 59 -2.02 11.41 -12.65
CA GLY C 59 -2.84 10.89 -11.56
C GLY C 59 -2.03 10.66 -10.30
N GLN C 60 -2.53 11.06 -9.14
CA GLN C 60 -1.77 10.96 -7.91
C GLN C 60 -2.59 10.27 -6.82
N TRP C 61 -1.95 9.39 -6.04
CA TRP C 61 -2.57 8.77 -4.90
C TRP C 61 -1.60 8.72 -3.73
N GLU C 62 -2.04 9.18 -2.57
CA GLU C 62 -1.18 9.28 -1.40
C GLU C 62 -1.93 8.84 -0.16
N TYR C 63 -1.33 7.93 0.62
CA TYR C 63 -1.94 7.28 1.77
C TYR C 63 -1.08 7.49 3.01
N ASN C 64 -1.70 7.39 4.18
CA ASN C 64 -1.05 7.57 5.48
C ASN C 64 -1.24 6.28 6.28
N PHE C 65 -0.18 5.52 6.45
CA PHE C 65 -0.23 4.41 7.39
C PHE C 65 0.32 4.91 8.72
N GLN C 66 -0.36 4.57 9.80
CA GLN C 66 0.09 4.93 11.14
C GLN C 66 0.93 3.82 11.72
N GLY C 67 1.89 4.20 12.54
CA GLY C 67 2.78 3.25 13.18
C GLY C 67 2.79 3.32 14.69
N ASN C 68 1.97 4.18 15.27
CA ASN C 68 1.81 4.20 16.72
C ASN C 68 0.59 3.40 17.17
N ASN C 69 -0.02 2.61 16.29
CA ASN C 69 -1.09 1.71 16.71
C ASN C 69 -0.53 0.34 17.03
N SER C 70 -1.31 -0.42 17.78
CA SER C 70 -0.94 -1.81 18.00
C SER C 70 -1.41 -2.62 16.81
N GLU C 71 -1.06 -3.91 16.80
CA GLU C 71 -1.51 -4.83 15.77
C GLU C 71 -2.87 -5.44 16.12
N GLY C 72 -3.52 -4.90 17.13
CA GLY C 72 -4.79 -5.39 17.60
C GLY C 72 -5.99 -4.55 17.22
N ALA C 73 -6.83 -4.31 18.23
CA ALA C 73 -8.16 -3.75 18.02
C ALA C 73 -8.10 -2.40 17.32
N ASP C 74 -7.07 -1.60 17.57
CA ASP C 74 -6.99 -0.24 17.06
C ASP C 74 -6.10 -0.11 15.83
N ALA C 75 -5.89 -1.21 15.10
CA ALA C 75 -4.81 -1.27 14.13
C ALA C 75 -4.95 -0.21 13.05
N GLN C 76 -6.17 0.06 12.58
CA GLN C 76 -6.34 1.05 11.52
C GLN C 76 -6.62 2.45 12.02
N THR C 77 -6.61 2.71 13.32
CA THR C 77 -6.87 4.07 13.79
C THR C 77 -5.99 5.06 13.07
N GLY C 78 -6.59 5.99 12.34
CA GLY C 78 -5.79 7.02 11.71
C GLY C 78 -5.18 6.68 10.36
N ASN C 79 -5.33 5.47 9.84
CA ASN C 79 -5.02 5.24 8.42
C ASN C 79 -6.00 6.00 7.52
N LYS C 80 -5.48 6.64 6.48
CA LYS C 80 -6.37 7.39 5.62
C LYS C 80 -5.73 7.52 4.25
N THR C 81 -6.55 7.91 3.27
CA THR C 81 -6.09 8.31 1.95
C THR C 81 -6.08 9.83 1.89
N ARG C 82 -4.89 10.42 1.74
CA ARG C 82 -4.78 11.88 1.76
C ARG C 82 -5.13 12.50 0.42
N LEU C 83 -4.70 11.87 -0.67
CA LEU C 83 -5.01 12.37 -1.99
C LEU C 83 -5.34 11.19 -2.89
N ALA C 84 -6.26 11.42 -3.80
CA ALA C 84 -6.45 10.52 -4.93
C ALA C 84 -7.26 11.29 -5.95
N PHE C 85 -6.60 11.66 -7.05
CA PHE C 85 -7.21 12.35 -8.17
C PHE C 85 -6.50 12.01 -9.47
N ALA C 86 -7.14 12.38 -10.56
CA ALA C 86 -6.59 12.31 -11.89
C ALA C 86 -6.92 13.64 -12.60
N GLY C 87 -6.27 13.90 -13.72
CA GLY C 87 -6.50 15.18 -14.37
C GLY C 87 -5.82 15.25 -15.71
N LEU C 88 -5.84 16.45 -16.28
CA LEU C 88 -5.31 16.75 -17.60
C LEU C 88 -4.67 18.13 -17.58
N LYS C 89 -3.50 18.22 -18.16
CA LYS C 89 -2.78 19.47 -18.35
C LYS C 89 -2.72 19.71 -19.85
N TYR C 90 -3.31 20.82 -20.30
CA TYR C 90 -3.32 21.17 -21.71
C TYR C 90 -2.22 22.20 -21.96
N ALA C 91 -1.36 21.91 -22.95
CA ALA C 91 -0.35 22.80 -23.50
C ALA C 91 -0.12 24.07 -22.69
N ASP C 92 -0.89 25.11 -22.99
CA ASP C 92 -0.69 26.41 -22.36
C ASP C 92 -1.89 26.90 -21.58
N VAL C 93 -3.02 26.22 -21.70
CA VAL C 93 -4.29 26.70 -21.17
C VAL C 93 -4.71 25.96 -19.91
N GLY C 94 -3.73 25.48 -19.14
CA GLY C 94 -3.97 25.10 -17.76
C GLY C 94 -4.16 23.62 -17.50
N SER C 95 -4.78 23.35 -16.35
CA SER C 95 -4.88 22.00 -15.82
C SER C 95 -6.21 21.79 -15.11
N PHE C 96 -6.79 20.61 -15.30
CA PHE C 96 -8.09 20.27 -14.75
C PHE C 96 -8.01 18.89 -14.15
N ASP C 97 -8.26 18.77 -12.84
CA ASP C 97 -8.18 17.50 -12.12
C ASP C 97 -9.31 17.43 -11.10
N TYR C 98 -10.03 16.30 -11.12
CA TYR C 98 -11.10 16.00 -10.19
C TYR C 98 -10.72 14.82 -9.29
N GLY C 99 -10.93 14.99 -7.98
CA GLY C 99 -10.72 13.89 -7.04
C GLY C 99 -10.62 14.40 -5.61
N ARG C 100 -9.91 13.64 -4.78
CA ARG C 100 -9.59 14.12 -3.44
C ARG C 100 -8.28 14.87 -3.53
N ASN C 101 -8.33 16.18 -3.25
CA ASN C 101 -7.21 17.09 -3.49
C ASN C 101 -7.34 18.31 -2.58
N TYR C 102 -6.39 19.21 -2.67
CA TYR C 102 -6.37 20.32 -1.74
C TYR C 102 -7.42 21.36 -2.14
N GLY C 103 -8.02 21.98 -1.12
CA GLY C 103 -8.92 23.07 -1.38
C GLY C 103 -8.17 24.27 -1.89
N VAL C 104 -8.94 25.19 -2.47
CA VAL C 104 -8.33 26.33 -3.12
C VAL C 104 -7.85 27.37 -2.12
N VAL C 105 -8.53 27.55 -0.99
CA VAL C 105 -8.05 28.53 -0.03
C VAL C 105 -6.77 28.05 0.64
N TYR C 106 -6.37 26.80 0.39
CA TYR C 106 -5.01 26.38 0.75
C TYR C 106 -3.95 27.04 -0.10
N ASP C 107 -4.30 27.42 -1.35
CA ASP C 107 -3.38 28.19 -2.17
C ASP C 107 -2.82 29.39 -1.43
N ALA C 108 -3.62 29.99 -0.54
CA ALA C 108 -3.11 31.08 0.28
C ALA C 108 -2.46 30.56 1.55
N LEU C 109 -3.08 29.58 2.19
CA LEU C 109 -2.56 29.18 3.48
C LEU C 109 -1.24 28.43 3.37
N GLY C 110 -0.97 27.82 2.21
CA GLY C 110 0.32 27.16 2.00
C GLY C 110 1.51 28.06 2.27
N TYR C 111 1.34 29.36 2.09
CA TYR C 111 2.41 30.30 2.39
C TYR C 111 3.01 30.04 3.79
N THR C 112 2.16 29.89 4.81
CA THR C 112 2.63 29.78 6.18
C THR C 112 2.61 28.35 6.72
N ASP C 113 2.63 27.35 5.85
CA ASP C 113 2.52 25.98 6.35
C ASP C 113 3.88 25.32 6.23
N MET C 114 4.92 25.96 6.78
CA MET C 114 6.30 25.54 6.53
C MET C 114 6.98 24.95 7.76
N LEU C 115 6.25 24.75 8.85
CA LEU C 115 6.87 24.43 10.13
C LEU C 115 7.34 22.97 10.13
N PRO C 116 8.24 22.59 11.06
CA PRO C 116 8.80 21.22 10.97
C PRO C 116 7.76 20.16 11.24
N GLU C 117 6.91 20.39 12.24
CA GLU C 117 5.86 19.44 12.60
C GLU C 117 4.50 20.10 12.84
N PHE C 118 4.44 21.32 13.39
CA PHE C 118 3.18 21.93 13.72
C PHE C 118 2.87 23.02 12.70
N GLY C 119 2.13 24.06 13.13
CA GLY C 119 1.75 25.11 12.23
C GLY C 119 0.70 24.64 11.25
N GLY C 120 0.37 25.53 10.31
CA GLY C 120 -0.70 25.22 9.39
C GLY C 120 -1.99 24.93 10.12
N ASP C 121 -2.25 25.67 11.21
CA ASP C 121 -3.35 25.32 12.09
C ASP C 121 -4.70 25.56 11.46
N THR C 122 -4.82 26.57 10.61
CA THR C 122 -6.12 26.87 10.05
C THR C 122 -6.43 26.05 8.81
N ALA C 123 -5.52 25.20 8.36
CA ALA C 123 -5.80 24.44 7.14
C ALA C 123 -6.41 23.08 7.48
N TYR C 124 -7.60 23.15 8.08
CA TYR C 124 -8.32 21.96 8.55
C TYR C 124 -8.62 21.02 7.39
N SER C 125 -8.35 19.72 7.58
CA SER C 125 -8.70 18.73 6.58
C SER C 125 -10.20 18.43 6.62
N ASP C 126 -10.78 18.21 5.43
CA ASP C 126 -12.21 17.99 5.30
C ASP C 126 -13.00 19.16 5.86
N ASP C 127 -12.64 20.37 5.44
CA ASP C 127 -13.26 21.58 5.92
C ASP C 127 -13.42 22.55 4.75
N PHE C 128 -14.22 22.14 3.75
CA PHE C 128 -14.51 22.98 2.58
C PHE C 128 -13.25 23.28 1.81
N PHE C 129 -12.79 24.54 1.81
CA PHE C 129 -11.76 24.93 0.85
C PHE C 129 -10.34 25.07 1.40
N VAL C 130 -10.13 24.94 2.71
CA VAL C 130 -8.80 25.10 3.30
C VAL C 130 -8.33 23.70 3.62
N GLY C 131 -7.12 23.35 3.26
CA GLY C 131 -6.71 21.95 3.42
C GLY C 131 -7.45 20.97 2.51
N ARG C 132 -7.17 19.69 2.70
CA ARG C 132 -7.66 18.70 1.73
C ARG C 132 -9.16 18.51 1.87
N VAL C 133 -9.76 17.89 0.85
CA VAL C 133 -11.21 17.77 0.71
C VAL C 133 -11.58 16.87 -0.47
N GLY C 134 -12.71 16.18 -0.34
CA GLY C 134 -13.16 15.23 -1.36
C GLY C 134 -14.03 15.87 -2.45
N GLY C 135 -14.16 15.17 -3.58
CA GLY C 135 -15.02 15.63 -4.67
C GLY C 135 -14.81 17.08 -5.07
N VAL C 136 -13.60 17.41 -5.51
CA VAL C 136 -13.28 18.74 -6.04
C VAL C 136 -12.77 18.59 -7.45
N ALA C 137 -13.45 19.31 -8.35
CA ALA C 137 -12.96 19.59 -9.69
C ALA C 137 -12.19 20.90 -9.62
N THR C 138 -10.95 20.88 -10.09
CA THR C 138 -10.11 22.06 -9.98
C THR C 138 -9.51 22.39 -11.34
N TYR C 139 -9.67 23.62 -11.79
CA TYR C 139 -8.96 24.12 -12.95
C TYR C 139 -7.96 25.12 -12.42
N ARG C 140 -6.70 24.92 -12.80
CA ARG C 140 -5.59 25.81 -12.47
C ARG C 140 -4.87 26.20 -13.75
N ASN C 141 -4.26 27.37 -13.72
CA ASN C 141 -3.59 27.90 -14.90
C ASN C 141 -2.42 28.79 -14.48
N SER C 142 -1.20 28.43 -14.91
CA SER C 142 -0.01 29.19 -14.53
C SER C 142 0.52 30.05 -15.67
N ASN C 143 0.99 31.25 -15.33
CA ASN C 143 1.51 32.22 -16.29
C ASN C 143 0.45 32.71 -17.28
N PHE C 144 -0.80 32.78 -16.85
CA PHE C 144 -1.95 33.38 -17.55
C PHE C 144 -1.97 33.07 -19.06
N PHE C 145 -2.12 31.79 -19.40
CA PHE C 145 -2.20 31.33 -20.79
C PHE C 145 -0.95 31.66 -21.57
N GLY C 146 0.20 31.63 -20.88
CA GLY C 146 1.49 31.98 -21.44
C GLY C 146 1.77 33.46 -21.56
N LEU C 147 0.80 34.33 -21.22
CA LEU C 147 0.92 35.75 -21.51
C LEU C 147 1.54 36.56 -20.38
N VAL C 148 1.36 36.18 -19.12
CA VAL C 148 1.90 36.95 -17.99
C VAL C 148 2.64 36.02 -17.01
N ASP C 149 3.98 36.00 -17.09
CA ASP C 149 4.77 35.07 -16.27
C ASP C 149 4.74 35.45 -14.80
N GLY C 150 4.57 34.43 -13.96
CA GLY C 150 4.49 34.54 -12.52
C GLY C 150 3.09 34.63 -11.96
N LEU C 151 2.09 34.87 -12.80
CA LEU C 151 0.72 35.09 -12.38
C LEU C 151 -0.10 33.83 -12.63
N ASN C 152 -0.59 33.23 -11.56
CA ASN C 152 -1.38 32.00 -11.62
C ASN C 152 -2.75 32.19 -10.97
N PHE C 153 -3.75 31.60 -11.59
CA PHE C 153 -5.06 31.55 -11.00
C PHE C 153 -5.51 30.10 -10.99
N ALA C 154 -6.41 29.82 -10.08
CA ALA C 154 -7.05 28.51 -10.04
C ALA C 154 -8.46 28.72 -9.58
N VAL C 155 -9.37 27.93 -10.13
CA VAL C 155 -10.78 28.05 -9.80
C VAL C 155 -11.32 26.64 -9.66
N GLN C 156 -12.14 26.43 -8.63
CA GLN C 156 -12.49 25.09 -8.20
C GLN C 156 -13.95 25.02 -7.75
N TYR C 157 -14.58 23.94 -8.18
CA TYR C 157 -15.94 23.58 -7.82
C TYR C 157 -15.86 22.45 -6.82
N LEU C 158 -16.66 22.56 -5.74
CA LEU C 158 -16.68 21.59 -4.64
C LEU C 158 -17.97 20.78 -4.77
N GLY C 159 -17.85 19.51 -5.15
CA GLY C 159 -19.02 18.65 -5.22
C GLY C 159 -19.46 18.21 -3.83
N LYS C 160 -20.78 18.19 -3.62
CA LYS C 160 -21.33 17.92 -2.29
C LYS C 160 -20.93 16.54 -1.77
N ASN C 161 -20.42 16.52 -0.53
CA ASN C 161 -20.23 15.31 0.26
C ASN C 161 -21.11 15.45 1.49
N GLU C 162 -22.22 14.71 1.55
CA GLU C 162 -23.11 14.65 2.72
C GLU C 162 -22.80 13.35 3.46
N ARG C 163 -21.94 13.45 4.47
CA ARG C 163 -21.48 12.32 5.26
C ARG C 163 -22.27 12.15 6.57
N ASP C 164 -21.77 11.24 7.42
CA ASP C 164 -22.42 10.89 8.67
C ASP C 164 -22.13 11.91 9.76
N THR C 165 -21.03 12.59 9.69
CA THR C 165 -20.67 13.60 10.65
C THR C 165 -20.84 14.99 10.04
N ALA C 166 -21.34 15.95 10.82
CA ALA C 166 -21.38 17.31 10.33
C ALA C 166 -19.97 17.86 10.06
N ARG C 167 -18.99 17.39 10.83
CA ARG C 167 -17.61 17.86 10.70
C ARG C 167 -17.05 17.60 9.32
N ARG C 168 -17.41 16.48 8.72
CA ARG C 168 -16.76 16.03 7.50
C ARG C 168 -17.69 16.12 6.29
N SER C 169 -18.69 17.00 6.33
CA SER C 169 -19.69 17.12 5.27
C SER C 169 -19.71 18.55 4.73
N ASN C 170 -20.21 18.68 3.49
CA ASN C 170 -20.25 19.95 2.79
C ASN C 170 -21.30 19.91 1.68
N GLY C 171 -21.86 21.07 1.37
CA GLY C 171 -22.68 21.27 0.20
C GLY C 171 -21.85 21.59 -1.02
N ASP C 172 -22.51 22.12 -2.04
CA ASP C 172 -21.81 22.49 -3.27
C ASP C 172 -21.18 23.89 -3.10
N GLY C 173 -19.97 24.07 -3.61
CA GLY C 173 -19.33 25.36 -3.49
C GLY C 173 -18.43 25.66 -4.67
N VAL C 174 -18.08 26.92 -4.82
CA VAL C 174 -17.20 27.32 -5.91
C VAL C 174 -16.10 28.13 -5.24
N GLY C 175 -14.93 28.16 -5.84
CA GLY C 175 -13.85 28.95 -5.25
C GLY C 175 -12.67 29.06 -6.18
N GLY C 176 -11.86 30.08 -5.94
CA GLY C 176 -10.73 30.33 -6.79
C GLY C 176 -9.62 31.00 -6.01
N SER C 177 -8.46 31.06 -6.66
CA SER C 177 -7.30 31.73 -6.09
C SER C 177 -6.49 32.38 -7.21
N ILE C 178 -5.73 33.41 -6.83
CA ILE C 178 -4.78 34.12 -7.67
C ILE C 178 -3.51 34.36 -6.88
N SER C 179 -2.35 34.15 -7.53
CA SER C 179 -1.05 34.43 -6.94
C SER C 179 -0.14 35.11 -7.97
N TYR C 180 0.63 36.09 -7.51
CA TYR C 180 1.73 36.62 -8.29
C TYR C 180 3.05 36.38 -7.56
N GLU C 181 4.03 35.79 -8.26
CA GLU C 181 5.37 35.59 -7.72
C GLU C 181 6.37 36.31 -8.63
N TYR C 182 7.15 37.21 -8.05
CA TYR C 182 8.05 38.08 -8.81
C TYR C 182 9.33 38.27 -8.00
N GLU C 183 10.40 37.58 -8.42
CA GLU C 183 11.74 37.80 -7.88
C GLU C 183 11.72 37.61 -6.36
N GLY C 184 11.33 36.39 -5.96
CA GLY C 184 11.37 35.96 -4.57
C GLY C 184 10.15 36.30 -3.75
N PHE C 185 9.37 37.30 -4.15
CA PHE C 185 8.14 37.64 -3.45
C PHE C 185 6.96 36.87 -3.98
N GLY C 186 5.92 36.80 -3.17
CA GLY C 186 4.72 36.10 -3.51
C GLY C 186 3.56 36.76 -2.81
N ILE C 187 2.58 37.17 -3.60
CA ILE C 187 1.31 37.64 -3.07
C ILE C 187 0.28 36.58 -3.46
N VAL C 188 -0.75 36.36 -2.63
CA VAL C 188 -1.72 35.30 -2.93
C VAL C 188 -3.07 35.61 -2.29
N GLY C 189 -4.14 35.21 -2.97
CA GLY C 189 -5.48 35.43 -2.48
C GLY C 189 -6.41 34.31 -2.90
N ALA C 190 -7.21 33.83 -1.97
CA ALA C 190 -8.07 32.70 -2.26
C ALA C 190 -9.43 32.95 -1.61
N TYR C 191 -10.49 32.49 -2.29
CA TYR C 191 -11.82 32.61 -1.70
C TYR C 191 -12.72 31.53 -2.27
N GLY C 192 -13.42 30.85 -1.37
CA GLY C 192 -14.42 29.88 -1.76
C GLY C 192 -15.60 29.98 -0.81
N ALA C 193 -16.75 29.56 -1.31
CA ALA C 193 -17.96 29.55 -0.50
C ALA C 193 -18.83 28.39 -0.96
N ALA C 194 -19.61 27.86 -0.03
CA ALA C 194 -20.32 26.61 -0.27
C ALA C 194 -21.49 26.49 0.68
N ASP C 195 -22.54 25.82 0.21
CA ASP C 195 -23.68 25.45 1.03
C ASP C 195 -23.27 24.50 2.16
N ARG C 196 -23.86 24.71 3.34
CA ARG C 196 -23.74 23.81 4.48
C ARG C 196 -24.83 22.75 4.38
N THR C 197 -24.52 21.53 4.76
CA THR C 197 -25.53 20.48 4.69
C THR C 197 -26.55 20.63 5.80
N ASN C 198 -27.69 19.96 5.61
CA ASN C 198 -28.75 19.99 6.63
C ASN C 198 -28.21 19.54 7.99
N LEU C 199 -27.29 18.57 7.99
CA LEU C 199 -26.80 18.07 9.26
C LEU C 199 -25.93 19.13 9.94
N GLN C 200 -25.15 19.89 9.16
CA GLN C 200 -24.40 20.99 9.74
C GLN C 200 -25.30 22.08 10.26
N GLU C 201 -26.47 22.23 9.66
CA GLU C 201 -27.39 23.27 10.11
C GLU C 201 -27.84 22.98 11.53
N ALA C 202 -28.06 21.69 11.83
CA ALA C 202 -28.59 21.19 13.10
C ALA C 202 -27.56 21.06 14.21
N GLN C 203 -26.36 21.62 14.09
CA GLN C 203 -25.35 21.47 15.15
C GLN C 203 -25.48 22.60 16.18
N PRO C 204 -25.28 22.32 17.47
CA PRO C 204 -25.42 23.39 18.49
C PRO C 204 -24.53 24.59 18.24
N LEU C 205 -23.36 24.37 17.65
CA LEU C 205 -22.37 25.40 17.32
C LEU C 205 -22.27 25.60 15.80
N GLY C 206 -22.42 26.84 15.37
CA GLY C 206 -22.43 27.16 13.96
C GLY C 206 -23.84 27.16 13.41
N ASN C 207 -24.19 28.21 12.70
CA ASN C 207 -25.56 28.40 12.22
C ASN C 207 -25.55 29.26 10.96
N GLY C 208 -26.02 28.72 9.86
CA GLY C 208 -26.04 29.56 8.68
C GLY C 208 -26.12 28.75 7.41
N LYS C 209 -26.61 29.42 6.36
CA LYS C 209 -27.00 28.71 5.16
C LYS C 209 -25.76 28.29 4.39
N LYS C 210 -24.79 29.20 4.29
CA LYS C 210 -23.60 29.06 3.47
C LYS C 210 -22.34 29.20 4.33
N ALA C 211 -21.31 28.42 4.01
CA ALA C 211 -20.00 28.58 4.62
C ALA C 211 -19.08 29.31 3.66
N GLU C 212 -18.22 30.18 4.19
CA GLU C 212 -17.24 30.82 3.33
C GLU C 212 -15.94 31.04 4.09
N GLN C 213 -14.83 30.84 3.39
CA GLN C 213 -13.47 31.02 3.91
C GLN C 213 -12.70 31.82 2.88
N TRP C 214 -11.89 32.77 3.34
CA TRP C 214 -10.95 33.43 2.45
C TRP C 214 -9.65 33.65 3.18
N ALA C 215 -8.58 33.71 2.40
CA ALA C 215 -7.27 33.89 2.96
C ALA C 215 -6.41 34.60 1.93
N THR C 216 -5.47 35.38 2.45
CA THR C 216 -4.47 36.11 1.69
C THR C 216 -3.11 35.86 2.31
N GLY C 217 -2.07 36.12 1.53
CA GLY C 217 -0.74 35.86 2.04
C GLY C 217 0.42 36.59 1.39
N LEU C 218 1.32 37.11 2.21
CA LEU C 218 2.59 37.66 1.77
C LEU C 218 3.71 36.69 2.06
N LYS C 219 4.69 36.63 1.18
CA LYS C 219 5.81 35.77 1.43
C LYS C 219 7.04 36.36 0.75
N TYR C 220 8.20 35.96 1.23
CA TYR C 220 9.49 36.34 0.63
C TYR C 220 10.41 35.13 0.67
N ASP C 221 10.56 34.44 -0.46
CA ASP C 221 11.30 33.18 -0.54
C ASP C 221 12.49 33.41 -1.46
N ALA C 222 13.64 33.70 -0.87
CA ALA C 222 14.83 34.10 -1.61
C ALA C 222 15.99 34.25 -0.64
N ASN C 223 17.17 33.79 -1.07
CA ASN C 223 18.46 34.02 -0.38
C ASN C 223 18.60 33.22 0.93
N ASN C 224 18.15 31.96 0.90
CA ASN C 224 18.15 31.07 2.07
C ASN C 224 17.28 31.61 3.20
N ILE C 225 16.37 32.53 2.87
CA ILE C 225 15.46 33.14 3.82
C ILE C 225 14.04 32.80 3.38
N TYR C 226 13.15 32.69 4.36
CA TYR C 226 11.73 32.50 4.11
C TYR C 226 10.97 33.33 5.13
N LEU C 227 10.23 34.31 4.65
CA LEU C 227 9.25 34.99 5.48
C LEU C 227 7.87 34.77 4.86
N ALA C 228 6.84 34.66 5.70
CA ALA C 228 5.50 34.42 5.19
C ALA C 228 4.50 34.94 6.19
N ALA C 229 3.46 35.58 5.71
CA ALA C 229 2.30 35.96 6.49
C ALA C 229 1.07 35.43 5.78
N ASN C 230 0.07 35.03 6.57
CA ASN C 230 -1.26 34.73 6.08
C ASN C 230 -2.29 35.43 6.93
N TYR C 231 -3.28 36.04 6.31
CA TYR C 231 -4.45 36.50 7.03
C TYR C 231 -5.70 35.97 6.33
N GLY C 232 -6.68 35.58 7.12
CA GLY C 232 -7.87 34.97 6.56
C GLY C 232 -9.01 35.03 7.54
N GLU C 233 -10.22 35.08 7.00
CA GLU C 233 -11.45 35.06 7.79
C GLU C 233 -12.34 33.93 7.29
N THR C 234 -13.06 33.29 8.21
CA THR C 234 -14.10 32.31 7.86
C THR C 234 -15.45 32.68 8.50
N ARG C 235 -16.53 32.39 7.76
CA ARG C 235 -17.90 32.46 8.28
C ARG C 235 -18.47 31.04 8.22
N ASN C 236 -18.75 30.45 9.40
CA ASN C 236 -19.49 29.18 9.54
C ASN C 236 -18.71 27.98 8.99
N ALA C 237 -17.39 28.01 9.08
CA ALA C 237 -16.63 26.91 8.50
C ALA C 237 -15.60 26.31 9.44
N THR C 238 -14.88 27.11 10.21
CA THR C 238 -13.83 26.57 11.07
C THR C 238 -14.46 25.66 12.13
N PRO C 239 -14.22 24.34 12.10
CA PRO C 239 -14.87 23.49 13.10
C PRO C 239 -14.36 23.78 14.48
N ILE C 240 -15.28 23.72 15.44
CA ILE C 240 -14.99 23.91 16.83
C ILE C 240 -15.61 22.76 17.60
N THR C 241 -15.38 22.77 18.90
CA THR C 241 -15.88 21.82 19.88
C THR C 241 -15.71 22.36 21.29
N ASN C 242 -16.81 22.45 22.03
CA ASN C 242 -16.75 22.83 23.43
C ASN C 242 -16.53 21.56 24.25
N LYS C 243 -15.31 21.37 24.75
CA LYS C 243 -15.05 20.19 25.55
C LYS C 243 -15.73 20.24 26.91
N PHE C 244 -16.37 21.34 27.29
CA PHE C 244 -17.02 21.41 28.58
C PHE C 244 -18.44 20.83 28.56
N THR C 245 -19.22 21.21 27.55
CA THR C 245 -20.55 20.69 27.30
C THR C 245 -20.54 19.50 26.36
N ASN C 246 -19.41 19.13 25.81
CA ASN C 246 -19.33 18.03 24.86
C ASN C 246 -20.22 18.28 23.63
N THR C 247 -20.52 19.55 23.32
CA THR C 247 -21.09 19.90 22.02
C THR C 247 -19.97 20.18 21.03
N SER C 248 -20.33 20.22 19.75
CA SER C 248 -19.37 20.56 18.71
C SER C 248 -20.08 21.39 17.65
N GLY C 249 -19.41 21.60 16.53
CA GLY C 249 -19.99 22.44 15.50
C GLY C 249 -19.03 23.25 14.66
N PHE C 250 -19.30 24.56 14.49
CA PHE C 250 -18.51 25.45 13.66
C PHE C 250 -18.46 26.86 14.27
N ALA C 251 -17.32 27.50 14.12
CA ALA C 251 -17.22 28.86 14.61
C ALA C 251 -18.02 29.81 13.73
N ASN C 252 -18.68 30.79 14.36
CA ASN C 252 -19.52 31.65 13.54
C ASN C 252 -18.66 32.58 12.73
N LYS C 253 -17.49 32.92 13.24
CA LYS C 253 -16.51 33.76 12.57
C LYS C 253 -15.16 33.43 13.20
N THR C 254 -14.13 33.44 12.36
CA THR C 254 -12.76 33.34 12.85
C THR C 254 -11.92 34.35 12.09
N GLN C 255 -10.94 34.90 12.79
CA GLN C 255 -9.98 35.86 12.28
C GLN C 255 -8.60 35.25 12.55
N ASP C 256 -7.87 34.95 11.48
CA ASP C 256 -6.72 34.06 11.57
C ASP C 256 -5.45 34.79 11.15
N VAL C 257 -4.39 34.60 11.92
CA VAL C 257 -3.08 35.18 11.63
C VAL C 257 -2.05 34.06 11.61
N LEU C 258 -1.19 34.07 10.61
CA LEU C 258 -0.09 33.11 10.59
C LEU C 258 1.17 33.79 10.06
N LEU C 259 2.26 33.72 10.84
CA LEU C 259 3.54 34.31 10.49
C LEU C 259 4.64 33.26 10.62
N VAL C 260 5.51 33.16 9.61
CA VAL C 260 6.63 32.23 9.62
C VAL C 260 7.90 32.98 9.26
N ALA C 261 9.00 32.65 9.94
CA ALA C 261 10.35 33.11 9.60
C ALA C 261 11.33 31.97 9.82
N GLN C 262 12.05 31.57 8.78
CA GLN C 262 13.06 30.53 8.92
C GLN C 262 14.26 30.83 8.03
N TYR C 263 15.43 30.34 8.44
CA TYR C 263 16.68 30.49 7.67
C TYR C 263 17.37 29.14 7.48
N GLN C 264 17.89 28.90 6.29
CA GLN C 264 18.54 27.64 5.95
C GLN C 264 20.06 27.86 5.92
N PHE C 265 20.77 27.29 6.89
CA PHE C 265 22.22 27.39 6.95
C PHE C 265 22.87 26.44 5.96
N ASP C 266 24.07 26.83 5.53
CA ASP C 266 24.80 26.06 4.53
C ASP C 266 25.23 24.71 5.06
N PHE C 267 25.28 24.54 6.38
CA PHE C 267 25.71 23.29 6.97
C PHE C 267 24.57 22.33 7.25
N GLY C 268 23.32 22.74 7.02
CA GLY C 268 22.19 21.82 7.05
C GLY C 268 21.00 22.23 7.91
N LEU C 269 21.23 23.08 8.92
CA LEU C 269 20.22 23.42 9.89
C LEU C 269 19.33 24.56 9.39
N ARG C 270 18.02 24.36 9.48
CA ARG C 270 16.99 25.34 9.10
C ARG C 270 16.17 25.70 10.33
N PRO C 271 16.66 26.59 11.19
CA PRO C 271 15.85 27.03 12.32
C PRO C 271 14.63 27.75 11.81
N SER C 272 13.56 27.73 12.61
CA SER C 272 12.33 28.44 12.26
C SER C 272 11.67 29.01 13.51
N ILE C 273 10.90 30.08 13.31
CA ILE C 273 10.00 30.57 14.34
C ILE C 273 8.67 30.93 13.71
N ALA C 274 7.59 30.77 14.48
CA ALA C 274 6.23 31.01 14.01
C ALA C 274 5.39 31.63 15.11
N TYR C 275 4.29 32.27 14.69
CA TYR C 275 3.24 32.78 15.56
C TYR C 275 1.91 32.47 14.89
N THR C 276 0.93 32.01 15.67
CA THR C 276 -0.41 31.72 15.12
C THR C 276 -1.48 32.16 16.09
N LYS C 277 -2.52 32.84 15.60
CA LYS C 277 -3.66 33.15 16.45
C LYS C 277 -4.92 33.09 15.60
N SER C 278 -5.72 32.05 15.84
CA SER C 278 -7.03 31.85 15.24
C SER C 278 -8.01 32.24 16.34
N LYS C 279 -8.66 33.41 16.20
CA LYS C 279 -9.65 33.87 17.17
C LYS C 279 -11.04 33.58 16.64
N ALA C 280 -11.85 32.87 17.42
CA ALA C 280 -13.23 32.64 17.06
C ALA C 280 -14.12 33.73 17.65
N LYS C 281 -15.11 34.17 16.86
CA LYS C 281 -16.00 35.23 17.27
C LYS C 281 -17.43 34.72 17.19
N ASP C 282 -18.24 35.14 18.16
CA ASP C 282 -19.66 34.86 18.19
C ASP C 282 -19.97 33.37 18.26
N VAL C 283 -19.16 32.61 19.02
CA VAL C 283 -19.46 31.20 19.26
C VAL C 283 -20.69 31.12 20.15
N GLU C 284 -21.62 30.22 19.81
CA GLU C 284 -22.88 30.06 20.54
C GLU C 284 -22.65 29.88 22.04
N GLY C 285 -23.27 30.75 22.83
CA GLY C 285 -23.20 30.69 24.27
C GLY C 285 -21.86 31.04 24.90
N ILE C 286 -20.85 31.39 24.08
CA ILE C 286 -19.49 31.69 24.54
C ILE C 286 -19.07 33.12 24.20
N GLY C 287 -19.20 33.50 22.93
CA GLY C 287 -18.79 34.83 22.54
C GLY C 287 -17.51 34.75 21.75
N ASP C 288 -16.57 35.68 22.01
CA ASP C 288 -15.23 35.57 21.45
C ASP C 288 -14.41 34.50 22.17
N VAL C 289 -13.62 33.76 21.40
CA VAL C 289 -12.80 32.73 22.05
C VAL C 289 -11.65 32.28 21.15
N ASP C 290 -10.47 32.20 21.73
CA ASP C 290 -9.28 31.85 20.95
C ASP C 290 -9.26 30.36 20.75
N LEU C 291 -9.14 29.94 19.51
CA LEU C 291 -9.01 28.53 19.16
C LEU C 291 -7.56 28.10 19.07
N VAL C 292 -6.68 29.02 18.66
CA VAL C 292 -5.25 28.77 18.45
C VAL C 292 -4.54 30.03 18.92
N ASN C 293 -3.37 29.85 19.53
CA ASN C 293 -2.57 30.99 19.97
C ASN C 293 -1.21 30.55 20.46
N TYR C 294 -0.16 30.80 19.69
CA TYR C 294 1.16 30.35 20.12
C TYR C 294 2.27 31.07 19.39
N PHE C 295 3.47 31.00 20.00
CA PHE C 295 4.79 31.15 19.36
C PHE C 295 5.46 29.79 19.23
N GLU C 296 6.07 29.52 18.08
CA GLU C 296 6.78 28.27 17.89
C GLU C 296 8.24 28.54 17.53
N VAL C 297 9.18 27.83 18.16
CA VAL C 297 10.58 27.79 17.77
C VAL C 297 10.99 26.35 17.47
N GLY C 298 11.66 26.12 16.35
CA GLY C 298 11.94 24.76 15.93
C GLY C 298 13.15 24.75 15.02
N ALA C 299 13.51 23.54 14.57
CA ALA C 299 14.66 23.40 13.69
C ALA C 299 14.60 22.07 12.97
N THR C 300 14.78 22.07 11.66
CA THR C 300 15.07 20.83 10.95
C THR C 300 16.52 20.86 10.52
N TYR C 301 17.24 19.76 10.74
CA TYR C 301 18.58 19.57 10.22
C TYR C 301 18.52 18.58 9.06
N TYR C 302 19.06 18.95 7.91
CA TYR C 302 18.95 18.14 6.72
C TYR C 302 20.25 17.41 6.50
N PHE C 303 20.20 16.08 6.58
CA PHE C 303 21.40 15.31 6.27
C PHE C 303 21.61 15.25 4.76
N ASN C 304 20.53 15.04 4.01
CA ASN C 304 20.52 15.21 2.57
C ASN C 304 19.06 15.22 2.13
N LYS C 305 18.80 14.99 0.84
CA LYS C 305 17.44 14.96 0.33
C LYS C 305 16.65 13.75 0.83
N ASN C 306 17.27 12.83 1.57
CA ASN C 306 16.60 11.61 2.00
C ASN C 306 16.51 11.41 3.50
N MET C 307 17.28 12.12 4.31
CA MET C 307 17.25 11.92 5.75
C MET C 307 17.25 13.27 6.45
N SER C 308 16.51 13.38 7.55
CA SER C 308 16.40 14.66 8.22
C SER C 308 15.92 14.42 9.65
N THR C 309 16.01 15.45 10.48
CA THR C 309 15.68 15.26 11.89
C THR C 309 15.31 16.63 12.46
N TYR C 310 14.27 16.70 13.28
CA TYR C 310 13.82 18.00 13.73
C TYR C 310 13.35 18.01 15.17
N VAL C 311 13.31 19.23 15.70
CA VAL C 311 12.69 19.55 16.98
C VAL C 311 11.79 20.75 16.76
N ASP C 312 10.56 20.65 17.26
CA ASP C 312 9.53 21.67 17.10
C ASP C 312 8.95 21.94 18.49
N TYR C 313 9.16 23.13 19.03
CA TYR C 313 8.65 23.47 20.37
C TYR C 313 7.59 24.57 20.31
N ILE C 314 6.39 24.27 20.83
CA ILE C 314 5.26 25.21 20.85
C ILE C 314 5.21 25.89 22.22
N ILE C 315 5.21 27.21 22.21
CA ILE C 315 4.90 27.98 23.41
C ILE C 315 3.43 28.39 23.33
N ASN C 316 2.57 27.63 24.01
CA ASN C 316 1.13 27.77 23.91
C ASN C 316 0.66 28.98 24.72
N GLN C 317 -0.17 29.82 24.09
CA GLN C 317 -0.72 30.98 24.77
C GLN C 317 -2.18 30.80 25.16
N ILE C 318 -2.84 29.77 24.61
CA ILE C 318 -4.21 29.44 24.97
C ILE C 318 -4.33 29.39 26.48
N ASP C 319 -5.42 29.95 27.00
CA ASP C 319 -5.53 30.17 28.43
C ASP C 319 -5.94 28.90 29.18
N SER C 320 -5.70 28.90 30.49
CA SER C 320 -6.09 27.77 31.33
C SER C 320 -7.59 27.52 31.31
N ASP C 321 -8.38 28.53 30.96
CA ASP C 321 -9.84 28.51 30.95
C ASP C 321 -10.37 28.95 29.60
N ASN C 322 -9.70 28.53 28.54
CA ASN C 322 -10.24 28.73 27.22
C ASN C 322 -11.61 28.06 27.18
N LYS C 323 -12.65 28.86 26.96
CA LYS C 323 -14.00 28.38 27.23
C LYS C 323 -14.38 27.19 26.38
N LEU C 324 -13.87 27.08 25.16
CA LEU C 324 -14.15 25.83 24.49
C LEU C 324 -13.34 24.68 25.04
N GLY C 325 -12.50 24.91 26.04
CA GLY C 325 -11.64 23.86 26.51
C GLY C 325 -10.40 23.63 25.68
N VAL C 326 -10.09 24.50 24.71
CA VAL C 326 -8.88 24.30 23.93
C VAL C 326 -7.73 24.15 24.91
N GLY C 327 -6.93 23.12 24.69
CA GLY C 327 -5.82 22.84 25.59
C GLY C 327 -4.80 23.95 25.60
N SER C 328 -4.16 24.12 26.77
CA SER C 328 -3.32 25.28 27.07
C SER C 328 -1.87 24.95 27.35
N ASP C 329 -1.52 23.69 27.46
CA ASP C 329 -0.17 23.34 27.85
C ASP C 329 0.72 23.36 26.61
N ASP C 330 2.05 23.44 26.85
CA ASP C 330 3.01 23.43 25.76
C ASP C 330 3.23 22.01 25.25
N THR C 331 3.68 21.93 24.00
CA THR C 331 4.04 20.66 23.39
C THR C 331 5.32 20.80 22.59
N VAL C 332 6.17 19.76 22.63
CA VAL C 332 7.40 19.72 21.82
C VAL C 332 7.51 18.36 21.15
N ALA C 333 7.95 18.36 19.90
CA ALA C 333 8.09 17.15 19.12
C ALA C 333 9.55 16.92 18.75
N VAL C 334 9.89 15.66 18.53
CA VAL C 334 11.19 15.22 18.03
C VAL C 334 10.93 14.22 16.92
N GLY C 335 11.51 14.46 15.76
CA GLY C 335 11.33 13.55 14.63
C GLY C 335 12.63 13.18 13.96
N ILE C 336 12.69 11.95 13.47
CA ILE C 336 13.68 11.53 12.50
C ILE C 336 12.91 11.00 11.32
N VAL C 337 13.29 11.42 10.11
CA VAL C 337 12.51 11.26 8.90
C VAL C 337 13.41 10.70 7.82
N TYR C 338 13.12 9.50 7.36
CA TYR C 338 13.66 9.01 6.11
C TYR C 338 12.58 9.14 5.05
N GLN C 339 12.91 9.76 3.94
CA GLN C 339 11.93 9.92 2.85
C GLN C 339 12.57 9.56 1.53
N PHE C 340 11.77 8.98 0.64
CA PHE C 340 12.31 8.55 -0.64
C PHE C 340 11.39 8.95 -1.80
N SER D 14 51.44 41.37 34.48
CA SER D 14 52.06 41.53 35.79
C SER D 14 51.47 40.51 36.76
N ASP D 15 52.33 39.72 37.43
CA ASP D 15 51.92 38.60 38.25
C ASP D 15 52.10 38.95 39.72
N PRO D 16 51.11 39.56 40.37
CA PRO D 16 51.36 40.12 41.70
C PRO D 16 51.63 39.05 42.75
N LEU D 17 50.97 37.89 42.65
CA LEU D 17 51.14 36.81 43.62
C LEU D 17 52.20 35.79 43.21
N GLU D 18 53.22 36.19 42.44
CA GLU D 18 54.17 35.19 41.93
C GLU D 18 54.77 34.37 43.07
N GLY D 19 55.02 35.01 44.22
CA GLY D 19 55.61 34.29 45.33
C GLY D 19 54.71 33.19 45.89
N PHE D 20 53.42 33.48 46.03
CA PHE D 20 52.46 32.45 46.38
C PHE D 20 52.28 31.46 45.22
N ASN D 21 52.08 31.99 43.99
CA ASN D 21 51.77 31.14 42.84
C ASN D 21 52.92 30.21 42.49
N ARG D 22 54.16 30.67 42.67
CA ARG D 22 55.29 29.75 42.51
C ARG D 22 55.33 28.71 43.62
N THR D 23 55.10 29.13 44.87
CA THR D 23 55.07 28.15 45.97
C THR D 23 54.04 27.08 45.68
N MET D 24 52.90 27.47 45.08
CA MET D 24 51.86 26.51 44.74
C MET D 24 52.13 25.76 43.43
N PHE D 25 52.81 26.38 42.47
CA PHE D 25 53.19 25.59 41.29
C PHE D 25 54.20 24.51 41.67
N ASN D 26 55.18 24.86 42.50
CA ASN D 26 56.06 23.83 43.04
C ASN D 26 55.24 22.74 43.71
N PHE D 27 54.14 23.12 44.37
CA PHE D 27 53.25 22.14 44.98
C PHE D 27 52.65 21.22 43.91
N ASN D 28 52.09 21.80 42.84
CA ASN D 28 51.38 21.00 41.82
C ASN D 28 52.34 20.22 40.93
N PHE D 29 53.36 20.90 40.39
CA PHE D 29 54.24 20.30 39.39
C PHE D 29 55.03 19.12 39.94
N ASN D 30 55.30 19.12 41.24
CA ASN D 30 56.27 18.20 41.81
C ASN D 30 55.74 17.23 42.87
N VAL D 31 54.49 17.34 43.35
CA VAL D 31 54.11 16.33 44.33
C VAL D 31 52.81 15.69 43.89
N VAL D 32 51.86 16.48 43.38
CA VAL D 32 50.58 15.90 43.00
C VAL D 32 50.59 15.40 41.56
N ASP D 33 51.52 15.86 40.73
CA ASP D 33 51.54 15.27 39.39
C ASP D 33 52.23 13.91 39.39
N PRO D 34 53.49 13.79 39.86
CA PRO D 34 54.19 12.52 39.69
C PRO D 34 53.67 11.40 40.56
N TYR D 35 53.06 11.71 41.70
CA TYR D 35 52.63 10.65 42.60
C TYR D 35 51.14 10.35 42.51
N VAL D 36 50.34 11.11 41.74
CA VAL D 36 48.91 10.83 41.65
C VAL D 36 48.43 10.80 40.20
N LEU D 37 48.43 11.96 39.53
CA LEU D 37 47.87 12.06 38.18
C LEU D 37 48.51 11.09 37.19
N ARG D 38 49.85 11.16 37.04
CA ARG D 38 50.53 10.39 35.99
C ARG D 38 50.28 8.88 36.08
N PRO D 39 50.36 8.22 37.26
CA PRO D 39 49.95 6.80 37.30
C PRO D 39 48.51 6.60 36.90
N VAL D 40 47.61 7.46 37.39
CA VAL D 40 46.19 7.36 37.02
C VAL D 40 46.03 7.43 35.51
N ALA D 41 46.75 8.34 34.87
CA ALA D 41 46.67 8.48 33.42
C ALA D 41 47.29 7.30 32.68
N VAL D 42 48.19 6.53 33.30
CA VAL D 42 48.64 5.30 32.67
C VAL D 42 47.55 4.25 32.73
N ALA D 43 47.10 3.93 33.96
CA ALA D 43 46.05 2.94 34.12
C ALA D 43 44.83 3.35 33.35
N TRP D 44 44.67 4.65 33.15
CA TRP D 44 43.60 5.11 32.28
C TRP D 44 43.88 4.68 30.86
N ARG D 45 45.00 5.11 30.30
CA ARG D 45 45.31 4.75 28.93
C ARG D 45 45.62 3.27 28.79
N ASP D 46 46.08 2.60 29.85
CA ASP D 46 46.34 1.15 29.79
C ASP D 46 45.03 0.36 29.77
N TYR D 47 44.21 0.48 30.81
CA TYR D 47 43.11 -0.47 30.99
C TYR D 47 41.78 0.02 30.42
N VAL D 48 41.65 1.28 30.05
CA VAL D 48 40.40 1.83 29.50
C VAL D 48 40.48 1.80 27.98
N PRO D 49 39.46 1.30 27.30
CA PRO D 49 39.52 1.19 25.85
C PRO D 49 39.31 2.54 25.20
N GLN D 50 39.70 2.61 23.92
CA GLN D 50 39.60 3.89 23.20
C GLN D 50 38.18 4.35 23.02
N PRO D 51 37.24 3.52 22.54
CA PRO D 51 35.86 4.01 22.42
C PRO D 51 35.33 4.57 23.72
N ALA D 52 35.73 3.99 24.85
CA ALA D 52 35.29 4.50 26.13
C ALA D 52 35.75 5.94 26.35
N ARG D 53 37.04 6.19 26.09
CA ARG D 53 37.67 7.43 26.51
C ARG D 53 37.15 8.62 25.71
N ASN D 54 37.22 8.54 24.39
CA ASN D 54 36.69 9.63 23.59
C ASN D 54 35.17 9.67 23.64
N GLY D 55 34.51 8.57 24.02
CA GLY D 55 33.10 8.63 24.28
C GLY D 55 32.78 9.45 25.50
N LEU D 56 33.66 9.43 26.50
CA LEU D 56 33.47 10.28 27.66
C LEU D 56 33.74 11.74 27.33
N SER D 57 34.79 12.04 26.55
CA SER D 57 35.01 13.42 26.13
C SER D 57 33.94 13.89 25.17
N ASN D 58 33.37 12.96 24.40
CA ASN D 58 32.15 13.25 23.63
C ASN D 58 31.03 13.68 24.56
N PHE D 59 30.89 12.99 25.69
CA PHE D 59 29.74 13.16 26.55
C PHE D 59 29.85 14.41 27.42
N THR D 60 31.05 14.73 27.90
CA THR D 60 31.20 15.90 28.74
C THR D 60 31.18 17.21 27.96
N SER D 61 31.69 17.23 26.72
CA SER D 61 31.67 18.47 25.94
C SER D 61 30.26 18.81 25.49
N ASN D 62 29.43 17.77 25.31
CA ASN D 62 28.04 17.96 24.98
C ASN D 62 27.34 18.80 26.04
N LEU D 63 27.70 18.61 27.30
CA LEU D 63 27.03 19.31 28.38
C LEU D 63 27.42 20.78 28.42
N GLU D 64 28.56 21.17 27.83
CA GLU D 64 28.85 22.58 27.67
C GLU D 64 28.22 23.21 26.42
N GLU D 65 27.82 22.41 25.44
CA GLU D 65 27.37 22.92 24.15
C GLU D 65 26.25 23.95 24.24
N PRO D 66 25.20 23.77 25.05
CA PRO D 66 24.19 24.81 25.16
C PRO D 66 24.75 26.10 25.73
N ALA D 67 25.71 26.01 26.66
CA ALA D 67 26.32 27.19 27.25
C ALA D 67 27.19 27.93 26.24
N VAL D 68 27.83 27.18 25.33
CA VAL D 68 28.57 27.81 24.24
C VAL D 68 27.61 28.54 23.29
N MET D 69 26.49 27.89 22.94
CA MET D 69 25.48 28.49 22.07
C MET D 69 24.92 29.76 22.68
N VAL D 70 24.68 29.75 24.00
CA VAL D 70 24.23 30.94 24.69
C VAL D 70 25.20 32.09 24.50
N ASN D 71 26.50 31.80 24.70
CA ASN D 71 27.45 32.89 24.76
C ASN D 71 27.90 33.35 23.39
N TYR D 72 27.91 32.47 22.40
CA TYR D 72 28.15 32.97 21.05
C TYR D 72 27.07 33.99 20.67
N PHE D 73 25.81 33.74 21.07
CA PHE D 73 24.77 34.74 20.93
C PHE D 73 25.07 35.98 21.77
N LEU D 74 25.39 35.79 23.06
CA LEU D 74 25.70 36.93 23.93
C LEU D 74 26.82 37.81 23.39
N GLN D 75 27.75 37.23 22.64
CA GLN D 75 28.86 37.99 22.07
C GLN D 75 28.51 38.58 20.72
N GLY D 76 27.55 38.00 20.01
CA GLY D 76 27.06 38.56 18.78
C GLY D 76 27.33 37.73 17.54
N ASP D 77 27.70 36.46 17.69
CA ASP D 77 27.90 35.57 16.55
C ASP D 77 26.81 34.50 16.51
N PRO D 78 25.65 34.79 15.91
CA PRO D 78 24.62 33.75 15.82
C PRO D 78 24.99 32.58 14.95
N TYR D 79 25.89 32.73 13.98
CA TYR D 79 26.26 31.58 13.17
C TYR D 79 26.98 30.53 14.02
N LYS D 80 27.98 30.95 14.79
CA LYS D 80 28.62 29.99 15.69
C LYS D 80 27.61 29.41 16.66
N GLY D 81 26.72 30.24 17.17
CA GLY D 81 25.75 29.74 18.13
C GLY D 81 24.84 28.67 17.55
N MET D 82 24.30 28.93 16.36
CA MET D 82 23.48 27.96 15.64
C MET D 82 24.31 26.77 15.18
N VAL D 83 25.61 26.93 15.01
CA VAL D 83 26.46 25.76 14.79
C VAL D 83 26.52 24.92 16.05
N HIS D 84 26.61 25.57 17.21
CA HIS D 84 26.71 24.82 18.45
C HIS D 84 25.37 24.27 18.90
N PHE D 85 24.26 24.93 18.53
CA PHE D 85 22.97 24.33 18.79
C PHE D 85 22.85 23.01 18.08
N THR D 86 23.22 22.97 16.79
CA THR D 86 23.15 21.72 16.04
C THR D 86 23.97 20.65 16.70
N ARG D 87 25.16 20.99 17.19
CA ARG D 87 26.02 20.07 17.91
C ARG D 87 25.26 19.41 19.06
N PHE D 88 24.70 20.21 19.95
CA PHE D 88 23.99 19.63 21.07
C PHE D 88 22.78 18.85 20.60
N PHE D 89 22.03 19.42 19.64
CA PHE D 89 20.79 18.80 19.17
C PHE D 89 21.06 17.42 18.59
N LEU D 90 21.88 17.36 17.54
CA LEU D 90 22.12 16.06 16.92
C LEU D 90 22.75 15.09 17.91
N ASN D 91 23.71 15.55 18.73
CA ASN D 91 24.40 14.62 19.60
C ASN D 91 23.45 14.04 20.67
N THR D 92 22.67 14.90 21.35
CA THR D 92 21.82 14.38 22.41
C THR D 92 20.72 13.51 21.85
N ILE D 93 19.96 14.02 20.87
CA ILE D 93 18.79 13.29 20.37
C ILE D 93 19.22 12.10 19.55
N LEU D 94 19.83 12.33 18.39
CA LEU D 94 20.24 11.18 17.59
C LEU D 94 21.40 10.45 18.24
N GLY D 95 22.59 11.04 18.22
CA GLY D 95 23.81 10.38 18.66
C GLY D 95 24.01 9.99 20.11
N MET D 96 22.96 9.51 20.77
CA MET D 96 23.06 8.73 22.01
C MET D 96 23.50 9.58 23.22
N GLY D 97 22.76 10.66 23.47
CA GLY D 97 22.96 11.48 24.66
C GLY D 97 24.29 12.18 24.75
N GLY D 98 24.96 12.39 23.64
CA GLY D 98 26.27 12.98 23.63
C GLY D 98 27.41 12.01 23.43
N LEU D 99 27.20 10.72 23.69
CA LEU D 99 28.30 9.76 23.55
C LEU D 99 28.88 9.75 22.15
N ILE D 100 28.04 9.99 21.14
CA ILE D 100 28.48 9.93 19.75
C ILE D 100 28.41 11.32 19.13
N ASP D 101 29.43 11.66 18.35
CA ASP D 101 29.55 12.96 17.71
C ASP D 101 28.92 12.86 16.32
N VAL D 102 27.59 12.97 16.26
CA VAL D 102 26.96 12.95 14.94
C VAL D 102 27.05 14.32 14.28
N ALA D 103 27.04 15.40 15.05
CA ALA D 103 27.16 16.74 14.48
C ALA D 103 28.62 17.03 14.16
N GLY D 104 29.15 16.21 13.26
CA GLY D 104 30.58 16.20 13.05
C GLY D 104 30.84 15.17 12.00
N MET D 105 30.29 13.98 12.18
CA MET D 105 30.18 13.09 11.04
C MET D 105 29.26 13.66 9.97
N ALA D 106 28.41 14.63 10.34
CA ALA D 106 27.49 15.25 9.41
C ALA D 106 28.18 16.25 8.49
N ASN D 107 28.46 17.44 9.00
CA ASN D 107 29.11 18.44 8.19
C ASN D 107 30.50 18.75 8.74
N PRO D 108 31.50 19.00 7.89
CA PRO D 108 32.78 19.51 8.41
C PRO D 108 32.63 20.82 9.14
N GLN D 109 31.65 21.66 8.78
CA GLN D 109 31.51 22.96 9.43
C GLN D 109 31.02 22.85 10.86
N LEU D 110 30.74 21.63 11.32
CA LEU D 110 30.17 21.39 12.64
C LEU D 110 31.14 20.67 13.56
N GLN D 111 32.41 20.50 13.17
CA GLN D 111 33.29 19.67 13.98
C GLN D 111 33.55 20.39 15.31
N ARG D 112 33.86 19.61 16.35
CA ARG D 112 34.02 20.15 17.70
C ARG D 112 35.13 21.20 17.77
N VAL D 113 34.94 22.17 18.68
CA VAL D 113 35.91 23.22 18.94
C VAL D 113 36.02 23.40 20.46
N GLU D 114 36.98 24.24 20.87
CA GLU D 114 37.13 24.62 22.27
C GLU D 114 35.86 25.26 22.82
N PRO D 115 35.60 25.13 24.10
CA PRO D 115 34.40 25.76 24.68
C PRO D 115 34.57 27.27 24.79
N HIS D 116 33.54 27.99 24.39
CA HIS D 116 33.36 29.42 24.64
C HIS D 116 32.27 29.55 25.70
N ARG D 117 32.65 29.89 26.93
CA ARG D 117 31.70 30.06 28.01
C ARG D 117 31.59 31.54 28.37
N PHE D 118 31.02 31.84 29.55
CA PHE D 118 30.82 33.24 29.94
C PHE D 118 32.14 33.94 30.27
N GLY D 119 33.19 33.19 30.59
CA GLY D 119 34.50 33.80 30.71
C GLY D 119 34.93 34.47 29.42
N SER D 120 34.70 33.79 28.28
CA SER D 120 35.04 34.37 27.00
C SER D 120 34.22 35.62 26.74
N THR D 121 32.93 35.58 27.08
CA THR D 121 32.08 36.74 26.87
C THR D 121 32.55 37.94 27.68
N LEU D 122 32.92 37.72 28.94
CA LEU D 122 33.41 38.84 29.76
C LEU D 122 34.59 39.54 29.09
N GLY D 123 35.60 38.77 28.66
CA GLY D 123 36.76 39.38 28.04
C GLY D 123 36.49 39.93 26.65
N HIS D 124 35.62 39.27 25.89
CA HIS D 124 35.23 39.73 24.57
C HIS D 124 34.61 41.12 24.60
N TYR D 125 34.15 41.58 25.76
CA TYR D 125 33.80 42.98 25.96
C TYR D 125 34.83 43.70 26.83
N GLY D 126 36.00 43.09 27.06
CA GLY D 126 37.09 43.80 27.69
C GLY D 126 36.87 44.03 29.17
N VAL D 127 37.16 43.03 30.00
CA VAL D 127 36.98 43.14 31.44
C VAL D 127 38.29 43.04 32.18
N GLY D 128 39.03 41.97 31.97
CA GLY D 128 40.30 41.80 32.63
C GLY D 128 40.23 40.69 33.66
N TYR D 129 41.36 40.02 33.86
CA TYR D 129 41.48 38.92 34.79
C TYR D 129 41.71 39.35 36.23
N GLY D 130 41.90 40.65 36.49
CA GLY D 130 42.35 41.08 37.78
C GLY D 130 43.76 40.55 38.00
N PRO D 131 43.97 39.80 39.08
CA PRO D 131 45.24 39.09 39.26
C PRO D 131 45.13 37.66 38.75
N TYR D 132 46.29 37.12 38.33
CA TYR D 132 46.42 35.69 38.08
C TYR D 132 46.72 34.96 39.39
N VAL D 133 46.17 33.76 39.57
CA VAL D 133 46.52 32.90 40.70
C VAL D 133 46.71 31.47 40.23
N GLN D 134 47.26 30.65 41.12
CA GLN D 134 47.68 29.29 40.78
C GLN D 134 47.38 28.45 42.01
N LEU D 135 46.33 27.65 41.96
CA LEU D 135 45.78 26.87 43.05
C LEU D 135 46.32 25.46 43.08
N PRO D 136 46.58 24.95 44.28
CA PRO D 136 46.96 23.54 44.41
C PRO D 136 45.82 22.67 43.91
N PHE D 137 46.16 21.61 43.16
CA PHE D 137 45.19 20.66 42.60
C PHE D 137 44.37 21.25 41.46
N TYR D 138 43.96 22.53 41.53
CA TYR D 138 43.28 23.12 40.36
C TYR D 138 44.28 23.52 39.29
N GLY D 139 45.34 24.22 39.67
CA GLY D 139 46.22 24.82 38.69
C GLY D 139 45.83 26.26 38.37
N SER D 140 45.82 26.60 37.09
CA SER D 140 45.54 28.00 36.72
C SER D 140 44.11 28.39 37.06
N PHE D 141 43.96 29.61 37.57
CA PHE D 141 42.67 30.17 37.94
C PHE D 141 42.77 31.69 37.81
N THR D 142 41.79 32.31 37.18
CA THR D 142 41.63 33.75 37.28
C THR D 142 40.16 34.01 37.56
N LEU D 143 39.88 35.11 38.25
CA LEU D 143 38.50 35.46 38.57
C LEU D 143 37.62 35.46 37.33
N ARG D 144 38.14 35.94 36.21
CA ARG D 144 37.27 36.19 35.06
C ARG D 144 36.84 34.90 34.38
N ASP D 145 37.77 33.98 34.12
CA ASP D 145 37.38 32.79 33.33
C ASP D 145 37.01 31.63 34.23
N GLU D 146 37.97 31.09 34.96
CA GLU D 146 37.57 30.13 36.00
C GLU D 146 36.66 30.82 37.01
N GLY D 147 35.39 30.46 37.06
CA GLY D 147 34.52 31.25 37.90
C GLY D 147 33.54 32.06 37.08
N GLY D 148 34.03 33.05 36.33
CA GLY D 148 33.17 33.65 35.34
C GLY D 148 32.50 32.63 34.45
N ASP D 149 33.18 31.51 34.17
CA ASP D 149 32.56 30.39 33.45
C ASP D 149 31.44 29.75 34.27
N MET D 150 31.49 29.84 35.60
CA MET D 150 30.48 29.19 36.42
C MET D 150 29.13 29.88 36.33
N ALA D 151 29.05 31.03 35.67
CA ALA D 151 27.75 31.65 35.46
C ALA D 151 26.91 30.77 34.55
N ASP D 152 27.55 29.98 33.69
CA ASP D 152 26.81 29.10 32.80
C ASP D 152 26.25 27.87 33.50
N GLY D 153 26.39 27.79 34.82
CA GLY D 153 25.70 26.80 35.62
C GLY D 153 24.47 27.42 36.25
N LEU D 154 24.04 28.56 35.72
CA LEU D 154 22.85 29.25 36.18
C LEU D 154 21.65 29.06 35.24
N TYR D 155 21.82 28.28 34.18
CA TYR D 155 20.77 28.03 33.20
C TYR D 155 20.99 26.64 32.61
N PRO D 156 19.97 26.05 31.96
CA PRO D 156 19.98 24.61 31.66
C PRO D 156 21.24 23.91 31.17
N VAL D 157 21.12 22.59 31.24
CA VAL D 157 22.15 21.56 31.12
C VAL D 157 23.17 21.63 32.25
N LEU D 158 24.05 22.65 32.29
CA LEU D 158 25.05 22.64 33.37
C LEU D 158 24.44 22.84 34.75
N SER D 159 23.24 23.44 34.82
CA SER D 159 22.49 23.53 36.08
C SER D 159 21.98 22.19 36.57
N TRP D 160 21.91 21.19 35.67
CA TRP D 160 21.38 19.88 35.97
C TRP D 160 22.40 18.96 36.59
N LEU D 161 23.65 19.38 36.68
CA LEU D 161 24.69 18.55 37.28
C LEU D 161 24.74 18.80 38.77
N THR D 162 24.97 17.74 39.56
CA THR D 162 25.17 17.90 40.99
C THR D 162 26.63 18.21 41.26
N TRP D 163 26.90 18.72 42.46
CA TRP D 163 28.28 18.99 42.86
C TRP D 163 29.19 17.77 42.66
N PRO D 164 28.81 16.54 43.07
CA PRO D 164 29.61 15.36 42.64
C PRO D 164 29.67 15.15 41.14
N MET D 165 28.59 15.41 40.41
CA MET D 165 28.66 15.29 38.96
C MET D 165 29.70 16.26 38.40
N SER D 166 29.73 17.49 38.92
CA SER D 166 30.63 18.49 38.38
C SER D 166 32.09 18.17 38.69
N ILE D 167 32.39 17.68 39.90
CA ILE D 167 33.79 17.36 40.24
C ILE D 167 34.25 16.13 39.48
N GLY D 168 33.33 15.21 39.16
CA GLY D 168 33.68 14.10 38.29
C GLY D 168 33.87 14.52 36.84
N LYS D 169 32.96 15.35 36.32
CA LYS D 169 33.15 15.89 34.98
C LYS D 169 34.48 16.59 34.92
N TRP D 170 34.76 17.42 35.92
CA TRP D 170 36.04 18.11 35.97
C TRP D 170 37.21 17.13 36.04
N ALA D 171 37.08 16.07 36.82
CA ALA D 171 38.13 15.07 36.99
C ALA D 171 38.21 14.11 35.81
N VAL D 172 37.08 13.76 35.19
CA VAL D 172 37.15 12.88 34.04
C VAL D 172 37.81 13.60 32.86
N GLU D 173 37.44 14.86 32.64
CA GLU D 173 38.09 15.68 31.62
C GLU D 173 39.58 15.85 31.90
N GLY D 174 39.95 16.13 33.14
CA GLY D 174 41.35 16.38 33.46
C GLY D 174 42.24 15.16 33.26
N ILE D 175 41.80 14.00 33.76
CA ILE D 175 42.55 12.77 33.55
C ILE D 175 42.75 12.51 32.06
N GLU D 176 41.74 12.84 31.23
CA GLU D 176 41.87 12.61 29.79
C GLU D 176 42.92 13.53 29.16
N THR D 177 42.88 14.83 29.47
CA THR D 177 43.88 15.75 28.90
C THR D 177 45.28 15.37 29.36
N ARG D 178 45.40 14.87 30.59
CA ARG D 178 46.70 14.46 31.12
C ARG D 178 47.21 13.19 30.46
N ALA D 179 46.31 12.26 30.11
CA ALA D 179 46.73 11.01 29.48
C ALA D 179 47.17 11.18 28.03
N GLN D 180 46.64 12.19 27.34
CA GLN D 180 47.09 12.47 25.97
C GLN D 180 48.54 12.94 25.93
N LEU D 181 49.01 13.55 27.01
CA LEU D 181 50.32 14.17 27.03
C LEU D 181 51.38 13.27 27.66
N LEU D 182 51.20 11.94 27.61
CA LEU D 182 52.10 11.03 28.31
C LEU D 182 53.55 11.09 27.80
N ASP D 183 53.81 11.78 26.69
CA ASP D 183 55.15 11.85 26.10
C ASP D 183 55.63 13.28 25.84
N SER D 184 54.74 14.28 25.85
CA SER D 184 55.13 15.68 25.77
C SER D 184 55.71 16.20 27.06
N ASP D 185 55.99 15.30 28.01
CA ASP D 185 56.57 15.74 29.26
C ASP D 185 57.96 16.31 29.02
N GLY D 186 58.71 15.69 28.10
CA GLY D 186 60.05 16.16 27.82
C GLY D 186 60.07 17.60 27.38
N LEU D 187 59.03 18.03 26.67
CA LEU D 187 58.94 19.41 26.23
C LEU D 187 58.81 20.37 27.40
N LEU D 188 58.43 19.89 28.59
CA LEU D 188 58.32 20.74 29.77
C LEU D 188 59.43 20.57 30.80
N ARG D 189 60.06 19.39 30.87
CA ARG D 189 61.24 19.20 31.72
C ARG D 189 62.46 19.86 31.10
N GLN D 190 62.47 19.99 29.80
CA GLN D 190 63.56 20.63 29.09
C GLN D 190 63.21 22.07 28.78
N SER D 191 62.74 22.81 29.79
CA SER D 191 62.69 24.27 29.70
C SER D 191 63.07 24.88 31.04
N SER D 192 63.88 25.96 30.97
CA SER D 192 64.44 26.64 32.14
C SER D 192 63.40 27.10 33.14
N ASP D 193 62.23 27.51 32.70
CA ASP D 193 61.19 28.00 33.60
C ASP D 193 59.91 27.30 33.22
N PRO D 194 59.59 26.18 33.90
CA PRO D 194 58.34 25.51 33.59
C PRO D 194 57.15 26.36 33.99
N TYR D 195 57.27 27.15 35.06
CA TYR D 195 56.17 28.00 35.51
C TYR D 195 55.83 29.05 34.47
N ILE D 196 56.81 29.84 34.05
CA ILE D 196 56.42 30.86 33.11
C ILE D 196 55.99 30.24 31.79
N LEU D 197 56.40 29.02 31.45
CA LEU D 197 55.80 28.42 30.27
C LEU D 197 54.35 28.03 30.54
N MET D 198 54.08 27.59 31.79
CA MET D 198 52.74 27.24 32.28
C MET D 198 51.81 28.45 32.34
N ARG D 199 52.22 29.49 33.07
CA ARG D 199 51.42 30.70 33.17
C ARG D 199 51.18 31.31 31.81
N GLU D 200 52.17 31.25 30.92
CA GLU D 200 52.01 31.84 29.62
C GLU D 200 51.12 31.02 28.70
N ALA D 201 50.88 29.74 29.01
CA ALA D 201 50.01 28.93 28.18
C ALA D 201 48.54 29.13 28.50
N TYR D 202 48.22 29.50 29.74
CA TYR D 202 46.84 29.85 30.10
C TYR D 202 46.41 31.13 29.40
N PHE D 203 47.23 32.19 29.47
CA PHE D 203 46.84 33.41 28.81
C PHE D 203 46.91 33.25 27.30
N GLN D 204 47.66 32.25 26.84
CA GLN D 204 47.70 31.86 25.44
C GLN D 204 46.33 31.40 24.96
N ARG D 205 45.79 30.37 25.62
CA ARG D 205 44.51 29.82 25.22
C ARG D 205 43.35 30.74 25.56
N HIS D 206 43.34 31.31 26.77
CA HIS D 206 42.17 32.02 27.27
C HIS D 206 41.96 33.37 26.58
N ASP D 207 42.96 33.86 25.83
CA ASP D 207 42.84 35.05 24.98
C ASP D 207 42.46 34.72 23.55
N PHE D 208 42.87 33.57 23.02
CA PHE D 208 42.27 33.12 21.76
C PHE D 208 40.78 32.78 21.98
N ILE D 209 40.44 32.19 23.13
CA ILE D 209 39.05 31.88 23.50
C ILE D 209 38.23 33.16 23.59
N ALA D 210 38.87 34.27 23.96
CA ALA D 210 38.20 35.56 24.10
C ALA D 210 38.10 36.35 22.80
N ASN D 211 38.00 35.68 21.65
CA ASN D 211 37.77 36.39 20.37
C ASN D 211 36.51 35.88 19.66
N ALA E 1 13.08 -6.72 -3.38
CA ALA E 1 13.36 -6.22 -4.72
C ALA E 1 13.81 -4.76 -4.69
N GLU E 2 15.09 -4.53 -4.98
CA GLU E 2 15.68 -3.20 -5.14
C GLU E 2 15.17 -2.57 -6.43
N ILE E 3 14.26 -1.62 -6.31
CA ILE E 3 13.61 -0.98 -7.46
C ILE E 3 14.09 0.45 -7.69
N TYR E 4 15.09 0.90 -6.93
CA TYR E 4 15.63 2.25 -7.07
C TYR E 4 17.02 2.29 -6.50
N ASN E 5 17.95 2.90 -7.25
CA ASN E 5 19.30 3.08 -6.74
C ASN E 5 19.98 4.22 -7.51
N LYS E 6 19.84 5.44 -6.99
CA LYS E 6 20.38 6.60 -7.66
C LYS E 6 20.69 7.67 -6.63
N ASP E 7 21.90 8.24 -6.72
CA ASP E 7 22.37 9.31 -5.82
C ASP E 7 22.44 8.85 -4.37
N GLY E 8 23.04 7.68 -4.17
CA GLY E 8 23.28 7.23 -2.80
C GLY E 8 22.04 7.05 -1.98
N ASN E 9 20.94 6.64 -2.60
CA ASN E 9 19.72 6.27 -1.89
C ASN E 9 19.20 5.04 -2.60
N LYS E 10 19.06 3.92 -1.88
CA LYS E 10 18.44 2.71 -2.42
C LYS E 10 17.11 2.44 -1.72
N VAL E 11 16.11 2.03 -2.53
CA VAL E 11 14.76 1.77 -2.07
C VAL E 11 14.43 0.32 -2.42
N ASP E 12 14.41 -0.52 -1.40
CA ASP E 12 13.92 -1.89 -1.51
C ASP E 12 12.41 -1.91 -1.23
N LEU E 13 11.62 -2.33 -2.21
CA LEU E 13 10.20 -2.58 -2.07
C LEU E 13 9.98 -4.08 -2.17
N TYR E 14 9.39 -4.67 -1.14
CA TYR E 14 9.22 -6.10 -1.04
C TYR E 14 7.79 -6.44 -0.67
N GLY E 15 7.48 -7.72 -0.84
CA GLY E 15 6.17 -8.21 -0.48
C GLY E 15 6.09 -9.72 -0.63
N LYS E 16 4.91 -10.23 -0.31
CA LYS E 16 4.62 -11.63 -0.56
C LYS E 16 3.13 -11.84 -0.62
N ALA E 17 2.74 -12.93 -1.28
CA ALA E 17 1.37 -13.37 -1.37
C ALA E 17 1.42 -14.82 -0.96
N VAL E 18 0.90 -15.11 0.22
CA VAL E 18 1.00 -16.41 0.88
C VAL E 18 -0.39 -17.02 0.88
N GLY E 19 -0.57 -18.09 0.12
CA GLY E 19 -1.79 -18.85 0.17
C GLY E 19 -1.74 -19.78 1.35
N LEU E 20 -2.47 -19.48 2.41
CA LEU E 20 -2.44 -20.28 3.63
C LEU E 20 -3.77 -20.96 3.89
N HIS E 21 -3.71 -22.14 4.48
CA HIS E 21 -4.91 -22.87 4.87
C HIS E 21 -4.63 -23.81 6.03
N TYR E 22 -5.43 -23.70 7.08
CA TYR E 22 -5.28 -24.52 8.26
C TYR E 22 -6.31 -25.64 8.24
N PHE E 23 -5.98 -26.73 8.89
CA PHE E 23 -6.87 -27.87 9.02
C PHE E 23 -6.87 -28.23 10.48
N SER E 24 -8.04 -28.19 11.09
CA SER E 24 -8.19 -28.58 12.49
C SER E 24 -9.49 -29.35 12.62
N LYS E 25 -9.54 -30.23 13.61
CA LYS E 25 -10.74 -31.02 13.84
C LYS E 25 -11.90 -30.06 14.12
N GLY E 26 -13.09 -30.42 13.61
CA GLY E 26 -14.26 -29.56 13.79
C GLY E 26 -14.07 -28.21 13.12
N ASN E 27 -14.62 -27.17 13.74
CA ASN E 27 -14.40 -25.79 13.30
C ASN E 27 -13.14 -25.19 13.89
N GLY E 28 -12.35 -25.99 14.61
CA GLY E 28 -11.08 -25.51 15.10
C GLY E 28 -11.16 -24.55 16.25
N GLU E 29 -12.26 -24.54 16.99
CA GLU E 29 -12.37 -23.64 18.13
C GLU E 29 -11.44 -24.08 19.26
N ASN E 30 -11.29 -25.39 19.43
CA ASN E 30 -10.44 -25.95 20.46
C ASN E 30 -9.06 -26.32 19.94
N SER E 31 -8.64 -25.77 18.82
CA SER E 31 -7.42 -26.19 18.17
C SER E 31 -6.25 -25.31 18.55
N TYR E 32 -5.07 -25.70 18.04
CA TYR E 32 -3.89 -24.89 18.25
C TYR E 32 -3.97 -23.58 17.49
N GLY E 33 -4.29 -23.65 16.20
CA GLY E 33 -4.23 -22.47 15.36
C GLY E 33 -5.48 -22.06 14.61
N GLY E 34 -6.50 -22.89 14.61
CA GLY E 34 -7.75 -22.52 13.98
C GLY E 34 -7.99 -23.40 12.76
N ASN E 35 -9.05 -23.06 12.04
CA ASN E 35 -9.45 -23.88 10.90
C ASN E 35 -9.96 -23.03 9.78
N GLY E 36 -9.48 -23.33 8.59
CA GLY E 36 -9.90 -22.66 7.38
C GLY E 36 -8.79 -21.88 6.70
N ASP E 37 -9.22 -21.02 5.80
CA ASP E 37 -8.34 -20.19 5.00
C ASP E 37 -7.65 -19.13 5.85
N MET E 38 -6.34 -18.98 5.68
CA MET E 38 -5.56 -18.02 6.48
C MET E 38 -4.67 -17.14 5.60
N THR E 39 -4.95 -17.13 4.30
CA THR E 39 -4.23 -16.38 3.28
C THR E 39 -4.01 -14.92 3.65
N TYR E 40 -2.78 -14.45 3.42
CA TYR E 40 -2.39 -13.06 3.70
C TYR E 40 -1.33 -12.62 2.71
N ALA E 41 -1.04 -11.32 2.73
CA ALA E 41 -0.03 -10.73 1.86
C ALA E 41 0.65 -9.58 2.61
N ARG E 42 1.91 -9.33 2.27
CA ARG E 42 2.68 -8.27 2.91
C ARG E 42 3.34 -7.39 1.88
N LEU E 43 3.64 -6.16 2.29
CA LEU E 43 4.21 -5.14 1.41
C LEU E 43 5.02 -4.21 2.30
N GLY E 44 6.26 -3.92 1.90
CA GLY E 44 7.05 -2.98 2.67
C GLY E 44 8.11 -2.30 1.83
N PHE E 45 8.72 -1.27 2.40
CA PHE E 45 9.93 -0.73 1.81
C PHE E 45 11.05 -0.71 2.85
N LYS E 46 12.29 -0.96 2.41
CA LYS E 46 13.48 -0.67 3.21
C LYS E 46 14.26 0.43 2.52
N GLY E 47 14.52 1.51 3.25
CA GLY E 47 15.24 2.61 2.67
C GLY E 47 16.63 2.69 3.25
N GLU E 48 17.53 3.30 2.50
CA GLU E 48 18.95 3.29 2.86
C GLU E 48 19.61 4.42 2.07
N THR E 49 20.09 5.46 2.75
CA THR E 49 20.72 6.58 2.06
C THR E 49 22.10 6.81 2.65
N GLN E 50 23.11 6.81 1.77
CA GLN E 50 24.50 7.06 2.15
C GLN E 50 24.68 8.56 2.25
N ILE E 51 24.73 9.07 3.48
CA ILE E 51 24.83 10.50 3.69
C ILE E 51 26.24 10.98 3.37
N ASN E 52 27.23 10.23 3.86
CA ASN E 52 28.64 10.39 3.51
C ASN E 52 29.42 9.19 3.99
N SER E 53 30.73 9.35 4.21
CA SER E 53 31.63 8.25 4.51
C SER E 53 31.17 7.47 5.75
N ASP E 54 30.68 8.18 6.77
CA ASP E 54 30.28 7.61 8.04
C ASP E 54 28.78 7.39 8.15
N LEU E 55 28.00 8.42 7.85
CA LEU E 55 26.58 8.35 8.12
C LEU E 55 25.88 7.60 7.00
N THR E 56 25.06 6.63 7.39
CA THR E 56 24.08 6.05 6.51
C THR E 56 22.74 6.30 7.18
N GLY E 57 21.73 6.62 6.38
CA GLY E 57 20.37 6.79 6.89
C GLY E 57 19.48 5.66 6.40
N TYR E 58 18.60 5.17 7.27
CA TYR E 58 17.68 4.12 6.86
C TYR E 58 16.28 4.41 7.36
N GLY E 59 15.32 3.80 6.69
CA GLY E 59 13.94 3.80 7.12
C GLY E 59 13.20 2.56 6.64
N GLN E 60 12.33 1.99 7.48
CA GLN E 60 11.56 0.81 7.08
C GLN E 60 10.09 0.95 7.46
N TRP E 61 9.22 0.44 6.57
CA TRP E 61 7.77 0.34 6.77
C TRP E 61 7.30 -0.99 6.19
N GLU E 62 6.55 -1.75 6.99
CA GLU E 62 6.08 -3.07 6.56
C GLU E 62 4.65 -3.27 7.01
N TYR E 63 3.76 -3.71 6.09
CA TYR E 63 2.33 -3.86 6.38
C TYR E 63 1.81 -5.24 6.00
N ASN E 64 0.72 -5.63 6.68
CA ASN E 64 0.06 -6.93 6.53
C ASN E 64 -1.38 -6.74 6.06
N PHE E 65 -1.61 -7.10 4.80
CA PHE E 65 -2.93 -7.20 4.22
C PHE E 65 -3.39 -8.66 4.33
N GLN E 66 -4.60 -8.87 4.80
CA GLN E 66 -5.17 -10.21 4.92
C GLN E 66 -5.96 -10.56 3.67
N GLY E 67 -5.95 -11.82 3.29
CA GLY E 67 -6.71 -12.22 2.12
C GLY E 67 -7.83 -13.21 2.38
N ASN E 68 -8.04 -13.55 3.66
CA ASN E 68 -9.10 -14.45 4.12
C ASN E 68 -10.37 -13.70 4.51
N ASN E 69 -10.40 -12.39 4.33
CA ASN E 69 -11.58 -11.60 4.60
C ASN E 69 -12.46 -11.52 3.36
N SER E 70 -13.69 -11.06 3.58
CA SER E 70 -14.56 -10.65 2.52
C SER E 70 -14.30 -9.17 2.20
N GLU E 71 -14.96 -8.69 1.17
CA GLU E 71 -14.86 -7.30 0.82
C GLU E 71 -15.88 -6.46 1.55
N GLY E 72 -16.57 -7.05 2.52
CA GLY E 72 -17.71 -6.42 3.18
C GLY E 72 -17.33 -5.76 4.49
N ALA E 73 -18.21 -5.91 5.49
CA ALA E 73 -18.13 -5.15 6.73
C ALA E 73 -16.82 -5.38 7.47
N ASP E 74 -16.23 -6.55 7.30
CA ASP E 74 -15.04 -6.99 8.02
C ASP E 74 -13.75 -6.77 7.25
N ALA E 75 -13.74 -5.86 6.28
CA ALA E 75 -12.68 -5.87 5.27
C ALA E 75 -11.30 -5.65 5.88
N GLN E 76 -11.22 -4.93 6.98
CA GLN E 76 -9.93 -4.60 7.60
C GLN E 76 -9.48 -5.56 8.70
N THR E 77 -10.22 -6.64 8.95
CA THR E 77 -9.85 -7.57 10.02
C THR E 77 -8.40 -7.97 9.94
N GLY E 78 -7.62 -7.58 10.93
CA GLY E 78 -6.29 -8.11 10.96
C GLY E 78 -5.33 -7.46 10.01
N ASN E 79 -5.78 -6.49 9.21
CA ASN E 79 -4.84 -5.65 8.47
C ASN E 79 -4.15 -4.68 9.44
N LYS E 80 -2.82 -4.65 9.42
CA LYS E 80 -2.07 -3.93 10.44
C LYS E 80 -0.72 -3.49 9.90
N THR E 81 -0.14 -2.49 10.57
CA THR E 81 1.23 -2.08 10.28
C THR E 81 2.18 -2.73 11.29
N ARG E 82 3.10 -3.57 10.78
CA ARG E 82 3.99 -4.31 11.65
C ARG E 82 5.19 -3.48 12.09
N LEU E 83 5.83 -2.79 11.14
CA LEU E 83 7.03 -1.99 11.38
C LEU E 83 6.90 -0.65 10.70
N ALA E 84 7.44 0.37 11.36
CA ALA E 84 7.59 1.69 10.76
C ALA E 84 8.58 2.46 11.63
N PHE E 85 9.83 2.59 11.16
CA PHE E 85 10.86 3.30 11.90
C PHE E 85 11.85 3.92 10.93
N ALA E 86 12.58 4.89 11.44
CA ALA E 86 13.69 5.53 10.74
C ALA E 86 14.87 5.63 11.69
N GLY E 87 16.05 5.81 11.10
CA GLY E 87 17.23 5.83 11.94
C GLY E 87 18.48 6.16 11.17
N LEU E 88 19.59 6.09 11.91
CA LEU E 88 20.91 6.52 11.50
C LEU E 88 21.92 5.50 11.95
N LYS E 89 22.85 5.18 11.06
CA LYS E 89 23.94 4.26 11.35
C LYS E 89 25.23 5.05 11.33
N TYR E 90 25.93 5.10 12.48
CA TYR E 90 27.18 5.82 12.59
C TYR E 90 28.32 4.83 12.37
N ALA E 91 29.17 5.12 11.37
CA ALA E 91 30.40 4.43 11.02
C ALA E 91 30.67 3.15 11.82
N ASP E 92 31.20 3.29 13.03
CA ASP E 92 31.51 2.15 13.88
C ASP E 92 30.87 2.19 15.26
N VAL E 93 30.26 3.29 15.66
CA VAL E 93 29.84 3.41 17.04
C VAL E 93 28.34 3.15 17.09
N GLY E 94 27.87 2.31 16.19
CA GLY E 94 26.55 1.72 16.31
C GLY E 94 25.49 2.40 15.47
N SER E 95 24.24 2.12 15.84
CA SER E 95 23.09 2.47 15.01
C SER E 95 21.93 2.81 15.92
N PHE E 96 21.14 3.82 15.56
CA PHE E 96 20.05 4.31 16.41
C PHE E 96 18.78 4.50 15.60
N ASP E 97 17.70 3.82 15.98
CA ASP E 97 16.45 3.93 15.23
C ASP E 97 15.24 3.91 16.16
N TYR E 98 14.34 4.88 15.94
CA TYR E 98 13.13 5.06 16.72
C TYR E 98 11.87 4.83 15.87
N GLY E 99 10.92 4.09 16.42
CA GLY E 99 9.65 3.88 15.74
C GLY E 99 8.92 2.66 16.30
N ARG E 100 8.14 2.04 15.43
CA ARG E 100 7.61 0.72 15.70
C ARG E 100 8.57 -0.31 15.12
N ASN E 101 9.21 -1.07 16.01
CA ASN E 101 10.34 -1.93 15.70
C ASN E 101 10.28 -3.10 16.68
N TYR E 102 11.16 -4.07 16.49
CA TYR E 102 11.13 -5.25 17.35
C TYR E 102 11.73 -4.93 18.71
N GLY E 103 11.15 -5.54 19.72
CA GLY E 103 11.70 -5.44 21.05
C GLY E 103 13.06 -6.11 21.16
N VAL E 104 13.73 -5.80 22.26
CA VAL E 104 15.11 -6.23 22.41
C VAL E 104 15.18 -7.73 22.69
N VAL E 105 14.22 -8.27 23.44
CA VAL E 105 14.26 -9.70 23.74
C VAL E 105 13.94 -10.56 22.51
N TYR E 106 13.45 -9.97 21.42
CA TYR E 106 13.37 -10.78 20.20
C TYR E 106 14.76 -11.18 19.68
N ASP E 107 15.79 -10.39 20.02
CA ASP E 107 17.18 -10.74 19.70
C ASP E 107 17.51 -12.16 20.15
N ALA E 108 16.93 -12.59 21.27
CA ALA E 108 17.10 -13.97 21.75
C ALA E 108 16.09 -14.94 21.18
N LEU E 109 14.82 -14.56 21.10
CA LEU E 109 13.79 -15.50 20.68
C LEU E 109 13.84 -15.81 19.19
N GLY E 110 14.40 -14.92 18.38
CA GLY E 110 14.57 -15.24 16.99
C GLY E 110 15.29 -16.57 16.75
N TYR E 111 16.20 -16.94 17.65
CA TYR E 111 16.92 -18.21 17.50
C TYR E 111 15.96 -19.34 17.17
N THR E 112 14.87 -19.44 17.93
CA THR E 112 13.92 -20.54 17.83
C THR E 112 12.66 -20.19 17.04
N ASP E 113 12.72 -19.16 16.18
CA ASP E 113 11.54 -18.74 15.44
C ASP E 113 11.68 -19.04 13.96
N MET E 114 11.98 -20.29 13.62
CA MET E 114 12.37 -20.66 12.26
C MET E 114 11.35 -21.55 11.56
N LEU E 115 10.19 -21.78 12.17
CA LEU E 115 9.30 -22.83 11.68
C LEU E 115 8.54 -22.35 10.44
N PRO E 116 8.02 -23.28 9.63
CA PRO E 116 7.36 -22.86 8.38
C PRO E 116 6.15 -21.98 8.59
N GLU E 117 5.36 -22.24 9.60
CA GLU E 117 4.17 -21.43 9.83
C GLU E 117 3.93 -21.09 11.29
N PHE E 118 4.27 -21.96 12.24
CA PHE E 118 3.97 -21.77 13.64
C PHE E 118 5.28 -21.50 14.39
N GLY E 119 5.32 -21.84 15.68
CA GLY E 119 6.47 -21.53 16.48
C GLY E 119 6.56 -20.05 16.87
N GLY E 120 7.66 -19.73 17.56
CA GLY E 120 7.85 -18.40 18.10
C GLY E 120 6.75 -17.97 19.03
N ASP E 121 6.22 -18.91 19.82
CA ASP E 121 4.99 -18.68 20.57
C ASP E 121 5.15 -17.66 21.68
N THR E 122 6.34 -17.51 22.26
CA THR E 122 6.51 -16.54 23.34
C THR E 122 6.84 -15.12 22.86
N ALA E 123 6.98 -14.88 21.56
CA ALA E 123 7.28 -13.53 21.04
C ALA E 123 5.98 -12.79 20.68
N TYR E 124 5.19 -12.52 21.72
CA TYR E 124 3.92 -11.86 21.52
C TYR E 124 4.09 -10.42 21.03
N SER E 125 3.29 -10.04 20.01
CA SER E 125 3.27 -8.67 19.51
C SER E 125 2.55 -7.73 20.47
N ASP E 126 3.08 -6.53 20.63
CA ASP E 126 2.55 -5.51 21.53
C ASP E 126 2.57 -6.01 22.98
N ASP E 127 3.70 -6.58 23.36
CA ASP E 127 3.86 -7.24 24.65
C ASP E 127 5.25 -6.88 25.20
N PHE E 128 5.46 -5.57 25.42
CA PHE E 128 6.71 -5.04 25.93
C PHE E 128 7.89 -5.34 24.97
N PHE E 129 8.82 -6.19 25.41
CA PHE E 129 10.15 -6.34 24.82
C PHE E 129 10.32 -7.57 23.92
N VAL E 130 9.29 -8.39 23.71
CA VAL E 130 9.50 -9.70 23.10
C VAL E 130 9.06 -9.80 21.64
N GLY E 131 8.37 -8.78 21.10
CA GLY E 131 7.80 -8.80 19.76
C GLY E 131 7.69 -7.36 19.33
N ARG E 132 7.01 -7.08 18.21
CA ARG E 132 7.01 -5.71 17.71
C ARG E 132 6.25 -4.81 18.67
N VAL E 133 6.54 -3.51 18.64
CA VAL E 133 6.11 -2.64 19.73
C VAL E 133 6.32 -1.16 19.37
N GLY E 134 5.48 -0.28 19.93
CA GLY E 134 5.56 1.12 19.58
C GLY E 134 6.51 1.96 20.45
N GLY E 135 6.96 3.09 19.88
CA GLY E 135 7.79 4.05 20.57
C GLY E 135 8.98 3.37 21.21
N VAL E 136 9.82 2.71 20.40
CA VAL E 136 11.04 2.10 20.89
C VAL E 136 12.23 2.74 20.21
N ALA E 137 13.10 3.31 21.04
CA ALA E 137 14.42 3.73 20.63
C ALA E 137 15.36 2.57 20.83
N THR E 138 16.08 2.20 19.78
CA THR E 138 16.95 1.04 19.78
C THR E 138 18.36 1.51 19.43
N TYR E 139 19.31 1.25 20.30
CA TYR E 139 20.71 1.44 19.97
C TYR E 139 21.34 0.06 19.89
N ARG E 140 21.95 -0.23 18.75
CA ARG E 140 22.64 -1.48 18.52
C ARG E 140 24.05 -1.14 18.06
N ASN E 141 24.96 -2.07 18.31
CA ASN E 141 26.36 -1.88 18.03
C ASN E 141 26.97 -3.25 17.75
N SER E 142 27.48 -3.43 16.55
CA SER E 142 28.00 -4.74 16.16
C SER E 142 29.52 -4.80 16.17
N ASN E 143 30.04 -5.97 16.55
CA ASN E 143 31.48 -6.20 16.59
C ASN E 143 32.18 -5.24 17.54
N PHE E 144 31.45 -4.80 18.58
CA PHE E 144 31.95 -3.97 19.67
C PHE E 144 32.89 -2.86 19.25
N PHE E 145 32.38 -1.86 18.54
CA PHE E 145 33.19 -0.69 18.16
C PHE E 145 34.40 -1.11 17.32
N GLY E 146 34.27 -2.16 16.51
CA GLY E 146 35.38 -2.69 15.75
C GLY E 146 36.37 -3.57 16.51
N LEU E 147 36.21 -3.72 17.82
CA LEU E 147 37.22 -4.37 18.66
C LEU E 147 37.04 -5.89 18.79
N VAL E 148 35.82 -6.39 18.81
CA VAL E 148 35.59 -7.81 19.06
C VAL E 148 34.66 -8.36 17.99
N ASP E 149 35.23 -9.04 16.99
CA ASP E 149 34.45 -9.58 15.89
C ASP E 149 33.59 -10.72 16.41
N GLY E 150 32.32 -10.72 16.01
CA GLY E 150 31.34 -11.69 16.47
C GLY E 150 30.49 -11.24 17.65
N LEU E 151 30.88 -10.18 18.34
CA LEU E 151 30.21 -9.70 19.55
C LEU E 151 29.33 -8.49 19.23
N ASN E 152 28.01 -8.64 19.40
CA ASN E 152 27.05 -7.54 19.17
C ASN E 152 26.25 -7.29 20.44
N PHE E 153 25.99 -6.03 20.77
CA PHE E 153 25.11 -5.73 21.89
C PHE E 153 24.01 -4.76 21.44
N ALA E 154 22.91 -4.76 22.17
CA ALA E 154 21.84 -3.83 21.91
C ALA E 154 21.21 -3.39 23.22
N VAL E 155 20.75 -2.15 23.25
CA VAL E 155 20.08 -1.56 24.40
C VAL E 155 19.00 -0.61 23.87
N GLN E 156 17.81 -0.66 24.47
CA GLN E 156 16.61 -0.05 23.91
C GLN E 156 15.70 0.52 24.98
N TYR E 157 15.16 1.71 24.74
CA TYR E 157 14.21 2.34 25.65
C TYR E 157 12.82 2.25 25.05
N LEU E 158 11.85 1.88 25.90
CA LEU E 158 10.44 1.70 25.54
C LEU E 158 9.62 2.77 26.22
N GLY E 159 9.18 3.74 25.45
CA GLY E 159 8.31 4.77 25.97
C GLY E 159 6.89 4.26 26.16
N LYS E 160 6.23 4.79 27.17
CA LYS E 160 4.89 4.34 27.53
C LYS E 160 3.91 4.48 26.36
N ASN E 161 3.23 3.38 26.03
CA ASN E 161 2.05 3.40 25.16
C ASN E 161 0.85 3.03 26.03
N GLU E 162 0.03 4.03 26.37
CA GLU E 162 -1.16 3.79 27.18
C GLU E 162 -2.32 3.65 26.21
N ARG E 163 -2.56 2.41 25.76
CA ARG E 163 -3.59 2.12 24.80
C ARG E 163 -4.94 1.79 25.47
N ASP E 164 -5.94 1.42 24.65
CA ASP E 164 -7.28 1.15 25.20
C ASP E 164 -7.40 -0.22 25.85
N THR E 165 -6.68 -1.21 25.36
CA THR E 165 -6.72 -2.54 25.94
C THR E 165 -5.42 -2.78 26.73
N ALA E 166 -5.54 -3.42 27.91
CA ALA E 166 -4.32 -3.77 28.64
C ALA E 166 -3.46 -4.75 27.88
N ARG E 167 -4.04 -5.52 26.95
CA ARG E 167 -3.25 -6.46 26.16
C ARG E 167 -2.16 -5.75 25.42
N ARG E 168 -2.42 -4.50 25.03
CA ARG E 168 -1.56 -3.76 24.11
C ARG E 168 -0.94 -2.53 24.78
N SER E 169 -0.78 -2.51 26.09
CA SER E 169 -0.27 -1.32 26.76
C SER E 169 1.06 -1.61 27.44
N ASN E 170 1.77 -0.54 27.81
CA ASN E 170 3.00 -0.62 28.58
C ASN E 170 3.31 0.74 29.20
N GLY E 171 3.99 0.71 30.34
CA GLY E 171 4.61 1.90 30.90
C GLY E 171 5.99 2.06 30.32
N ASP E 172 6.77 2.95 30.95
CA ASP E 172 8.13 3.22 30.45
C ASP E 172 9.07 2.09 30.83
N GLY E 173 9.88 1.65 29.87
CA GLY E 173 10.78 0.54 30.12
C GLY E 173 12.09 0.66 29.38
N VAL E 174 13.07 -0.11 29.83
CA VAL E 174 14.40 -0.16 29.23
C VAL E 174 14.87 -1.62 29.20
N GLY E 175 15.77 -1.92 28.28
CA GLY E 175 16.22 -3.30 28.10
C GLY E 175 17.41 -3.35 27.17
N GLY E 176 18.10 -4.51 27.19
CA GLY E 176 19.25 -4.74 26.34
C GLY E 176 19.45 -6.21 26.00
N SER E 177 20.37 -6.47 25.07
CA SER E 177 20.73 -7.84 24.69
C SER E 177 22.21 -7.91 24.35
N ILE E 178 22.79 -9.11 24.40
CA ILE E 178 24.17 -9.36 23.96
C ILE E 178 24.18 -10.67 23.17
N SER E 179 25.00 -10.75 22.13
CA SER E 179 25.24 -12.02 21.46
C SER E 179 26.71 -12.14 21.04
N TYR E 180 27.26 -13.34 21.19
CA TYR E 180 28.52 -13.70 20.57
C TYR E 180 28.24 -14.82 19.59
N GLU E 181 28.74 -14.67 18.36
CA GLU E 181 28.70 -15.72 17.35
C GLU E 181 30.13 -16.01 16.93
N TYR E 182 30.53 -17.27 17.03
CA TYR E 182 31.91 -17.66 16.79
C TYR E 182 31.87 -18.96 16.01
N GLU E 183 32.13 -18.86 14.70
CA GLU E 183 32.26 -20.01 13.82
C GLU E 183 31.03 -20.91 13.87
N GLY E 184 29.87 -20.34 13.56
CA GLY E 184 28.67 -21.12 13.44
C GLY E 184 27.88 -21.32 14.72
N PHE E 185 28.50 -21.19 15.87
CA PHE E 185 27.73 -21.25 17.11
C PHE E 185 27.24 -19.85 17.47
N GLY E 186 26.24 -19.80 18.33
CA GLY E 186 25.69 -18.53 18.73
C GLY E 186 25.10 -18.56 20.12
N ILE E 187 25.56 -17.67 20.99
CA ILE E 187 24.96 -17.46 22.30
C ILE E 187 24.27 -16.10 22.30
N VAL E 188 23.20 -15.96 23.07
CA VAL E 188 22.47 -14.69 23.16
C VAL E 188 21.71 -14.62 24.47
N GLY E 189 21.59 -13.40 25.01
CA GLY E 189 20.87 -13.13 26.24
C GLY E 189 20.25 -11.74 26.26
N ALA E 190 19.00 -11.63 26.68
CA ALA E 190 18.28 -10.37 26.64
C ALA E 190 17.41 -10.20 27.88
N TYR E 191 17.21 -8.95 28.30
CA TYR E 191 16.37 -8.66 29.46
C TYR E 191 15.77 -7.28 29.33
N GLY E 192 14.47 -7.18 29.62
CA GLY E 192 13.80 -5.89 29.69
C GLY E 192 12.85 -5.85 30.87
N ALA E 193 12.58 -4.64 31.35
CA ALA E 193 11.67 -4.41 32.46
C ALA E 193 11.01 -3.07 32.23
N ALA E 194 9.74 -2.95 32.63
CA ALA E 194 8.99 -1.76 32.26
C ALA E 194 7.83 -1.56 33.21
N ASP E 195 7.53 -0.30 33.51
CA ASP E 195 6.39 0.01 34.36
C ASP E 195 5.10 -0.53 33.74
N ARG E 196 4.21 -1.01 34.56
CA ARG E 196 2.90 -1.40 34.07
C ARG E 196 1.95 -0.24 34.25
N THR E 197 1.06 -0.09 33.28
CA THR E 197 0.06 0.96 33.24
C THR E 197 -1.04 0.66 34.21
N ASN E 198 -1.73 1.71 34.62
CA ASN E 198 -2.80 1.55 35.60
C ASN E 198 -3.84 0.51 35.15
N LEU E 199 -4.14 0.47 33.85
CA LEU E 199 -5.18 -0.42 33.36
C LEU E 199 -4.76 -1.88 33.37
N GLN E 200 -3.47 -2.16 33.16
CA GLN E 200 -2.94 -3.52 33.31
C GLN E 200 -2.98 -3.99 34.76
N GLU E 201 -2.92 -3.04 35.70
CA GLU E 201 -3.00 -3.40 37.12
C GLU E 201 -4.37 -3.93 37.49
N ALA E 202 -5.42 -3.33 36.93
CA ALA E 202 -6.82 -3.60 37.22
C ALA E 202 -7.40 -4.77 36.44
N GLN E 203 -6.59 -5.68 35.92
CA GLN E 203 -6.95 -6.89 35.18
C GLN E 203 -7.18 -8.06 36.16
N PRO E 204 -8.14 -8.94 35.91
CA PRO E 204 -8.30 -10.09 36.82
C PRO E 204 -7.07 -10.99 36.92
N LEU E 205 -6.32 -11.19 35.84
CA LEU E 205 -5.15 -12.06 35.84
C LEU E 205 -3.86 -11.25 35.77
N GLY E 206 -2.95 -11.50 36.71
CA GLY E 206 -1.74 -10.71 36.75
C GLY E 206 -1.85 -9.52 37.67
N ASN E 207 -0.83 -9.34 38.50
CA ASN E 207 -0.84 -8.30 39.51
C ASN E 207 0.59 -7.90 39.79
N GLY E 208 0.88 -6.62 39.59
CA GLY E 208 2.22 -6.13 39.89
C GLY E 208 2.64 -4.88 39.17
N LYS E 209 3.60 -4.15 39.77
CA LYS E 209 3.95 -2.80 39.32
C LYS E 209 4.77 -2.84 38.06
N LYS E 210 5.68 -3.77 37.94
CA LYS E 210 6.63 -3.78 36.84
C LYS E 210 6.48 -5.10 36.11
N ALA E 211 6.63 -5.05 34.80
CA ALA E 211 6.70 -6.28 34.02
C ALA E 211 8.14 -6.50 33.66
N GLU E 212 8.55 -7.76 33.59
CA GLU E 212 9.89 -8.01 33.09
C GLU E 212 9.92 -9.34 32.36
N GLN E 213 10.66 -9.39 31.28
CA GLN E 213 10.85 -10.63 30.56
C GLN E 213 12.31 -10.73 30.14
N TRP E 214 12.89 -11.93 30.27
CA TRP E 214 14.25 -12.21 29.82
C TRP E 214 14.30 -13.59 29.18
N ALA E 215 15.25 -13.77 28.27
CA ALA E 215 15.34 -15.01 27.54
C ALA E 215 16.78 -15.20 27.10
N THR E 216 17.19 -16.45 26.93
CA THR E 216 18.52 -16.79 26.47
C THR E 216 18.45 -17.79 25.33
N GLY E 217 19.57 -17.95 24.62
CA GLY E 217 19.57 -18.87 23.49
C GLY E 217 20.90 -19.43 22.99
N LEU E 218 20.93 -20.73 22.72
CA LEU E 218 22.04 -21.35 22.01
C LEU E 218 21.60 -21.69 20.59
N LYS E 219 22.54 -21.60 19.65
CA LYS E 219 22.21 -21.96 18.28
C LYS E 219 23.45 -22.48 17.59
N TYR E 220 23.24 -23.26 16.54
CA TYR E 220 24.36 -23.72 15.72
C TYR E 220 23.89 -23.67 14.26
N ASP E 221 24.37 -22.68 13.52
CA ASP E 221 23.91 -22.41 12.17
C ASP E 221 25.11 -22.55 11.22
N ALA E 222 25.24 -23.73 10.60
CA ALA E 222 26.43 -24.03 9.81
C ALA E 222 26.35 -25.38 9.11
N ASN E 223 26.74 -25.45 7.85
CA ASN E 223 26.83 -26.71 7.10
C ASN E 223 25.46 -27.34 6.88
N ASN E 224 24.47 -26.51 6.56
CA ASN E 224 23.08 -26.92 6.33
C ASN E 224 22.38 -27.44 7.58
N ILE E 225 22.85 -27.10 8.77
CA ILE E 225 22.20 -27.52 10.01
C ILE E 225 21.73 -26.30 10.77
N TYR E 226 20.62 -26.46 11.47
CA TYR E 226 20.14 -25.44 12.38
C TYR E 226 19.70 -26.14 13.66
N LEU E 227 20.38 -25.83 14.75
CA LEU E 227 19.93 -26.19 16.09
C LEU E 227 19.74 -24.90 16.86
N ALA E 228 18.70 -24.85 17.68
CA ALA E 228 18.46 -23.65 18.46
C ALA E 228 17.66 -24.00 19.70
N ALA E 229 18.06 -23.43 20.83
CA ALA E 229 17.37 -23.53 22.11
C ALA E 229 17.10 -22.15 22.66
N ASN E 230 15.94 -21.97 23.29
CA ASN E 230 15.64 -20.79 24.09
C ASN E 230 15.08 -21.18 25.44
N TYR E 231 15.51 -20.47 26.47
CA TYR E 231 14.86 -20.51 27.76
C TYR E 231 14.55 -19.08 28.17
N GLY E 232 13.43 -18.91 28.85
CA GLY E 232 13.01 -17.57 29.24
C GLY E 232 12.03 -17.61 30.38
N GLU E 233 12.06 -16.55 31.19
CA GLU E 233 11.12 -16.32 32.28
C GLU E 233 10.50 -14.94 32.13
N THR E 234 9.20 -14.86 32.39
CA THR E 234 8.52 -13.56 32.41
C THR E 234 7.77 -13.41 33.72
N ARG E 235 7.74 -12.18 34.24
CA ARG E 235 6.93 -11.82 35.37
C ARG E 235 5.93 -10.77 34.90
N ASN E 236 4.63 -11.12 34.90
CA ASN E 236 3.56 -10.17 34.68
C ASN E 236 3.56 -9.63 33.25
N ALA E 237 3.96 -10.45 32.30
CA ALA E 237 4.05 -9.93 30.94
C ALA E 237 3.37 -10.80 29.90
N THR E 238 3.49 -12.14 29.98
CA THR E 238 2.85 -13.00 28.98
C THR E 238 1.34 -12.85 29.09
N PRO E 239 0.65 -12.27 28.10
CA PRO E 239 -0.80 -12.10 28.24
C PRO E 239 -1.48 -13.47 28.13
N ILE E 240 -2.46 -13.70 29.00
CA ILE E 240 -3.19 -14.96 29.07
C ILE E 240 -4.67 -14.65 29.06
N THR E 241 -5.46 -15.71 28.94
CA THR E 241 -6.91 -15.49 28.91
C THR E 241 -7.64 -16.76 29.35
N ASN E 242 -8.49 -16.59 30.37
CA ASN E 242 -9.27 -17.68 30.95
C ASN E 242 -10.57 -17.84 30.16
N LYS E 243 -10.61 -18.85 29.28
CA LYS E 243 -11.78 -19.07 28.44
C LYS E 243 -12.98 -19.59 29.21
N PHE E 244 -12.83 -19.91 30.49
CA PHE E 244 -13.95 -20.41 31.28
C PHE E 244 -14.66 -19.31 32.04
N THR E 245 -13.91 -18.48 32.75
CA THR E 245 -14.49 -17.31 33.41
C THR E 245 -14.53 -16.09 32.53
N ASN E 246 -13.96 -16.15 31.34
CA ASN E 246 -13.98 -15.02 30.43
C ASN E 246 -13.30 -13.79 31.03
N THR E 247 -12.38 -14.00 31.97
CA THR E 247 -11.44 -12.97 32.39
C THR E 247 -10.16 -13.07 31.54
N SER E 248 -9.35 -12.01 31.56
CA SER E 248 -8.01 -12.12 30.98
C SER E 248 -7.06 -11.15 31.67
N GLY E 249 -5.84 -11.05 31.14
CA GLY E 249 -4.78 -10.26 31.77
C GLY E 249 -3.40 -10.81 31.49
N PHE E 250 -2.60 -11.02 32.53
CA PHE E 250 -1.23 -11.49 32.35
C PHE E 250 -0.83 -12.58 33.34
N ALA E 251 -0.07 -13.56 32.86
CA ALA E 251 0.43 -14.58 33.77
C ALA E 251 1.47 -13.98 34.70
N ASN E 252 1.37 -14.33 35.99
CA ASN E 252 2.20 -13.62 36.96
C ASN E 252 3.67 -14.09 36.90
N LYS E 253 3.90 -15.28 36.33
CA LYS E 253 5.22 -15.85 36.07
C LYS E 253 5.01 -16.83 34.91
N THR E 254 6.00 -16.94 34.03
CA THR E 254 6.01 -17.96 33.00
C THR E 254 7.43 -18.49 32.84
N GLN E 255 7.56 -19.77 32.50
CA GLN E 255 8.85 -20.42 32.28
C GLN E 255 8.78 -21.16 30.94
N ASP E 256 9.59 -20.74 29.97
CA ASP E 256 9.36 -21.07 28.57
C ASP E 256 10.55 -21.76 27.92
N VAL E 257 10.29 -22.84 27.18
CA VAL E 257 11.31 -23.60 26.44
C VAL E 257 10.93 -23.74 24.97
N LEU E 258 11.92 -23.57 24.09
CA LEU E 258 11.77 -23.80 22.64
C LEU E 258 13.03 -24.45 22.06
N LEU E 259 12.84 -25.50 21.29
CA LEU E 259 13.93 -26.19 20.62
C LEU E 259 13.62 -26.31 19.14
N VAL E 260 14.59 -26.04 18.29
CA VAL E 260 14.39 -26.20 16.85
C VAL E 260 15.50 -27.05 16.29
N ALA E 261 15.16 -27.93 15.35
CA ALA E 261 16.14 -28.65 14.55
C ALA E 261 15.63 -28.71 13.12
N GLN E 262 16.41 -28.15 12.19
CA GLN E 262 16.06 -28.18 10.78
C GLN E 262 17.32 -28.48 9.97
N TYR E 263 17.13 -29.20 8.88
CA TYR E 263 18.19 -29.57 7.97
C TYR E 263 17.76 -29.23 6.57
N GLN E 264 18.69 -28.66 5.79
CA GLN E 264 18.42 -28.18 4.44
C GLN E 264 19.03 -29.14 3.43
N PHE E 265 18.18 -29.84 2.69
CA PHE E 265 18.65 -30.68 1.61
C PHE E 265 19.00 -29.82 0.41
N ASP E 266 19.94 -30.33 -0.40
CA ASP E 266 20.40 -29.64 -1.60
C ASP E 266 19.33 -29.61 -2.69
N PHE E 267 18.31 -30.47 -2.61
CA PHE E 267 17.27 -30.50 -3.63
C PHE E 267 16.08 -29.60 -3.30
N GLY E 268 16.08 -28.93 -2.16
CA GLY E 268 15.08 -27.90 -1.91
C GLY E 268 14.28 -28.03 -0.63
N LEU E 269 14.19 -29.24 -0.07
CA LEU E 269 13.35 -29.50 1.09
C LEU E 269 14.11 -29.22 2.37
N ARG E 270 13.52 -28.42 3.25
CA ARG E 270 14.12 -28.10 4.54
C ARG E 270 13.15 -28.57 5.62
N PRO E 271 13.20 -29.84 6.01
CA PRO E 271 12.36 -30.31 7.11
C PRO E 271 12.76 -29.64 8.42
N SER E 272 11.79 -29.55 9.34
CA SER E 272 12.03 -29.04 10.68
C SER E 272 11.22 -29.83 11.72
N ILE E 273 11.76 -29.89 12.93
CA ILE E 273 11.02 -30.40 14.08
C ILE E 273 11.29 -29.47 15.25
N ALA E 274 10.30 -29.26 16.10
CA ALA E 274 10.40 -28.30 17.19
C ALA E 274 9.66 -28.80 18.42
N TYR E 275 9.98 -28.20 19.57
CA TYR E 275 9.33 -28.43 20.84
C TYR E 275 9.12 -27.08 21.49
N THR E 276 7.94 -26.84 22.06
CA THR E 276 7.65 -25.59 22.73
C THR E 276 6.83 -25.87 23.97
N LYS E 277 7.20 -25.26 25.10
CA LYS E 277 6.40 -25.39 26.32
C LYS E 277 6.52 -24.09 27.10
N SER E 278 5.42 -23.35 27.18
CA SER E 278 5.29 -22.16 28.00
C SER E 278 4.42 -22.51 29.19
N LYS E 279 5.02 -22.66 30.37
CA LYS E 279 4.28 -22.96 31.60
C LYS E 279 4.03 -21.69 32.40
N ALA E 280 2.76 -21.46 32.78
CA ALA E 280 2.39 -20.33 33.63
C ALA E 280 2.40 -20.74 35.10
N LYS E 281 2.80 -19.81 35.96
CA LYS E 281 2.87 -20.05 37.38
C LYS E 281 2.09 -18.97 38.13
N ASP E 282 1.45 -19.38 39.22
CA ASP E 282 0.86 -18.42 40.16
C ASP E 282 -0.22 -17.59 39.48
N VAL E 283 -0.95 -18.23 38.57
CA VAL E 283 -2.10 -17.59 37.94
C VAL E 283 -3.20 -17.42 38.97
N GLU E 284 -3.82 -16.24 39.00
CA GLU E 284 -4.94 -16.02 39.90
C GLU E 284 -5.98 -17.12 39.74
N GLY E 285 -6.34 -17.73 40.85
CA GLY E 285 -7.38 -18.73 40.83
C GLY E 285 -7.07 -20.03 40.11
N ILE E 286 -5.89 -20.20 39.52
CA ILE E 286 -5.56 -21.44 38.83
C ILE E 286 -4.31 -22.10 39.41
N GLY E 287 -3.21 -21.37 39.47
CA GLY E 287 -1.96 -21.94 39.94
C GLY E 287 -0.99 -22.18 38.79
N ASP E 288 -0.30 -23.32 38.77
CA ASP E 288 0.48 -23.68 37.59
C ASP E 288 -0.47 -24.08 36.46
N VAL E 289 -0.12 -23.72 35.22
CA VAL E 289 -0.95 -24.05 34.05
C VAL E 289 -0.22 -23.85 32.72
N ASP E 290 -0.41 -24.78 31.79
CA ASP E 290 0.28 -24.73 30.50
C ASP E 290 -0.39 -23.81 29.49
N LEU E 291 0.40 -22.90 28.92
CA LEU E 291 -0.06 -22.03 27.86
C LEU E 291 0.25 -22.59 26.49
N VAL E 292 1.37 -23.28 26.37
CA VAL E 292 1.85 -23.78 25.09
C VAL E 292 2.51 -25.13 25.38
N ASN E 293 2.37 -26.08 24.45
CA ASN E 293 3.00 -27.39 24.60
C ASN E 293 2.84 -28.18 23.31
N TYR E 294 3.90 -28.36 22.51
CA TYR E 294 3.71 -29.15 21.31
C TYR E 294 5.03 -29.67 20.76
N PHE E 295 4.89 -30.73 19.94
CA PHE E 295 5.88 -31.15 18.95
C PHE E 295 5.38 -30.76 17.57
N GLU E 296 6.27 -30.26 16.72
CA GLU E 296 5.93 -29.97 15.33
C GLU E 296 6.85 -30.77 14.43
N VAL E 297 6.29 -31.43 13.43
CA VAL E 297 7.07 -32.00 12.34
C VAL E 297 6.60 -31.37 11.06
N GLY E 298 7.52 -30.82 10.29
CA GLY E 298 7.12 -30.01 9.15
C GLY E 298 8.22 -29.90 8.12
N ALA E 299 7.90 -29.17 7.06
CA ALA E 299 8.84 -29.08 5.95
C ALA E 299 8.52 -27.85 5.11
N THR E 300 9.54 -27.05 4.80
CA THR E 300 9.44 -26.03 3.76
C THR E 300 10.20 -26.55 2.56
N TYR E 301 9.58 -26.45 1.38
CA TYR E 301 10.28 -26.77 0.13
C TYR E 301 10.59 -25.48 -0.61
N TYR E 302 11.85 -25.32 -1.01
CA TYR E 302 12.29 -24.10 -1.68
C TYR E 302 12.45 -24.35 -3.17
N PHE E 303 11.62 -23.66 -3.97
CA PHE E 303 11.71 -23.71 -5.43
C PHE E 303 12.86 -22.84 -5.92
N ASN E 304 12.93 -21.61 -5.41
CA ASN E 304 14.07 -20.71 -5.56
C ASN E 304 13.87 -19.57 -4.58
N LYS E 305 14.65 -18.51 -4.73
CA LYS E 305 14.60 -17.38 -3.80
C LYS E 305 13.29 -16.59 -3.88
N ASN E 306 12.35 -16.99 -4.77
CA ASN E 306 11.11 -16.26 -4.96
C ASN E 306 9.85 -17.06 -4.65
N MET E 307 9.92 -18.39 -4.64
CA MET E 307 8.76 -19.24 -4.50
C MET E 307 9.07 -20.41 -3.56
N SER E 308 8.08 -20.77 -2.73
CA SER E 308 8.22 -21.83 -1.75
C SER E 308 6.84 -22.36 -1.38
N THR E 309 6.84 -23.51 -0.71
CA THR E 309 5.63 -24.23 -0.37
C THR E 309 5.92 -25.07 0.86
N TYR E 310 5.04 -25.05 1.86
CA TYR E 310 5.35 -25.73 3.10
C TYR E 310 4.16 -26.45 3.71
N VAL E 311 4.45 -27.36 4.60
CA VAL E 311 3.45 -27.97 5.47
C VAL E 311 3.98 -27.97 6.90
N ASP E 312 3.17 -27.50 7.81
CA ASP E 312 3.56 -27.31 9.21
C ASP E 312 2.54 -28.08 10.04
N TYR E 313 2.97 -29.16 10.68
CA TYR E 313 2.06 -30.04 11.41
C TYR E 313 2.33 -29.92 12.91
N ILE E 314 1.31 -29.53 13.67
CA ILE E 314 1.45 -29.35 15.11
C ILE E 314 0.88 -30.57 15.81
N ILE E 315 1.68 -31.21 16.66
CA ILE E 315 1.21 -32.24 17.57
C ILE E 315 1.00 -31.60 18.94
N ASN E 316 -0.25 -31.27 19.25
CA ASN E 316 -0.59 -30.52 20.46
C ASN E 316 -0.64 -31.40 21.71
N GLN E 317 0.04 -30.93 22.76
CA GLN E 317 0.09 -31.59 24.05
C GLN E 317 -0.74 -30.91 25.13
N ILE E 318 -1.21 -29.68 24.90
CA ILE E 318 -2.10 -29.05 25.86
C ILE E 318 -3.25 -30.01 26.16
N ASP E 319 -3.67 -30.09 27.43
CA ASP E 319 -4.64 -31.10 27.88
C ASP E 319 -6.08 -30.72 27.54
N SER E 320 -6.93 -31.75 27.46
CA SER E 320 -8.34 -31.55 27.16
C SER E 320 -9.04 -30.70 28.21
N ASP E 321 -8.47 -30.59 29.40
CA ASP E 321 -9.08 -29.87 30.51
C ASP E 321 -8.14 -28.80 31.06
N ASN E 322 -7.41 -28.13 30.18
CA ASN E 322 -6.55 -27.03 30.58
C ASN E 322 -7.37 -25.99 31.33
N LYS E 323 -7.03 -25.75 32.60
CA LYS E 323 -7.91 -24.96 33.44
C LYS E 323 -8.08 -23.53 32.93
N LEU E 324 -7.08 -23.00 32.22
CA LEU E 324 -7.22 -21.70 31.56
C LEU E 324 -8.04 -21.77 30.28
N GLY E 325 -8.44 -22.96 29.84
CA GLY E 325 -9.16 -23.10 28.59
C GLY E 325 -8.34 -23.14 27.31
N VAL E 326 -7.01 -23.23 27.39
CA VAL E 326 -6.20 -23.32 26.18
C VAL E 326 -6.71 -24.46 25.30
N GLY E 327 -6.78 -24.19 24.00
CA GLY E 327 -7.18 -25.23 23.07
C GLY E 327 -6.20 -26.39 23.05
N SER E 328 -6.74 -27.57 22.76
CA SER E 328 -6.03 -28.83 22.95
C SER E 328 -5.86 -29.67 21.69
N ASP E 329 -6.46 -29.27 20.58
CA ASP E 329 -6.47 -30.09 19.36
C ASP E 329 -5.24 -29.83 18.50
N ASP E 330 -5.02 -30.72 17.53
CA ASP E 330 -3.95 -30.54 16.56
C ASP E 330 -4.37 -29.55 15.46
N THR E 331 -3.37 -28.93 14.84
CA THR E 331 -3.55 -28.07 13.67
C THR E 331 -2.46 -28.41 12.65
N VAL E 332 -2.81 -28.42 11.37
CA VAL E 332 -1.81 -28.61 10.31
C VAL E 332 -2.07 -27.55 9.26
N ALA E 333 -1.00 -26.94 8.76
CA ALA E 333 -1.10 -25.86 7.78
C ALA E 333 -0.38 -26.24 6.49
N VAL E 334 -0.86 -25.69 5.38
CA VAL E 334 -0.20 -25.82 4.08
C VAL E 334 -0.15 -24.43 3.47
N GLY E 335 1.03 -24.01 3.04
CA GLY E 335 1.20 -22.71 2.43
C GLY E 335 1.92 -22.79 1.10
N ILE E 336 1.54 -21.89 0.19
CA ILE E 336 2.29 -21.62 -1.01
C ILE E 336 2.62 -20.12 -1.04
N VAL E 337 3.89 -19.80 -1.30
CA VAL E 337 4.43 -18.47 -1.00
C VAL E 337 5.21 -17.95 -2.20
N TYR E 338 4.70 -16.89 -2.84
CA TYR E 338 5.45 -16.05 -3.75
C TYR E 338 5.90 -14.81 -3.00
N GLN E 339 7.19 -14.48 -3.07
CA GLN E 339 7.72 -13.27 -2.46
C GLN E 339 8.73 -12.64 -3.38
N PHE E 340 8.80 -11.31 -3.31
CA PHE E 340 9.72 -10.56 -4.16
C PHE E 340 10.48 -9.50 -3.34
N SER F 14 17.00 -71.80 -6.49
CA SER F 14 16.28 -73.07 -6.52
C SER F 14 14.78 -72.87 -6.27
N ASP F 15 13.97 -73.45 -7.17
CA ASP F 15 12.52 -73.23 -7.23
C ASP F 15 11.75 -74.50 -6.84
N PRO F 16 11.36 -74.65 -5.57
CA PRO F 16 10.78 -75.94 -5.14
C PRO F 16 9.40 -76.24 -5.73
N LEU F 17 8.53 -75.23 -5.89
CA LEU F 17 7.18 -75.43 -6.40
C LEU F 17 7.08 -75.19 -7.90
N GLU F 18 8.20 -75.39 -8.63
CA GLU F 18 8.30 -74.98 -10.02
C GLU F 18 7.29 -75.68 -10.94
N GLY F 19 6.93 -76.93 -10.64
CA GLY F 19 5.99 -77.65 -11.50
C GLY F 19 4.61 -77.03 -11.56
N PHE F 20 4.13 -76.54 -10.42
CA PHE F 20 2.87 -75.80 -10.38
C PHE F 20 2.97 -74.49 -11.17
N ASN F 21 4.09 -73.77 -11.01
CA ASN F 21 4.25 -72.45 -11.63
C ASN F 21 4.22 -72.50 -13.15
N ARG F 22 4.75 -73.58 -13.74
CA ARG F 22 4.71 -73.72 -15.19
C ARG F 22 3.27 -73.91 -15.68
N THR F 23 2.51 -74.79 -15.02
CA THR F 23 1.11 -75.03 -15.41
C THR F 23 0.28 -73.73 -15.33
N MET F 24 0.57 -72.86 -14.35
CA MET F 24 -0.15 -71.59 -14.28
C MET F 24 0.44 -70.53 -15.22
N PHE F 25 1.73 -70.60 -15.55
CA PHE F 25 2.27 -69.67 -16.55
C PHE F 25 1.67 -69.93 -17.92
N ASN F 26 1.57 -71.20 -18.32
CA ASN F 26 0.86 -71.53 -19.54
C ASN F 26 -0.57 -70.98 -19.50
N PHE F 27 -1.20 -71.00 -18.33
CA PHE F 27 -2.50 -70.36 -18.14
C PHE F 27 -2.42 -68.85 -18.36
N ASN F 28 -1.44 -68.18 -17.74
CA ASN F 28 -1.38 -66.73 -17.82
C ASN F 28 -0.87 -66.26 -19.20
N PHE F 29 0.21 -66.89 -19.71
CA PHE F 29 0.77 -66.46 -21.00
C PHE F 29 -0.23 -66.68 -22.13
N ASN F 30 -1.07 -67.71 -22.00
CA ASN F 30 -1.97 -68.08 -23.07
C ASN F 30 -3.40 -67.91 -22.52
N VAL F 31 -4.37 -68.69 -23.03
CA VAL F 31 -5.79 -68.69 -22.68
C VAL F 31 -6.31 -67.41 -22.00
N VAL F 32 -5.59 -66.87 -21.00
CA VAL F 32 -6.04 -65.64 -20.36
C VAL F 32 -5.43 -64.39 -21.00
N ASP F 33 -4.32 -64.52 -21.74
CA ASP F 33 -3.75 -63.38 -22.45
C ASP F 33 -4.43 -63.15 -23.81
N PRO F 34 -4.52 -64.15 -24.70
CA PRO F 34 -5.05 -63.85 -26.04
C PRO F 34 -6.55 -63.57 -26.08
N TYR F 35 -7.34 -64.13 -25.15
CA TYR F 35 -8.79 -64.02 -25.18
C TYR F 35 -9.35 -62.94 -24.27
N VAL F 36 -8.53 -62.33 -23.41
CA VAL F 36 -9.01 -61.29 -22.49
C VAL F 36 -8.07 -60.09 -22.46
N LEU F 37 -6.86 -60.30 -21.94
CA LEU F 37 -5.90 -59.21 -21.68
C LEU F 37 -5.59 -58.40 -22.95
N ARG F 38 -5.12 -59.08 -23.99
CA ARG F 38 -4.65 -58.37 -25.19
C ARG F 38 -5.72 -57.49 -25.83
N PRO F 39 -6.99 -57.90 -25.94
CA PRO F 39 -8.01 -56.95 -26.40
C PRO F 39 -8.14 -55.70 -25.52
N VAL F 40 -8.16 -55.86 -24.20
CA VAL F 40 -8.26 -54.70 -23.30
C VAL F 40 -7.06 -53.77 -23.48
N ALA F 41 -5.85 -54.34 -23.60
CA ALA F 41 -4.67 -53.53 -23.81
C ALA F 41 -4.66 -52.83 -25.16
N VAL F 42 -5.45 -53.32 -26.12
CA VAL F 42 -5.62 -52.60 -27.38
C VAL F 42 -6.46 -51.35 -27.16
N ALA F 43 -7.68 -51.51 -26.63
CA ALA F 43 -8.57 -50.39 -26.35
C ALA F 43 -7.98 -49.38 -25.38
N TRP F 44 -7.01 -49.79 -24.56
CA TRP F 44 -6.33 -48.84 -23.67
C TRP F 44 -5.47 -47.84 -24.45
N ARG F 45 -4.47 -48.34 -25.19
CA ARG F 45 -3.63 -47.45 -25.99
C ARG F 45 -4.43 -46.73 -27.07
N ASP F 46 -5.54 -47.34 -27.50
CA ASP F 46 -6.41 -46.79 -28.52
C ASP F 46 -7.15 -45.54 -28.06
N TYR F 47 -8.05 -45.70 -27.08
CA TYR F 47 -9.03 -44.67 -26.76
C TYR F 47 -8.58 -43.73 -25.63
N VAL F 48 -7.51 -44.07 -24.92
CA VAL F 48 -7.06 -43.28 -23.78
C VAL F 48 -5.95 -42.34 -24.23
N PRO F 49 -6.03 -41.05 -23.94
CA PRO F 49 -4.99 -40.11 -24.34
C PRO F 49 -3.79 -40.17 -23.41
N GLN F 50 -2.68 -39.59 -23.89
CA GLN F 50 -1.47 -39.56 -23.07
C GLN F 50 -1.68 -38.76 -21.80
N PRO F 51 -2.27 -37.55 -21.83
CA PRO F 51 -2.49 -36.83 -20.56
C PRO F 51 -3.20 -37.67 -19.52
N ALA F 52 -4.15 -38.52 -19.94
CA ALA F 52 -4.82 -39.42 -19.01
C ALA F 52 -3.84 -40.44 -18.43
N ARG F 53 -3.03 -41.06 -19.29
CA ARG F 53 -2.25 -42.23 -18.87
C ARG F 53 -1.14 -41.85 -17.90
N ASN F 54 -0.25 -40.92 -18.29
CA ASN F 54 0.80 -40.52 -17.36
C ASN F 54 0.26 -39.69 -16.20
N GLY F 55 -0.92 -39.08 -16.37
CA GLY F 55 -1.58 -38.46 -15.25
C GLY F 55 -2.14 -39.47 -14.28
N LEU F 56 -2.61 -40.62 -14.79
CA LEU F 56 -3.05 -41.72 -13.93
C LEU F 56 -1.86 -42.39 -13.27
N SER F 57 -0.78 -42.59 -14.03
CA SER F 57 0.45 -43.14 -13.45
C SER F 57 1.06 -42.16 -12.46
N ASN F 58 0.88 -40.86 -12.69
CA ASN F 58 1.23 -39.85 -11.69
C ASN F 58 0.47 -40.09 -10.39
N PHE F 59 -0.82 -40.41 -10.49
CA PHE F 59 -1.70 -40.48 -9.33
C PHE F 59 -1.59 -41.80 -8.57
N THR F 60 -1.30 -42.89 -9.29
CA THR F 60 -1.12 -44.18 -8.64
C THR F 60 0.25 -44.30 -7.96
N SER F 61 1.29 -43.68 -8.53
CA SER F 61 2.61 -43.73 -7.89
C SER F 61 2.66 -42.88 -6.63
N ASN F 62 1.85 -41.80 -6.57
CA ASN F 62 1.80 -40.95 -5.39
C ASN F 62 1.45 -41.76 -4.14
N LEU F 63 0.58 -42.77 -4.27
CA LEU F 63 0.07 -43.49 -3.11
C LEU F 63 1.09 -44.43 -2.49
N GLU F 64 2.13 -44.84 -3.24
CA GLU F 64 3.20 -45.63 -2.66
C GLU F 64 4.27 -44.78 -1.99
N GLU F 65 4.29 -43.48 -2.27
CA GLU F 65 5.37 -42.62 -1.80
C GLU F 65 5.57 -42.71 -0.29
N PRO F 66 4.54 -42.66 0.55
CA PRO F 66 4.79 -42.79 1.99
C PRO F 66 5.33 -44.16 2.35
N ALA F 67 4.88 -45.23 1.67
CA ALA F 67 5.43 -46.55 1.94
C ALA F 67 6.86 -46.68 1.45
N VAL F 68 7.20 -46.01 0.35
CA VAL F 68 8.60 -45.94 -0.08
C VAL F 68 9.40 -45.13 0.94
N MET F 69 8.84 -44.01 1.39
CA MET F 69 9.50 -43.19 2.41
C MET F 69 9.72 -43.97 3.70
N VAL F 70 8.69 -44.70 4.14
CA VAL F 70 8.79 -45.54 5.34
C VAL F 70 9.93 -46.55 5.20
N ASN F 71 10.02 -47.22 4.05
CA ASN F 71 10.97 -48.33 3.96
C ASN F 71 12.38 -47.85 3.69
N TYR F 72 12.55 -46.72 3.01
CA TYR F 72 13.88 -46.13 2.89
C TYR F 72 14.45 -45.75 4.25
N PHE F 73 13.62 -45.21 5.13
CA PHE F 73 14.03 -45.00 6.51
C PHE F 73 14.38 -46.34 7.17
N LEU F 74 13.51 -47.33 7.00
CA LEU F 74 13.73 -48.67 7.54
C LEU F 74 15.03 -49.29 7.03
N GLN F 75 15.47 -48.92 5.82
CA GLN F 75 16.71 -49.46 5.26
C GLN F 75 17.93 -48.67 5.70
N GLY F 76 17.75 -47.41 6.05
CA GLY F 76 18.79 -46.65 6.69
C GLY F 76 19.38 -45.51 5.91
N ASP F 77 18.78 -45.12 4.78
CA ASP F 77 19.24 -43.94 4.04
C ASP F 77 18.15 -42.90 4.14
N PRO F 78 18.14 -42.06 5.19
CA PRO F 78 17.11 -41.03 5.30
C PRO F 78 17.09 -40.04 4.16
N TYR F 79 18.21 -39.87 3.44
CA TYR F 79 18.19 -38.99 2.27
C TYR F 79 17.19 -39.48 1.24
N LYS F 80 17.22 -40.77 0.90
CA LYS F 80 16.28 -41.28 -0.09
C LYS F 80 14.84 -41.07 0.38
N GLY F 81 14.57 -41.36 1.65
CA GLY F 81 13.21 -41.26 2.18
C GLY F 81 12.67 -39.84 2.16
N MET F 82 13.49 -38.88 2.59
CA MET F 82 13.08 -37.49 2.58
C MET F 82 12.85 -36.96 1.17
N VAL F 83 13.46 -37.58 0.15
CA VAL F 83 13.13 -37.20 -1.22
C VAL F 83 11.70 -37.63 -1.56
N HIS F 84 11.31 -38.80 -1.11
CA HIS F 84 9.97 -39.29 -1.44
C HIS F 84 8.88 -38.63 -0.58
N PHE F 85 9.23 -38.14 0.62
CA PHE F 85 8.31 -37.26 1.33
C PHE F 85 8.03 -36.01 0.51
N THR F 86 9.06 -35.44 -0.11
CA THR F 86 8.88 -34.26 -0.97
C THR F 86 8.04 -34.60 -2.20
N ARG F 87 8.31 -35.75 -2.83
CA ARG F 87 7.51 -36.20 -3.96
C ARG F 87 6.02 -36.17 -3.62
N PHE F 88 5.67 -36.86 -2.53
CA PHE F 88 4.28 -36.90 -2.09
C PHE F 88 3.79 -35.50 -1.72
N PHE F 89 4.62 -34.74 -1.00
CA PHE F 89 4.26 -33.41 -0.53
C PHE F 89 3.89 -32.50 -1.68
N LEU F 90 4.84 -32.29 -2.58
CA LEU F 90 4.61 -31.41 -3.71
C LEU F 90 3.48 -31.93 -4.60
N ASN F 91 3.46 -33.23 -4.89
CA ASN F 91 2.47 -33.73 -5.84
C ASN F 91 1.05 -33.62 -5.28
N THR F 92 0.83 -34.09 -4.07
CA THR F 92 -0.54 -34.08 -3.54
C THR F 92 -1.01 -32.66 -3.31
N ILE F 93 -0.18 -31.81 -2.71
CA ILE F 93 -0.62 -30.44 -2.42
C ILE F 93 -0.70 -29.63 -3.71
N LEU F 94 0.45 -29.34 -4.32
CA LEU F 94 0.50 -28.57 -5.57
C LEU F 94 0.00 -29.35 -6.79
N GLY F 95 0.75 -30.34 -7.24
CA GLY F 95 0.39 -31.02 -8.47
C GLY F 95 -0.92 -31.80 -8.52
N MET F 96 -1.99 -31.27 -7.94
CA MET F 96 -3.34 -31.77 -8.21
C MET F 96 -3.52 -33.19 -7.70
N GLY F 97 -3.29 -33.37 -6.39
CA GLY F 97 -3.58 -34.63 -5.74
C GLY F 97 -2.73 -35.77 -6.25
N GLY F 98 -1.54 -35.47 -6.77
CA GLY F 98 -0.69 -36.48 -7.35
C GLY F 98 -0.77 -36.56 -8.84
N LEU F 99 -1.82 -35.97 -9.45
CA LEU F 99 -2.02 -36.02 -10.90
C LEU F 99 -0.88 -35.38 -11.69
N ILE F 100 -0.31 -34.29 -11.18
CA ILE F 100 0.74 -33.54 -11.87
C ILE F 100 2.02 -33.66 -11.05
N ASP F 101 3.13 -33.96 -11.73
CA ASP F 101 4.40 -34.24 -11.05
C ASP F 101 5.18 -32.95 -10.89
N VAL F 102 4.82 -32.18 -9.86
CA VAL F 102 5.52 -30.92 -9.62
C VAL F 102 6.86 -31.16 -8.96
N ALA F 103 6.96 -32.22 -8.16
CA ALA F 103 8.20 -32.65 -7.52
C ALA F 103 9.01 -33.50 -8.50
N GLY F 104 9.43 -32.88 -9.59
CA GLY F 104 10.00 -33.63 -10.69
C GLY F 104 10.30 -32.67 -11.80
N MET F 105 9.33 -31.84 -12.12
CA MET F 105 9.64 -30.64 -12.87
C MET F 105 10.48 -29.65 -12.06
N ALA F 106 10.47 -29.77 -10.72
CA ALA F 106 11.17 -28.85 -9.84
C ALA F 106 12.67 -29.09 -9.88
N ASN F 107 13.11 -30.18 -9.25
CA ASN F 107 14.53 -30.51 -9.22
C ASN F 107 14.81 -31.77 -10.06
N PRO F 108 15.95 -31.83 -10.74
CA PRO F 108 16.32 -33.09 -11.40
C PRO F 108 16.43 -34.24 -10.43
N GLN F 109 16.89 -33.98 -9.19
CA GLN F 109 17.14 -35.02 -8.19
C GLN F 109 15.86 -35.60 -7.59
N LEU F 110 14.68 -35.19 -8.04
CA LEU F 110 13.41 -35.59 -7.44
C LEU F 110 12.59 -36.51 -8.34
N GLN F 111 13.18 -37.02 -9.42
CA GLN F 111 12.38 -37.73 -10.43
C GLN F 111 11.91 -39.09 -9.92
N ARG F 112 10.73 -39.51 -10.42
CA ARG F 112 10.10 -40.75 -9.99
C ARG F 112 11.02 -41.94 -10.24
N VAL F 113 10.97 -42.92 -9.32
CA VAL F 113 11.73 -44.17 -9.45
C VAL F 113 10.84 -45.35 -9.06
N GLU F 114 11.35 -46.56 -9.30
CA GLU F 114 10.65 -47.78 -8.93
C GLU F 114 10.40 -47.83 -7.41
N PRO F 115 9.30 -48.47 -6.98
CA PRO F 115 8.99 -48.47 -5.55
C PRO F 115 9.90 -49.41 -4.74
N HIS F 116 10.35 -48.90 -3.59
CA HIS F 116 11.02 -49.71 -2.58
C HIS F 116 10.06 -49.88 -1.41
N ARG F 117 9.44 -51.05 -1.33
CA ARG F 117 8.46 -51.36 -0.30
C ARG F 117 9.10 -52.32 0.69
N PHE F 118 8.26 -52.93 1.53
CA PHE F 118 8.75 -53.77 2.61
C PHE F 118 9.39 -55.04 2.11
N GLY F 119 9.09 -55.47 0.88
CA GLY F 119 9.81 -56.58 0.29
C GLY F 119 11.30 -56.31 0.17
N SER F 120 11.66 -55.10 -0.26
CA SER F 120 13.06 -54.72 -0.34
C SER F 120 13.70 -54.68 1.04
N THR F 121 12.98 -54.11 2.03
CA THR F 121 13.50 -54.05 3.39
C THR F 121 13.78 -55.44 3.93
N LEU F 122 12.91 -56.42 3.65
CA LEU F 122 13.24 -57.80 3.99
C LEU F 122 14.54 -58.24 3.30
N GLY F 123 14.66 -57.94 2.00
CA GLY F 123 15.84 -58.38 1.27
C GLY F 123 17.12 -57.65 1.62
N HIS F 124 17.02 -56.34 1.90
CA HIS F 124 18.18 -55.56 2.35
C HIS F 124 18.71 -56.06 3.70
N TYR F 125 17.90 -56.83 4.45
CA TYR F 125 18.35 -57.57 5.61
C TYR F 125 18.48 -59.06 5.32
N GLY F 126 18.44 -59.43 4.03
CA GLY F 126 18.80 -60.76 3.59
C GLY F 126 17.81 -61.81 4.01
N VAL F 127 16.65 -61.87 3.37
CA VAL F 127 15.69 -62.90 3.65
C VAL F 127 15.48 -63.70 2.38
N GLY F 128 15.67 -65.01 2.46
CA GLY F 128 15.40 -65.84 1.31
C GLY F 128 13.96 -65.71 0.87
N TYR F 129 13.74 -65.87 -0.43
CA TYR F 129 12.36 -65.85 -0.91
C TYR F 129 11.64 -67.14 -0.56
N GLY F 130 12.36 -68.10 0.00
CA GLY F 130 11.82 -69.42 0.10
C GLY F 130 11.66 -69.95 -1.30
N PRO F 131 10.43 -70.31 -1.64
CA PRO F 131 10.13 -70.72 -3.01
C PRO F 131 9.67 -69.56 -3.88
N TYR F 132 9.96 -69.70 -5.17
CA TYR F 132 9.28 -68.91 -6.19
C TYR F 132 7.98 -69.61 -6.55
N VAL F 133 6.92 -68.83 -6.76
CA VAL F 133 5.66 -69.37 -7.30
C VAL F 133 5.10 -68.44 -8.38
N GLN F 134 4.10 -68.95 -9.09
CA GLN F 134 3.46 -68.26 -10.22
C GLN F 134 1.98 -68.63 -10.20
N LEU F 135 1.13 -67.69 -9.79
CA LEU F 135 -0.29 -67.82 -9.55
C LEU F 135 -1.09 -67.45 -10.79
N PRO F 136 -2.21 -68.13 -11.03
CA PRO F 136 -3.11 -67.69 -12.10
C PRO F 136 -3.61 -66.27 -11.83
N PHE F 137 -3.64 -65.45 -12.89
CA PHE F 137 -4.14 -64.08 -12.85
C PHE F 137 -3.21 -63.11 -12.10
N TYR F 138 -2.55 -63.56 -11.02
CA TYR F 138 -1.58 -62.67 -10.37
C TYR F 138 -0.26 -62.61 -11.15
N GLY F 139 0.28 -63.75 -11.55
CA GLY F 139 1.61 -63.78 -12.14
C GLY F 139 2.68 -64.06 -11.10
N SER F 140 3.78 -63.30 -11.16
CA SER F 140 4.92 -63.55 -10.30
C SER F 140 4.61 -63.21 -8.83
N PHE F 141 5.05 -64.10 -7.93
CA PHE F 141 4.80 -63.99 -6.49
C PHE F 141 5.91 -64.70 -5.72
N THR F 142 6.44 -64.04 -4.68
CA THR F 142 7.26 -64.71 -3.68
C THR F 142 6.78 -64.34 -2.29
N LEU F 143 6.94 -65.28 -1.35
CA LEU F 143 6.56 -65.06 0.04
C LEU F 143 7.15 -63.76 0.58
N ARG F 144 8.38 -63.46 0.19
CA ARG F 144 9.10 -62.34 0.77
C ARG F 144 8.61 -61.00 0.25
N ASP F 145 8.43 -60.87 -1.07
CA ASP F 145 8.15 -59.57 -1.69
C ASP F 145 6.65 -59.34 -1.90
N GLU F 146 6.03 -60.07 -2.82
CA GLU F 146 4.58 -60.06 -2.87
C GLU F 146 4.07 -60.63 -1.55
N GLY F 147 3.46 -59.81 -0.73
CA GLY F 147 3.19 -60.24 0.63
C GLY F 147 3.98 -59.42 1.63
N GLY F 148 5.31 -59.56 1.65
CA GLY F 148 6.09 -58.55 2.36
C GLY F 148 5.75 -57.15 1.90
N ASP F 149 5.42 -56.99 0.60
CA ASP F 149 4.92 -55.72 0.08
C ASP F 149 3.56 -55.38 0.67
N MET F 150 2.77 -56.37 1.04
CA MET F 150 1.47 -56.09 1.62
C MET F 150 1.57 -55.52 3.02
N ALA F 151 2.76 -55.54 3.63
CA ALA F 151 2.96 -55.03 4.98
C ALA F 151 2.77 -53.52 5.08
N ASP F 152 2.94 -52.78 4.00
CA ASP F 152 2.81 -51.32 4.01
C ASP F 152 1.37 -50.86 4.09
N GLY F 153 0.40 -51.78 4.24
CA GLY F 153 -0.99 -51.42 4.43
C GLY F 153 -1.34 -51.37 5.90
N LEU F 154 -0.32 -51.28 6.74
CA LEU F 154 -0.45 -51.19 8.19
C LEU F 154 -0.35 -49.75 8.69
N TYR F 155 -0.09 -48.81 7.77
CA TYR F 155 0.13 -47.40 8.09
C TYR F 155 -0.32 -46.56 6.90
N PRO F 156 -0.47 -45.22 7.09
CA PRO F 156 -1.15 -44.39 6.08
C PRO F 156 -0.82 -44.57 4.59
N VAL F 157 -1.73 -43.94 3.82
CA VAL F 157 -2.03 -44.00 2.39
C VAL F 157 -2.49 -45.40 1.96
N LEU F 158 -1.61 -46.40 1.99
CA LEU F 158 -2.07 -47.71 1.52
C LEU F 158 -3.12 -48.32 2.46
N SER F 159 -3.08 -47.97 3.76
CA SER F 159 -4.12 -48.44 4.67
C SER F 159 -5.45 -47.75 4.41
N TRP F 160 -5.46 -46.64 3.68
CA TRP F 160 -6.67 -45.91 3.44
C TRP F 160 -7.49 -46.48 2.29
N LEU F 161 -6.98 -47.48 1.60
CA LEU F 161 -7.67 -48.02 0.44
C LEU F 161 -8.62 -49.13 0.84
N THR F 162 -9.82 -49.13 0.23
CA THR F 162 -10.79 -50.20 0.40
C THR F 162 -10.52 -51.31 -0.62
N TRP F 163 -11.07 -52.49 -0.35
CA TRP F 163 -10.93 -53.60 -1.29
C TRP F 163 -11.32 -53.23 -2.72
N PRO F 164 -12.40 -52.49 -2.97
CA PRO F 164 -12.61 -51.98 -4.34
C PRO F 164 -11.49 -51.08 -4.80
N MET F 165 -10.96 -50.23 -3.93
CA MET F 165 -9.90 -49.30 -4.33
C MET F 165 -8.63 -50.05 -4.75
N SER F 166 -8.20 -51.03 -3.96
CA SER F 166 -6.90 -51.65 -4.23
C SER F 166 -6.90 -52.48 -5.51
N ILE F 167 -7.99 -53.19 -5.80
CA ILE F 167 -8.06 -54.04 -7.00
C ILE F 167 -8.11 -53.20 -8.28
N GLY F 168 -8.68 -52.00 -8.20
CA GLY F 168 -8.61 -51.09 -9.34
C GLY F 168 -7.21 -50.56 -9.58
N LYS F 169 -6.50 -50.18 -8.52
CA LYS F 169 -5.10 -49.77 -8.63
C LYS F 169 -4.26 -50.89 -9.22
N TRP F 170 -4.46 -52.12 -8.76
CA TRP F 170 -3.75 -53.27 -9.35
C TRP F 170 -4.10 -53.44 -10.83
N ALA F 171 -5.36 -53.19 -11.21
CA ALA F 171 -5.78 -53.44 -12.59
C ALA F 171 -5.37 -52.35 -13.58
N VAL F 172 -5.51 -51.07 -13.21
CA VAL F 172 -5.19 -50.00 -14.16
C VAL F 172 -3.68 -49.87 -14.36
N GLU F 173 -2.89 -49.95 -13.28
CA GLU F 173 -1.43 -49.98 -13.40
C GLU F 173 -0.98 -51.12 -14.29
N GLY F 174 -1.65 -52.27 -14.15
CA GLY F 174 -1.29 -53.43 -14.96
C GLY F 174 -1.60 -53.22 -16.43
N ILE F 175 -2.79 -52.69 -16.73
CA ILE F 175 -3.14 -52.41 -18.13
C ILE F 175 -2.10 -51.50 -18.77
N GLU F 176 -1.58 -50.53 -18.00
CA GLU F 176 -0.59 -49.61 -18.55
C GLU F 176 0.69 -50.35 -18.88
N THR F 177 1.19 -51.19 -17.96
CA THR F 177 2.40 -51.96 -18.21
C THR F 177 2.20 -52.94 -19.37
N ARG F 178 0.99 -53.49 -19.51
CA ARG F 178 0.71 -54.42 -20.59
C ARG F 178 0.64 -53.70 -21.93
N ALA F 179 0.10 -52.47 -21.94
CA ALA F 179 -0.02 -51.72 -23.19
C ALA F 179 1.30 -51.13 -23.65
N GLN F 180 2.21 -50.78 -22.72
CA GLN F 180 3.51 -50.25 -23.12
C GLN F 180 4.39 -51.29 -23.81
N LEU F 181 4.26 -52.57 -23.44
CA LEU F 181 5.10 -53.64 -23.97
C LEU F 181 4.39 -54.41 -25.07
N LEU F 182 3.40 -53.80 -25.72
CA LEU F 182 2.56 -54.49 -26.70
C LEU F 182 3.33 -54.96 -27.93
N ASP F 183 4.58 -54.51 -28.11
CA ASP F 183 5.32 -54.82 -29.34
C ASP F 183 6.73 -55.39 -29.13
N SER F 184 7.28 -55.36 -27.91
CA SER F 184 8.55 -56.04 -27.61
C SER F 184 8.39 -57.58 -27.50
N ASP F 185 7.25 -58.11 -27.97
CA ASP F 185 6.93 -59.53 -27.85
C ASP F 185 8.01 -60.41 -28.48
N GLY F 186 8.67 -59.91 -29.53
CA GLY F 186 9.67 -60.68 -30.22
C GLY F 186 10.84 -61.16 -29.37
N LEU F 187 11.26 -60.38 -28.36
CA LEU F 187 12.41 -60.82 -27.56
C LEU F 187 12.09 -62.08 -26.77
N LEU F 188 10.81 -62.40 -26.61
CA LEU F 188 10.31 -63.58 -25.94
C LEU F 188 9.83 -64.66 -26.91
N ARG F 189 9.34 -64.26 -28.09
CA ARG F 189 9.01 -65.22 -29.12
C ARG F 189 10.27 -65.78 -29.77
N GLN F 190 11.31 -64.95 -29.84
CA GLN F 190 12.61 -65.27 -30.42
C GLN F 190 13.61 -65.58 -29.32
N SER F 191 13.23 -66.43 -28.37
CA SER F 191 14.19 -67.00 -27.45
C SER F 191 13.89 -68.48 -27.31
N SER F 192 14.96 -69.28 -27.34
CA SER F 192 14.81 -70.73 -27.23
C SER F 192 14.02 -71.12 -25.99
N ASP F 193 14.09 -70.30 -24.93
CA ASP F 193 13.45 -70.59 -23.65
C ASP F 193 12.66 -69.37 -23.18
N PRO F 194 11.35 -69.32 -23.46
CA PRO F 194 10.55 -68.17 -23.01
C PRO F 194 10.23 -68.11 -21.52
N TYR F 195 9.95 -69.25 -20.86
CA TYR F 195 9.56 -69.22 -19.44
C TYR F 195 10.70 -68.81 -18.53
N ILE F 196 11.86 -69.47 -18.65
CA ILE F 196 12.92 -69.29 -17.65
C ILE F 196 13.48 -67.87 -17.65
N LEU F 197 13.37 -67.13 -18.77
CA LEU F 197 13.74 -65.71 -18.73
C LEU F 197 12.65 -64.89 -18.03
N MET F 198 11.40 -65.34 -18.09
CA MET F 198 10.33 -64.77 -17.27
C MET F 198 10.59 -64.99 -15.78
N ARG F 199 10.87 -66.24 -15.37
CA ARG F 199 11.18 -66.50 -13.96
C ARG F 199 12.39 -65.70 -13.50
N GLU F 200 13.44 -65.63 -14.34
CA GLU F 200 14.67 -64.92 -14.02
C GLU F 200 14.54 -63.41 -14.19
N ALA F 201 13.55 -62.92 -14.95
CA ALA F 201 13.33 -61.47 -15.07
C ALA F 201 12.58 -60.93 -13.87
N TYR F 202 11.79 -61.78 -13.18
CA TYR F 202 11.25 -61.43 -11.88
C TYR F 202 12.37 -61.28 -10.85
N PHE F 203 13.31 -62.25 -10.84
CA PHE F 203 14.49 -62.17 -9.97
C PHE F 203 15.52 -61.14 -10.47
N GLN F 204 15.46 -60.73 -11.74
CA GLN F 204 16.27 -59.62 -12.20
C GLN F 204 15.84 -58.32 -11.53
N ARG F 205 14.55 -57.99 -11.63
CA ARG F 205 14.02 -56.73 -11.11
C ARG F 205 14.04 -56.71 -9.58
N HIS F 206 13.58 -57.80 -8.94
CA HIS F 206 13.41 -57.83 -7.48
C HIS F 206 14.72 -57.92 -6.70
N ASP F 207 15.84 -58.25 -7.35
CA ASP F 207 17.12 -58.28 -6.64
C ASP F 207 17.89 -56.97 -6.69
N PHE F 208 17.80 -56.21 -7.78
CA PHE F 208 18.43 -54.90 -7.77
C PHE F 208 17.71 -53.93 -6.83
N ILE F 209 16.38 -54.09 -6.67
CA ILE F 209 15.59 -53.20 -5.81
C ILE F 209 16.04 -53.27 -4.34
N ALA F 210 16.50 -54.43 -3.87
CA ALA F 210 17.00 -54.52 -2.50
C ALA F 210 18.48 -54.13 -2.39
N ASN F 211 18.98 -53.34 -3.35
CA ASN F 211 20.32 -52.72 -3.31
C ASN F 211 20.25 -51.23 -3.62
#